data_9MQ2
#
_entry.id   9MQ2
#
_cell.length_a   1.00
_cell.length_b   1.00
_cell.length_c   1.00
_cell.angle_alpha   90.00
_cell.angle_beta   90.00
_cell.angle_gamma   90.00
#
_symmetry.space_group_name_H-M   'P 1'
#
loop_
_entity.id
_entity.type
_entity.pdbx_description
1 polymer 'Hemagglutinin HA1'
2 polymer '12G1 Heavy Chain Fab'
3 polymer '12G1 Light Chain Fab'
4 polymer 'Hemagglutinin HA2'
5 branched 2-acetamido-2-deoxy-beta-D-glucopyranose-(1-4)-[alpha-L-fucopyranose-(1-6)]2-acetamido-2-deoxy-beta-D-glucopyranose
6 non-polymer 2-acetamido-2-deoxy-beta-D-glucopyranose
#
loop_
_entity_poly.entity_id
_entity_poly.type
_entity_poly.pdbx_seq_one_letter_code
_entity_poly.pdbx_strand_id
1 'polypeptide(L)'
;MENIVLLLAIVNLVKSDQICIGYHANNSTEQVDTIMEKNVTVTHAQDILEKTHNGKLCDLNGVKPLILKDCSVAGWLLGN
PMCDEFIRVPEWSYIVERDNPANDLCYPGSLNDYEELKHLLSRINHFEKILIIPKSSWPNHETSLGVSAACPYQGAPSFF
RNVVWLIKKDDAYPTIKISYNNTNREDLLILWGIHHSNNAEEQTNLYKNPTTYISVGTSTLNQRLVPKIATRSQVNGQRG
RMDFFWTILKPDDAIHFESNGNFIAPEYAYKIVKKGDSTIMKSGVEYGHCNTKCQTPVGAINSSMPFHNIHPLTIGECPK
YVKSNKLVLATGLRNSPPREKRRKR
;
A,B,C
2 'polypeptide(L)'
;QVQLQESGPGLVKPSETLSLTCTVSGDSISSYYWSWIRQPPGKGLEWIGYVHYSGNTNYNPSLKSRVTISVDTSKNQFSL
KLSSVTAADTAVYYCARTTMSRGPSLYYYYGLDVWGQGTTVT
;
H
3 'polypeptide(L)'
;DIVMTQSPLSLPVTPGEPASISCRSSQSLLHSYGYIYLDWYLQKPGQSPQLLIYLGSDRASGIPDRFSGSGAGTDFTLKI
SRVEAEDVGVYYCMQALQTPITFGQGTRLEI
;
L
4 'polypeptide(L)'
;GLFGAIAGFIEGGWQGMVDGWYGYHHSNEQGSGYAADKESTQKAIDGVTNKVNSIIDKMNTQFEAVGREFNNLERRIENL
NKKMEDGFLDVWTYNAELLVLMENERTLDFHDSNVKNLYDKVRLQLRDNAKELGNGCFEFYHKCDNECMESVRNGTYYYP
QYSEEARLKREEISGVGYIPEAPRDGQAYVRKDGEWVLLSTFLGSENLYFQGGSHHHHHH
;
a,b,c
#
# COMPACT_ATOMS: atom_id res chain seq x y z
N ILE A 19 43.58 -49.65 -23.51
CA ILE A 19 42.93 -48.35 -23.33
C ILE A 19 41.96 -48.48 -22.16
N CYS A 20 41.83 -47.41 -21.38
CA CYS A 20 40.85 -47.36 -20.31
C CYS A 20 40.24 -45.96 -20.28
N ILE A 21 39.13 -45.81 -19.55
CA ILE A 21 38.43 -44.53 -19.41
C ILE A 21 38.11 -44.33 -17.93
N GLY A 22 38.22 -43.09 -17.48
CA GLY A 22 37.95 -42.74 -16.10
C GLY A 22 37.62 -41.28 -15.95
N TYR A 23 37.93 -40.74 -14.76
CA TYR A 23 37.66 -39.34 -14.46
C TYR A 23 38.66 -38.83 -13.44
N HIS A 24 38.81 -37.50 -13.42
CA HIS A 24 39.80 -36.85 -12.58
C HIS A 24 39.45 -36.99 -11.10
N ALA A 25 40.49 -37.16 -10.27
CA ALA A 25 40.34 -37.17 -8.83
C ALA A 25 41.60 -36.58 -8.21
N ASN A 26 41.46 -36.02 -7.01
CA ASN A 26 42.57 -35.40 -6.31
C ASN A 26 42.31 -35.50 -4.81
N ASN A 27 43.18 -34.89 -4.01
CA ASN A 27 43.09 -34.96 -2.55
C ASN A 27 42.08 -33.97 -1.96
N SER A 28 41.46 -33.13 -2.77
CA SER A 28 40.60 -32.08 -2.24
C SER A 28 39.36 -32.65 -1.58
N THR A 29 39.03 -32.14 -0.40
CA THR A 29 37.84 -32.52 0.36
C THR A 29 36.77 -31.44 0.25
N GLU A 30 36.64 -30.81 -0.91
CA GLU A 30 35.62 -29.80 -1.14
C GLU A 30 34.25 -30.45 -1.13
N GLN A 31 33.43 -30.08 -0.14
CA GLN A 31 32.09 -30.64 0.04
C GLN A 31 31.05 -29.64 -0.42
N VAL A 32 30.17 -30.07 -1.33
CA VAL A 32 29.07 -29.26 -1.85
C VAL A 32 27.77 -29.91 -1.44
N ASP A 33 26.64 -29.27 -1.79
CA ASP A 33 25.31 -29.72 -1.43
C ASP A 33 24.46 -29.86 -2.68
N THR A 34 23.54 -30.82 -2.63
CA THR A 34 22.50 -30.99 -3.65
C THR A 34 21.19 -31.27 -2.94
N ILE A 35 20.12 -31.41 -3.72
CA ILE A 35 18.83 -31.73 -3.13
C ILE A 35 18.83 -33.17 -2.62
N MET A 36 19.44 -34.07 -3.39
CA MET A 36 19.40 -35.49 -3.03
C MET A 36 20.33 -35.81 -1.86
N GLU A 37 21.47 -35.11 -1.77
CA GLU A 37 22.49 -35.43 -0.79
C GLU A 37 23.20 -34.16 -0.38
N LYS A 38 23.71 -34.16 0.86
CA LYS A 38 24.47 -33.05 1.43
C LYS A 38 25.87 -33.53 1.76
N ASN A 39 26.79 -32.57 1.85
CA ASN A 39 28.20 -32.84 2.14
C ASN A 39 28.79 -33.80 1.10
N VAL A 40 28.55 -33.48 -0.18
CA VAL A 40 29.02 -34.30 -1.28
C VAL A 40 30.43 -33.85 -1.62
N THR A 41 31.41 -34.70 -1.31
CA THR A 41 32.79 -34.37 -1.63
C THR A 41 33.00 -34.37 -3.14
N VAL A 42 33.73 -33.36 -3.62
CA VAL A 42 34.01 -33.19 -5.05
C VAL A 42 35.47 -32.81 -5.21
N THR A 43 35.91 -32.71 -6.47
CA THR A 43 37.31 -32.44 -6.76
C THR A 43 37.60 -30.94 -6.66
N HIS A 44 36.76 -30.11 -7.29
CA HIS A 44 36.91 -28.67 -7.31
C HIS A 44 35.57 -28.01 -7.04
N ALA A 45 35.60 -26.88 -6.32
CA ALA A 45 34.39 -26.14 -6.02
C ALA A 45 34.77 -24.68 -5.83
N GLN A 46 33.88 -23.78 -6.26
CA GLN A 46 34.08 -22.34 -6.19
C GLN A 46 33.10 -21.74 -5.19
N ASP A 47 33.63 -21.02 -4.21
CA ASP A 47 32.80 -20.34 -3.23
C ASP A 47 32.33 -19.00 -3.81
N ILE A 48 31.02 -18.79 -3.79
CA ILE A 48 30.40 -17.58 -4.32
C ILE A 48 29.84 -16.70 -3.18
N LEU A 49 30.32 -16.89 -1.95
CA LEU A 49 29.88 -16.14 -0.79
C LEU A 49 31.10 -15.58 -0.07
N GLU A 50 31.09 -14.27 0.16
CA GLU A 50 32.12 -13.60 0.94
C GLU A 50 31.64 -13.53 2.39
N LYS A 51 32.34 -14.25 3.28
CA LYS A 51 31.93 -14.40 4.67
C LYS A 51 32.82 -13.63 5.64
N THR A 52 33.66 -12.72 5.13
CA THR A 52 34.60 -11.95 5.95
C THR A 52 34.51 -10.48 5.60
N HIS A 53 34.76 -9.64 6.59
CA HIS A 53 34.77 -8.19 6.43
C HIS A 53 35.99 -7.62 7.13
N ASN A 54 36.37 -6.41 6.71
CA ASN A 54 37.56 -5.77 7.25
C ASN A 54 37.41 -5.44 8.74
N GLY A 55 36.19 -5.28 9.23
CA GLY A 55 35.94 -4.89 10.60
C GLY A 55 36.11 -3.42 10.89
N LYS A 56 36.18 -2.57 9.86
CA LYS A 56 36.43 -1.15 10.03
C LYS A 56 35.64 -0.39 8.97
N LEU A 57 35.40 0.90 9.25
CA LEU A 57 34.79 1.80 8.28
C LEU A 57 35.90 2.41 7.41
N CYS A 58 35.82 2.16 6.10
CA CYS A 58 36.83 2.57 5.15
C CYS A 58 36.29 3.67 4.24
N ASP A 59 37.21 4.45 3.70
CA ASP A 59 36.86 5.47 2.71
C ASP A 59 36.28 4.81 1.48
N LEU A 60 35.14 5.30 1.01
CA LEU A 60 34.47 4.75 -0.16
C LEU A 60 35.02 5.49 -1.39
N ASN A 61 35.89 4.81 -2.13
CA ASN A 61 36.52 5.36 -3.33
C ASN A 61 37.31 6.63 -3.00
N GLY A 62 37.97 6.65 -1.85
CA GLY A 62 38.87 7.71 -1.47
C GLY A 62 38.25 8.87 -0.73
N VAL A 63 36.92 9.02 -0.76
CA VAL A 63 36.23 10.11 -0.11
C VAL A 63 35.86 9.68 1.30
N LYS A 64 36.42 10.36 2.30
CA LYS A 64 36.24 9.93 3.68
C LYS A 64 34.79 10.19 4.12
N PRO A 65 34.16 9.26 4.84
CA PRO A 65 32.78 9.51 5.28
C PRO A 65 32.69 10.54 6.39
N LEU A 66 31.44 10.92 6.69
CA LEU A 66 31.13 11.83 7.79
C LEU A 66 30.78 10.97 9.00
N ILE A 67 31.79 10.70 9.83
CA ILE A 67 31.62 9.83 11.00
C ILE A 67 31.15 10.70 12.16
N LEU A 68 29.83 10.82 12.28
CA LEU A 68 29.24 11.61 13.36
C LEU A 68 29.44 10.89 14.68
N LYS A 69 30.53 11.21 15.38
CA LYS A 69 30.87 10.53 16.62
C LYS A 69 30.00 11.06 17.75
N ASP A 70 29.10 10.21 18.25
CA ASP A 70 28.19 10.56 19.34
C ASP A 70 27.30 11.75 18.99
N CYS A 71 27.04 11.96 17.70
CA CYS A 71 26.21 13.06 17.21
C CYS A 71 25.16 12.52 16.26
N SER A 72 24.06 13.25 16.14
CA SER A 72 22.94 12.88 15.29
C SER A 72 22.91 13.79 14.07
N VAL A 73 22.07 13.40 13.10
CA VAL A 73 21.83 14.24 11.94
C VAL A 73 21.20 15.55 12.36
N ALA A 74 20.23 15.50 13.27
CA ALA A 74 19.62 16.72 13.79
C ALA A 74 20.64 17.55 14.56
N GLY A 75 21.46 16.90 15.40
CA GLY A 75 22.45 17.64 16.17
C GLY A 75 23.51 18.27 15.29
N TRP A 76 23.98 17.55 14.28
CA TRP A 76 24.95 18.11 13.35
C TRP A 76 24.34 19.27 12.55
N LEU A 77 23.11 19.09 12.05
CA LEU A 77 22.53 20.09 11.16
C LEU A 77 22.14 21.35 11.92
N LEU A 78 21.57 21.21 13.12
CA LEU A 78 21.24 22.36 13.94
C LEU A 78 22.44 22.96 14.65
N GLY A 79 23.57 22.25 14.69
CA GLY A 79 24.76 22.79 15.33
C GLY A 79 24.70 22.69 16.83
N ASN A 80 24.63 21.46 17.34
CA ASN A 80 24.62 21.24 18.78
C ASN A 80 25.95 21.75 19.37
N PRO A 81 25.94 22.40 20.55
CA PRO A 81 27.23 22.88 21.09
C PRO A 81 28.26 21.80 21.33
N MET A 82 27.83 20.60 21.72
CA MET A 82 28.79 19.51 21.89
C MET A 82 29.34 19.04 20.55
N CYS A 83 28.55 19.14 19.49
CA CYS A 83 28.94 18.64 18.16
C CYS A 83 29.52 19.78 17.32
N ASP A 84 30.59 20.40 17.84
CA ASP A 84 31.31 21.43 17.12
C ASP A 84 32.45 20.88 16.27
N GLU A 85 32.63 19.56 16.22
CA GLU A 85 33.65 18.99 15.35
C GLU A 85 33.32 19.15 13.88
N PHE A 86 32.04 19.38 13.54
CA PHE A 86 31.55 19.35 12.16
C PHE A 86 31.06 20.73 11.70
N ILE A 87 31.71 21.79 12.18
CA ILE A 87 31.37 23.13 11.71
C ILE A 87 31.68 23.26 10.23
N ARG A 88 32.84 22.76 9.81
CA ARG A 88 33.26 22.73 8.41
C ARG A 88 33.46 21.27 8.02
N VAL A 89 32.58 20.77 7.16
CA VAL A 89 32.53 19.37 6.76
C VAL A 89 32.98 19.28 5.31
N PRO A 90 34.10 18.59 4.99
CA PRO A 90 34.43 18.40 3.56
C PRO A 90 33.46 17.44 2.88
N GLU A 91 33.65 17.23 1.58
CA GLU A 91 32.81 16.29 0.84
C GLU A 91 32.99 14.89 1.40
N TRP A 92 31.90 14.14 1.47
CA TRP A 92 31.87 12.80 2.03
C TRP A 92 31.24 11.84 1.02
N SER A 93 31.08 10.59 1.45
CA SER A 93 30.46 9.53 0.66
C SER A 93 29.30 8.86 1.38
N TYR A 94 29.36 8.73 2.70
CA TYR A 94 28.23 8.25 3.49
C TYR A 94 28.34 8.80 4.90
N ILE A 95 27.20 9.12 5.48
CA ILE A 95 27.12 9.60 6.86
C ILE A 95 26.98 8.39 7.76
N VAL A 96 27.70 8.40 8.89
CA VAL A 96 27.68 7.31 9.86
C VAL A 96 27.22 7.89 11.19
N GLU A 97 26.29 7.19 11.84
CA GLU A 97 25.68 7.60 13.09
C GLU A 97 25.63 6.41 14.03
N ARG A 98 25.62 6.69 15.33
CA ARG A 98 25.43 5.63 16.31
C ARG A 98 23.95 5.31 16.46
N ASP A 99 23.66 4.18 17.10
CA ASP A 99 22.28 3.73 17.22
C ASP A 99 21.46 4.68 18.09
N ASN A 100 22.02 5.08 19.23
CA ASN A 100 21.39 6.02 20.16
C ASN A 100 22.41 7.11 20.51
N PRO A 101 22.57 8.11 19.64
CA PRO A 101 23.52 9.19 19.95
C PRO A 101 23.11 9.96 21.20
N ALA A 102 24.11 10.32 22.01
CA ALA A 102 23.83 11.04 23.25
C ALA A 102 23.49 12.51 22.96
N ASN A 103 24.18 13.12 22.01
CA ASN A 103 24.03 14.55 21.71
C ASN A 103 23.06 14.67 20.55
N ASP A 104 21.78 14.86 20.87
CA ASP A 104 20.75 15.06 19.86
C ASP A 104 19.59 15.83 20.45
N LEU A 105 19.34 17.04 19.93
CA LEU A 105 18.35 17.95 20.49
C LEU A 105 18.60 18.17 21.98
N CYS A 106 19.73 18.84 22.25
CA CYS A 106 20.20 19.08 23.61
C CYS A 106 19.12 19.74 24.45
N TYR A 107 18.53 20.83 23.94
CA TYR A 107 17.30 21.32 24.52
C TYR A 107 16.17 20.38 24.11
N PRO A 108 15.20 20.07 24.99
CA PRO A 108 14.12 19.15 24.60
C PRO A 108 13.29 19.71 23.45
N GLY A 109 12.76 18.81 22.64
CA GLY A 109 11.92 19.20 21.53
C GLY A 109 11.90 18.12 20.46
N SER A 110 11.65 18.55 19.23
CA SER A 110 11.60 17.64 18.09
C SER A 110 11.87 18.44 16.82
N LEU A 111 12.28 17.72 15.78
CA LEU A 111 12.46 18.27 14.44
C LEU A 111 11.37 17.67 13.55
N ASN A 112 10.48 18.52 13.06
CA ASN A 112 9.38 18.04 12.22
C ASN A 112 9.94 17.46 10.93
N ASP A 113 9.40 16.30 10.54
CA ASP A 113 9.84 15.59 9.33
C ASP A 113 11.35 15.31 9.39
N TYR A 114 11.81 14.86 10.56
CA TYR A 114 13.20 14.46 10.71
C TYR A 114 13.55 13.30 9.79
N GLU A 115 12.63 12.33 9.67
CA GLU A 115 12.89 11.18 8.83
C GLU A 115 12.95 11.54 7.36
N GLU A 116 12.09 12.47 6.93
CA GLU A 116 12.15 12.93 5.54
C GLU A 116 13.44 13.70 5.27
N LEU A 117 13.87 14.51 6.23
CA LEU A 117 15.13 15.23 6.07
C LEU A 117 16.30 14.25 5.97
N LYS A 118 16.30 13.22 6.82
CA LYS A 118 17.35 12.22 6.73
C LYS A 118 17.27 11.44 5.42
N HIS A 119 16.07 11.25 4.88
CA HIS A 119 15.93 10.65 3.56
C HIS A 119 16.56 11.52 2.48
N LEU A 120 16.36 12.84 2.58
CA LEU A 120 16.93 13.73 1.58
C LEU A 120 18.44 13.85 1.72
N LEU A 121 18.97 13.72 2.95
CA LEU A 121 20.42 13.67 3.12
C LEU A 121 21.05 12.37 2.65
N SER A 122 20.25 11.34 2.35
CA SER A 122 20.81 10.14 1.73
C SER A 122 21.19 10.35 0.27
N ARG A 123 20.82 11.48 -0.34
CA ARG A 123 21.20 11.84 -1.69
C ARG A 123 22.20 12.98 -1.76
N ILE A 124 22.54 13.60 -0.63
CA ILE A 124 23.37 14.80 -0.60
C ILE A 124 24.77 14.41 -0.14
N ASN A 125 25.77 14.65 -0.98
CA ASN A 125 27.16 14.34 -0.69
C ASN A 125 27.96 15.54 -0.17
N HIS A 126 27.37 16.73 -0.13
CA HIS A 126 28.11 17.89 0.34
C HIS A 126 27.15 19.03 0.65
N PHE A 127 27.28 19.62 1.84
CA PHE A 127 26.70 20.91 2.18
C PHE A 127 27.82 21.92 2.35
N GLU A 128 27.59 23.14 1.90
CA GLU A 128 28.40 24.30 2.25
C GLU A 128 27.56 25.19 3.16
N LYS A 129 28.02 25.41 4.38
CA LYS A 129 27.31 26.29 5.29
C LYS A 129 27.54 27.74 4.89
N ILE A 130 26.46 28.48 4.71
CA ILE A 130 26.50 29.90 4.41
C ILE A 130 25.73 30.65 5.49
N LEU A 131 26.34 31.69 6.04
CA LEU A 131 25.66 32.57 6.98
C LEU A 131 24.68 33.43 6.20
N ILE A 132 23.38 33.11 6.31
CA ILE A 132 22.36 33.76 5.49
C ILE A 132 21.79 34.99 6.17
N ILE A 133 21.64 34.97 7.49
CA ILE A 133 21.07 36.07 8.27
C ILE A 133 22.06 36.40 9.38
N PRO A 134 22.86 37.48 9.29
CA PRO A 134 23.81 37.78 10.37
C PRO A 134 23.11 38.07 11.68
N LYS A 135 23.92 38.14 12.74
CA LYS A 135 23.44 38.68 14.00
C LYS A 135 23.24 40.19 13.93
N SER A 136 23.86 40.85 12.95
CA SER A 136 23.54 42.24 12.64
C SER A 136 22.17 42.42 12.00
N SER A 137 21.51 41.33 11.57
CA SER A 137 20.17 41.39 11.00
C SER A 137 19.07 41.34 12.06
N TRP A 138 19.39 41.61 13.32
CA TRP A 138 18.41 41.72 14.41
C TRP A 138 18.71 42.98 15.21
N PRO A 139 18.41 44.16 14.65
CA PRO A 139 18.75 45.39 15.39
C PRO A 139 17.95 45.57 16.66
N ASN A 140 16.64 45.33 16.62
CA ASN A 140 15.73 45.61 17.72
C ASN A 140 15.40 44.37 18.55
N HIS A 141 16.37 43.46 18.70
CA HIS A 141 16.15 42.24 19.45
C HIS A 141 17.47 41.80 20.10
N GLU A 142 17.35 40.96 21.11
CA GLU A 142 18.48 40.45 21.87
C GLU A 142 18.88 39.09 21.33
N THR A 143 20.17 38.94 21.04
CA THR A 143 20.73 37.72 20.44
C THR A 143 21.76 37.03 21.31
N SER A 144 22.38 37.73 22.27
CA SER A 144 23.46 37.18 23.07
C SER A 144 22.99 36.53 24.36
N LEU A 145 21.69 36.59 24.69
CA LEU A 145 21.13 35.93 25.85
C LEU A 145 20.38 34.65 25.51
N GLY A 146 20.53 34.14 24.29
CA GLY A 146 19.82 32.95 23.88
C GLY A 146 20.52 31.66 24.24
N VAL A 147 20.73 31.44 25.54
CA VAL A 147 21.49 30.30 26.05
C VAL A 147 20.63 29.53 27.04
N SER A 148 20.98 28.27 27.22
CA SER A 148 20.28 27.38 28.15
C SER A 148 21.29 26.42 28.79
N ALA A 149 20.91 25.90 29.96
CA ALA A 149 21.74 24.92 30.65
C ALA A 149 21.68 23.55 30.02
N ALA A 150 20.60 23.22 29.30
CA ALA A 150 20.47 21.93 28.65
C ALA A 150 21.42 21.74 27.47
N CYS A 151 22.07 22.81 27.00
CA CYS A 151 23.00 22.75 25.87
C CYS A 151 24.31 23.40 26.28
N PRO A 152 25.05 22.78 27.20
CA PRO A 152 26.28 23.41 27.70
C PRO A 152 27.39 23.36 26.66
N TYR A 153 28.33 24.28 26.81
CA TYR A 153 29.60 24.25 26.09
C TYR A 153 30.72 24.58 27.05
N GLN A 154 31.60 23.62 27.30
CA GLN A 154 32.72 23.76 28.25
C GLN A 154 32.22 24.13 29.64
N GLY A 155 31.04 23.62 30.00
CA GLY A 155 30.46 23.84 31.32
C GLY A 155 29.46 24.97 31.33
N ALA A 156 29.79 26.05 30.63
CA ALA A 156 28.89 27.20 30.58
C ALA A 156 27.69 26.88 29.68
N PRO A 157 26.55 27.54 29.90
CA PRO A 157 25.40 27.31 29.01
C PRO A 157 25.66 27.82 27.61
N SER A 158 25.04 27.14 26.65
CA SER A 158 25.12 27.53 25.24
C SER A 158 23.81 27.13 24.57
N PHE A 159 23.80 27.08 23.24
CA PHE A 159 22.57 26.85 22.49
C PHE A 159 23.00 26.54 21.06
N PHE A 160 22.08 25.95 20.28
CA PHE A 160 22.33 25.62 18.88
C PHE A 160 22.89 26.82 18.13
N ARG A 161 23.98 26.58 17.38
CA ARG A 161 24.75 27.65 16.76
C ARG A 161 24.25 28.03 15.37
N ASN A 162 23.51 27.14 14.70
CA ASN A 162 22.95 27.45 13.38
C ASN A 162 21.62 28.19 13.45
N VAL A 163 21.05 28.36 14.64
CA VAL A 163 19.83 29.14 14.83
C VAL A 163 20.02 30.02 16.06
N VAL A 164 19.17 31.05 16.16
CA VAL A 164 19.28 32.08 17.19
C VAL A 164 17.97 32.13 17.96
N TRP A 165 18.06 32.03 19.28
CA TRP A 165 16.92 32.28 20.16
C TRP A 165 16.77 33.79 20.30
N LEU A 166 15.70 34.34 19.74
CA LEU A 166 15.44 35.77 19.81
C LEU A 166 14.64 36.07 21.07
N ILE A 167 15.30 36.68 22.05
CA ILE A 167 14.68 37.11 23.30
C ILE A 167 14.39 38.61 23.17
N LYS A 168 13.38 39.07 23.88
CA LYS A 168 12.94 40.46 23.81
C LYS A 168 14.07 41.42 24.20
N LYS A 169 13.98 42.65 23.69
CA LYS A 169 14.91 43.72 23.98
C LYS A 169 14.14 44.91 24.53
N ASP A 170 14.65 45.50 25.62
CA ASP A 170 14.07 46.69 26.24
C ASP A 170 12.62 46.40 26.65
N ASP A 171 12.42 45.19 27.18
CA ASP A 171 11.10 44.73 27.63
C ASP A 171 10.07 44.79 26.49
N ALA A 172 10.53 44.46 25.28
CA ALA A 172 9.66 44.56 24.11
C ALA A 172 10.20 43.65 23.02
N TYR A 173 9.28 43.14 22.21
CA TYR A 173 9.58 42.22 21.10
C TYR A 173 8.91 42.77 19.86
N PRO A 174 9.61 43.58 19.06
CA PRO A 174 9.03 44.04 17.80
C PRO A 174 8.74 42.88 16.87
N THR A 175 7.76 43.08 15.98
CA THR A 175 7.35 42.02 15.07
C THR A 175 8.44 41.81 14.03
N ILE A 176 9.13 40.67 14.13
CA ILE A 176 10.08 40.24 13.11
C ILE A 176 9.36 40.15 11.77
N LYS A 177 10.02 40.66 10.72
CA LYS A 177 9.54 40.55 9.34
C LYS A 177 10.78 40.59 8.44
N ILE A 178 11.25 39.42 8.00
CA ILE A 178 12.45 39.33 7.16
C ILE A 178 12.20 38.37 6.01
N SER A 179 12.58 38.79 4.81
CA SER A 179 12.53 37.98 3.60
C SER A 179 13.95 37.72 3.11
N TYR A 180 14.29 36.44 2.93
CA TYR A 180 15.56 36.03 2.34
C TYR A 180 15.31 35.50 0.94
N ASN A 181 16.07 36.00 -0.03
CA ASN A 181 15.95 35.64 -1.43
C ASN A 181 17.12 34.74 -1.81
N ASN A 182 16.82 33.59 -2.38
CA ASN A 182 17.86 32.62 -2.76
C ASN A 182 18.51 33.07 -4.06
N THR A 183 19.49 33.97 -3.91
CA THR A 183 20.28 34.41 -5.05
C THR A 183 21.26 33.34 -5.53
N ASN A 184 21.55 32.34 -4.71
CA ASN A 184 22.45 31.27 -5.11
C ASN A 184 21.82 30.43 -6.22
N ARG A 185 22.67 29.64 -6.88
CA ARG A 185 22.27 28.73 -7.94
C ARG A 185 22.00 27.31 -7.45
N GLU A 186 21.97 27.10 -6.13
CA GLU A 186 21.79 25.78 -5.54
C GLU A 186 20.66 25.85 -4.51
N ASP A 187 20.08 24.69 -4.24
CA ASP A 187 19.05 24.59 -3.20
C ASP A 187 19.66 24.91 -1.84
N LEU A 188 18.90 25.62 -1.01
CA LEU A 188 19.32 25.98 0.34
C LEU A 188 18.42 25.28 1.34
N LEU A 189 19.01 24.50 2.23
CA LEU A 189 18.29 23.86 3.33
C LEU A 189 18.26 24.84 4.50
N ILE A 190 17.08 25.39 4.78
CA ILE A 190 16.90 26.41 5.81
C ILE A 190 16.20 25.77 7.00
N LEU A 191 16.69 26.09 8.20
CA LEU A 191 16.24 25.51 9.46
C LEU A 191 15.79 26.63 10.39
N TRP A 192 14.61 26.47 11.00
CA TRP A 192 14.14 27.39 12.03
C TRP A 192 13.40 26.56 13.08
N GLY A 193 12.72 27.24 14.00
CA GLY A 193 11.95 26.53 15.00
C GLY A 193 11.02 27.44 15.76
N ILE A 194 10.22 26.83 16.62
CA ILE A 194 9.28 27.52 17.50
C ILE A 194 9.49 27.00 18.91
N HIS A 195 9.54 27.91 19.88
CA HIS A 195 9.73 27.56 21.28
C HIS A 195 8.37 27.45 21.97
N HIS A 196 8.22 26.42 22.80
CA HIS A 196 7.01 26.14 23.56
C HIS A 196 7.34 26.32 25.03
N SER A 197 6.67 27.28 25.67
CA SER A 197 6.99 27.69 27.03
C SER A 197 6.16 26.92 28.05
N ASN A 198 6.61 27.00 29.31
CA ASN A 198 5.92 26.29 30.38
C ASN A 198 4.61 26.98 30.75
N ASN A 199 4.62 28.31 30.81
CA ASN A 199 3.46 29.07 31.24
C ASN A 199 3.53 30.46 30.64
N ALA A 200 2.41 31.18 30.71
CA ALA A 200 2.34 32.53 30.15
C ALA A 200 3.32 33.49 30.84
N GLU A 201 3.65 33.22 32.10
CA GLU A 201 4.67 34.02 32.77
C GLU A 201 6.01 33.89 32.07
N GLU A 202 6.35 32.67 31.63
CA GLU A 202 7.60 32.47 30.90
C GLU A 202 7.58 33.22 29.57
N GLN A 203 6.43 33.23 28.89
CA GLN A 203 6.28 34.02 27.67
C GLN A 203 6.51 35.50 27.95
N THR A 204 5.93 36.01 29.02
CA THR A 204 6.09 37.42 29.35
C THR A 204 7.53 37.74 29.71
N ASN A 205 8.22 36.82 30.37
CA ASN A 205 9.61 37.03 30.74
C ASN A 205 10.59 36.85 29.58
N LEU A 206 10.17 36.18 28.50
CA LEU A 206 11.02 35.95 27.34
C LEU A 206 10.65 36.79 26.12
N TYR A 207 9.34 37.05 25.91
CA TYR A 207 8.86 37.68 24.68
C TYR A 207 7.90 38.83 24.89
N LYS A 208 7.24 38.94 26.04
CA LYS A 208 6.34 40.06 26.34
C LYS A 208 5.20 40.12 25.33
N ASN A 209 4.58 38.96 25.07
CA ASN A 209 3.43 38.87 24.18
C ASN A 209 2.63 37.63 24.58
N PRO A 210 1.38 37.75 25.08
CA PRO A 210 0.67 36.55 25.55
C PRO A 210 0.38 35.55 24.45
N THR A 211 -0.16 36.02 23.32
CA THR A 211 -0.46 35.20 22.16
C THR A 211 0.53 35.56 21.05
N THR A 212 1.25 34.57 20.55
CA THR A 212 2.29 34.75 19.55
C THR A 212 2.05 33.80 18.39
N TYR A 213 2.78 34.03 17.30
CA TYR A 213 2.66 33.22 16.11
C TYR A 213 3.98 33.28 15.35
N ILE A 214 4.16 32.34 14.41
CA ILE A 214 5.27 32.36 13.47
C ILE A 214 4.69 32.02 12.11
N SER A 215 4.62 32.99 11.22
CA SER A 215 4.12 32.82 9.86
C SER A 215 5.31 32.70 8.91
N VAL A 216 5.43 31.55 8.27
CA VAL A 216 6.50 31.27 7.31
C VAL A 216 5.86 31.04 5.95
N GLY A 217 6.40 31.69 4.92
CA GLY A 217 5.85 31.60 3.58
C GLY A 217 6.95 31.38 2.56
N THR A 218 6.59 30.63 1.51
CA THR A 218 7.48 30.36 0.40
C THR A 218 6.57 30.16 -0.82
N SER A 219 7.15 29.94 -1.99
CA SER A 219 6.36 29.63 -3.18
C SER A 219 5.51 28.38 -2.99
N THR A 220 5.95 27.44 -2.13
CA THR A 220 5.23 26.20 -1.86
C THR A 220 4.85 25.99 -0.39
N LEU A 221 5.39 26.78 0.54
CA LEU A 221 5.16 26.61 1.97
C LEU A 221 4.22 27.68 2.48
N ASN A 222 3.33 27.28 3.38
CA ASN A 222 2.39 28.20 4.03
C ASN A 222 2.16 27.67 5.44
N GLN A 223 2.90 28.20 6.41
CA GLN A 223 2.95 27.68 7.76
C GLN A 223 2.59 28.78 8.74
N ARG A 224 1.71 28.47 9.69
CA ARG A 224 1.41 29.34 10.82
C ARG A 224 1.52 28.50 12.09
N LEU A 225 2.64 28.66 12.79
CA LEU A 225 2.91 27.95 14.03
C LEU A 225 2.46 28.81 15.20
N VAL A 226 1.89 28.15 16.21
CA VAL A 226 1.40 28.81 17.43
C VAL A 226 1.96 28.02 18.61
N PRO A 227 2.48 28.65 19.67
CA PRO A 227 2.99 27.87 20.79
C PRO A 227 1.89 27.14 21.55
N LYS A 228 2.26 26.00 22.14
CA LYS A 228 1.40 25.17 22.97
C LYS A 228 1.94 25.31 24.39
N ILE A 229 1.48 26.33 25.10
CA ILE A 229 1.97 26.64 26.44
C ILE A 229 1.29 25.66 27.39
N ALA A 230 2.08 24.77 27.98
CA ALA A 230 1.55 23.69 28.80
C ALA A 230 2.61 23.23 29.78
N THR A 231 2.20 22.34 30.68
CA THR A 231 3.10 21.69 31.63
C THR A 231 3.50 20.33 31.08
N ARG A 232 4.80 20.09 30.97
CA ARG A 232 5.35 18.82 30.53
C ARG A 232 6.41 18.36 31.51
N SER A 233 6.92 17.15 31.28
CA SER A 233 7.90 16.55 32.17
C SER A 233 9.27 17.19 31.97
N GLN A 234 10.15 16.97 32.96
CA GLN A 234 11.51 17.52 32.93
C GLN A 234 12.40 16.57 32.17
N VAL A 235 12.48 16.78 30.85
CA VAL A 235 13.47 16.12 30.02
C VAL A 235 14.70 17.01 29.97
N ASN A 236 15.86 16.46 30.33
CA ASN A 236 17.12 17.19 30.39
C ASN A 236 17.06 18.40 31.35
N GLY A 237 16.13 18.40 32.30
CA GLY A 237 15.96 19.48 33.24
C GLY A 237 15.08 20.63 32.78
N GLN A 238 14.62 20.61 31.53
CA GLN A 238 13.87 21.71 30.92
C GLN A 238 12.46 21.23 30.59
N ARG A 239 11.48 22.10 30.87
CA ARG A 239 10.07 21.83 30.57
C ARG A 239 9.57 22.59 29.34
N GLY A 240 10.44 23.34 28.64
CA GLY A 240 10.09 23.90 27.35
C GLY A 240 10.47 22.97 26.22
N ARG A 241 9.88 23.20 25.04
CA ARG A 241 10.10 22.32 23.89
C ARG A 241 10.28 23.15 22.63
N MET A 242 11.40 22.99 21.95
CA MET A 242 11.66 23.65 20.67
C MET A 242 11.31 22.69 19.55
N ASP A 243 10.19 22.95 18.87
CA ASP A 243 9.79 22.21 17.69
C ASP A 243 10.47 22.86 16.48
N PHE A 244 11.45 22.17 15.92
CA PHE A 244 12.23 22.68 14.80
C PHE A 244 11.62 22.24 13.49
N PHE A 245 11.72 23.11 12.49
CA PHE A 245 11.16 22.90 11.16
C PHE A 245 12.20 23.26 10.13
N TRP A 246 12.04 22.70 8.93
CA TRP A 246 13.00 22.86 7.85
C TRP A 246 12.28 23.06 6.54
N THR A 247 13.01 23.56 5.55
CA THR A 247 12.51 23.63 4.19
C THR A 247 13.69 23.73 3.24
N ILE A 248 13.39 23.54 1.95
CA ILE A 248 14.38 23.64 0.88
C ILE A 248 13.94 24.75 -0.06
N LEU A 249 14.81 25.74 -0.25
CA LEU A 249 14.54 26.92 -1.05
C LEU A 249 15.27 26.77 -2.39
N LYS A 250 14.51 26.82 -3.48
CA LYS A 250 15.04 26.62 -4.82
C LYS A 250 15.68 27.90 -5.32
N PRO A 251 16.45 27.84 -6.42
CA PRO A 251 16.99 29.07 -6.99
C PRO A 251 15.89 30.04 -7.43
N ASP A 252 16.17 31.33 -7.25
CA ASP A 252 15.21 32.40 -7.55
C ASP A 252 13.90 32.21 -6.79
N ASP A 253 14.01 31.74 -5.55
CA ASP A 253 12.89 31.58 -4.63
C ASP A 253 13.26 32.25 -3.31
N ALA A 254 12.24 32.75 -2.62
CA ALA A 254 12.42 33.52 -1.39
C ALA A 254 11.52 32.98 -0.29
N ILE A 255 12.02 33.11 0.94
CA ILE A 255 11.34 32.65 2.15
C ILE A 255 11.08 33.85 3.03
N HIS A 256 9.85 33.97 3.53
CA HIS A 256 9.37 35.13 4.27
C HIS A 256 9.03 34.67 5.68
N PHE A 257 9.81 35.13 6.65
CA PHE A 257 9.55 34.89 8.07
C PHE A 257 8.88 36.11 8.67
N GLU A 258 7.84 35.87 9.45
CA GLU A 258 7.18 36.91 10.24
C GLU A 258 6.85 36.31 11.59
N SER A 259 7.07 37.08 12.66
CA SER A 259 6.77 36.52 13.98
C SER A 259 6.86 37.59 15.04
N ASN A 260 5.88 37.61 15.95
CA ASN A 260 5.91 38.48 17.13
C ASN A 260 6.35 37.73 18.39
N GLY A 261 6.89 36.53 18.27
CA GLY A 261 7.38 35.81 19.43
C GLY A 261 7.72 34.36 19.17
N ASN A 262 8.45 33.74 20.10
CA ASN A 262 8.77 32.32 20.10
C ASN A 262 9.61 31.90 18.89
N PHE A 263 10.26 32.85 18.22
CA PHE A 263 10.92 32.58 16.95
C PHE A 263 12.36 32.14 17.20
N ILE A 264 12.67 30.90 16.85
CA ILE A 264 14.05 30.40 16.86
C ILE A 264 14.55 30.59 15.43
N ALA A 265 15.12 31.76 15.17
CA ALA A 265 15.34 32.22 13.81
C ALA A 265 16.53 31.53 13.15
N PRO A 266 16.57 31.49 11.82
CA PRO A 266 17.79 31.01 11.15
C PRO A 266 18.96 31.96 11.37
N GLU A 267 20.15 31.38 11.40
CA GLU A 267 21.39 32.12 11.22
C GLU A 267 22.20 31.59 10.05
N TYR A 268 22.39 30.27 9.97
CA TYR A 268 23.09 29.60 8.90
C TYR A 268 22.13 28.74 8.09
N ALA A 269 22.40 28.63 6.80
CA ALA A 269 21.75 27.69 5.90
C ALA A 269 22.80 26.78 5.28
N TYR A 270 22.34 25.70 4.68
CA TYR A 270 23.20 24.64 4.16
C TYR A 270 22.98 24.53 2.66
N LYS A 271 23.79 25.25 1.88
CA LYS A 271 23.70 25.19 0.43
C LYS A 271 24.09 23.79 -0.06
N ILE A 272 23.24 23.21 -0.90
CA ILE A 272 23.42 21.86 -1.41
C ILE A 272 24.27 21.99 -2.66
N VAL A 273 25.58 21.81 -2.52
CA VAL A 273 26.49 21.98 -3.65
C VAL A 273 26.51 20.74 -4.53
N LYS A 274 26.92 19.60 -3.97
CA LYS A 274 27.03 18.34 -4.70
C LYS A 274 25.91 17.42 -4.25
N LYS A 275 25.20 16.85 -5.22
CA LYS A 275 24.10 15.92 -4.99
C LYS A 275 24.40 14.62 -5.71
N GLY A 276 24.15 13.51 -5.04
CA GLY A 276 24.48 12.20 -5.58
C GLY A 276 23.90 11.05 -4.79
N ASP A 277 24.72 10.04 -4.52
CA ASP A 277 24.31 8.83 -3.82
C ASP A 277 25.02 8.75 -2.48
N SER A 278 24.28 8.34 -1.46
CA SER A 278 24.81 8.22 -0.09
C SER A 278 23.78 7.44 0.71
N THR A 279 24.02 7.32 2.02
CA THR A 279 23.07 6.68 2.92
C THR A 279 23.45 7.02 4.35
N ILE A 280 22.48 6.88 5.25
CA ILE A 280 22.67 7.17 6.68
C ILE A 280 22.93 5.82 7.35
N MET A 281 24.19 5.43 7.43
CA MET A 281 24.55 4.18 8.10
C MET A 281 24.44 4.33 9.60
N LYS A 282 24.02 3.26 10.27
CA LYS A 282 23.86 3.20 11.72
C LYS A 282 24.86 2.16 12.25
N SER A 283 26.02 2.63 12.69
CA SER A 283 27.11 1.74 13.09
C SER A 283 27.98 2.43 14.13
N GLY A 284 28.54 1.62 15.03
CA GLY A 284 29.50 2.07 16.03
C GLY A 284 30.91 1.57 15.79
N VAL A 285 31.21 1.16 14.56
CA VAL A 285 32.52 0.61 14.24
C VAL A 285 33.52 1.74 14.08
N GLU A 286 34.75 1.52 14.52
CA GLU A 286 35.77 2.54 14.46
C GLU A 286 36.25 2.75 13.01
N TYR A 287 36.54 4.00 12.68
CA TYR A 287 37.14 4.31 11.39
C TYR A 287 38.56 3.77 11.33
N GLY A 288 38.89 3.10 10.24
CA GLY A 288 40.12 2.31 10.13
C GLY A 288 41.26 2.92 9.34
N HIS A 289 41.07 4.09 8.75
CA HIS A 289 42.07 4.71 7.86
C HIS A 289 42.40 3.76 6.69
N CYS A 290 41.36 3.45 5.93
CA CYS A 290 41.43 2.43 4.88
C CYS A 290 40.45 2.80 3.78
N ASN A 291 40.69 2.23 2.60
CA ASN A 291 39.90 2.48 1.40
C ASN A 291 39.10 1.23 1.04
N THR A 292 38.00 1.44 0.32
CA THR A 292 37.15 0.34 -0.12
C THR A 292 36.33 0.78 -1.31
N LYS A 293 35.78 -0.22 -2.02
CA LYS A 293 34.80 0.00 -3.08
C LYS A 293 33.37 -0.25 -2.61
N CYS A 294 33.19 -1.15 -1.64
CA CYS A 294 31.92 -1.40 -0.99
C CYS A 294 32.11 -1.34 0.51
N GLN A 295 31.07 -0.93 1.22
CA GLN A 295 31.10 -0.75 2.66
C GLN A 295 29.81 -1.27 3.27
N THR A 296 29.93 -1.75 4.50
CA THR A 296 28.86 -2.38 5.26
C THR A 296 28.92 -1.81 6.68
N PRO A 297 27.78 -1.82 7.44
CA PRO A 297 27.83 -1.33 8.82
C PRO A 297 28.60 -2.17 9.83
N VAL A 298 29.29 -3.24 9.39
CA VAL A 298 30.18 -4.01 10.25
C VAL A 298 31.57 -4.20 9.67
N GLY A 299 31.87 -3.62 8.52
CA GLY A 299 33.20 -3.66 7.94
C GLY A 299 33.18 -3.68 6.42
N ALA A 300 34.19 -3.04 5.84
CA ALA A 300 34.32 -3.00 4.38
C ALA A 300 34.52 -4.40 3.83
N ILE A 301 33.79 -4.71 2.75
CA ILE A 301 33.83 -6.06 2.19
C ILE A 301 35.08 -6.27 1.35
N ASN A 302 35.18 -5.53 0.24
CA ASN A 302 36.33 -5.56 -0.66
C ASN A 302 36.59 -6.97 -1.19
N SER A 303 35.63 -7.45 -1.99
CA SER A 303 35.74 -8.76 -2.61
C SER A 303 34.98 -8.76 -3.93
N SER A 304 35.39 -9.67 -4.80
CA SER A 304 34.77 -9.86 -6.11
C SER A 304 33.76 -11.01 -6.15
N MET A 305 33.49 -11.68 -5.04
CA MET A 305 32.56 -12.79 -5.06
C MET A 305 31.13 -12.27 -5.27
N PRO A 306 30.25 -13.06 -5.90
CA PRO A 306 28.92 -12.54 -6.22
C PRO A 306 28.06 -12.18 -5.01
N PHE A 307 28.17 -12.92 -3.90
CA PHE A 307 27.32 -12.74 -2.73
C PHE A 307 28.14 -12.44 -1.48
N HIS A 308 27.43 -12.07 -0.43
CA HIS A 308 28.00 -11.86 0.90
C HIS A 308 26.87 -11.97 1.91
N ASN A 309 27.17 -12.55 3.08
CA ASN A 309 26.19 -12.80 4.13
C ASN A 309 26.51 -12.02 5.39
N ILE A 310 26.90 -10.75 5.22
CA ILE A 310 27.47 -9.95 6.30
C ILE A 310 26.43 -9.04 6.93
N HIS A 311 25.69 -8.27 6.12
CA HIS A 311 24.62 -7.44 6.64
C HIS A 311 23.72 -7.05 5.48
N PRO A 312 22.41 -6.82 5.70
CA PRO A 312 21.56 -6.40 4.56
C PRO A 312 21.97 -5.09 3.93
N LEU A 313 22.12 -4.03 4.74
CA LEU A 313 22.40 -2.70 4.21
C LEU A 313 23.87 -2.57 3.88
N THR A 314 24.16 -2.10 2.66
CA THR A 314 25.53 -1.80 2.23
C THR A 314 25.49 -0.54 1.37
N ILE A 315 26.67 -0.10 0.94
CA ILE A 315 26.78 1.01 -0.01
C ILE A 315 28.01 0.79 -0.88
N GLY A 316 27.84 1.05 -2.18
CA GLY A 316 28.91 0.91 -3.16
C GLY A 316 28.63 -0.24 -4.11
N GLU A 317 29.65 -0.57 -4.90
CA GLU A 317 29.60 -1.70 -5.83
C GLU A 317 29.76 -2.98 -5.02
N CYS A 318 28.69 -3.37 -4.34
CA CYS A 318 28.70 -4.43 -3.35
C CYS A 318 28.27 -5.75 -3.96
N PRO A 319 28.68 -6.88 -3.38
CA PRO A 319 28.00 -8.15 -3.71
C PRO A 319 26.57 -8.13 -3.19
N LYS A 320 25.75 -8.99 -3.78
CA LYS A 320 24.32 -9.01 -3.46
C LYS A 320 24.10 -9.85 -2.21
N TYR A 321 23.35 -9.29 -1.25
CA TYR A 321 23.23 -9.93 0.05
C TYR A 321 22.30 -11.14 -0.01
N VAL A 322 22.73 -12.23 0.62
CA VAL A 322 21.92 -13.43 0.80
C VAL A 322 22.17 -13.94 2.21
N LYS A 323 21.08 -14.25 2.92
CA LYS A 323 21.14 -14.67 4.32
C LYS A 323 21.38 -16.19 4.39
N SER A 324 22.62 -16.57 4.11
CA SER A 324 23.04 -17.96 4.06
C SER A 324 24.45 -18.09 4.61
N ASN A 325 24.77 -19.30 5.09
CA ASN A 325 26.07 -19.59 5.68
C ASN A 325 26.98 -20.38 4.75
N LYS A 326 26.43 -21.14 3.80
CA LYS A 326 27.22 -21.93 2.87
C LYS A 326 26.53 -21.86 1.52
N LEU A 327 27.18 -21.22 0.54
CA LEU A 327 26.65 -21.01 -0.80
C LEU A 327 27.81 -21.25 -1.76
N VAL A 328 27.97 -22.51 -2.20
CA VAL A 328 29.12 -22.95 -2.99
C VAL A 328 28.60 -23.66 -4.24
N LEU A 329 29.21 -23.34 -5.39
CA LEU A 329 28.92 -24.01 -6.65
C LEU A 329 29.92 -25.12 -6.89
N ALA A 330 29.42 -26.27 -7.32
CA ALA A 330 30.25 -27.43 -7.65
C ALA A 330 30.76 -27.23 -9.08
N THR A 331 31.88 -26.54 -9.21
CA THR A 331 32.54 -26.32 -10.49
C THR A 331 33.58 -27.40 -10.80
N GLY A 332 33.37 -28.61 -10.28
CA GLY A 332 34.31 -29.69 -10.46
C GLY A 332 33.59 -31.02 -10.45
N LEU A 333 34.35 -32.09 -10.58
CA LEU A 333 33.84 -33.44 -10.69
C LEU A 333 33.88 -34.13 -9.33
N ARG A 334 33.02 -35.14 -9.18
CA ARG A 334 32.96 -35.89 -7.92
C ARG A 334 34.26 -36.64 -7.67
N ILE B 19 19.05 -49.50 -42.55
CA ILE B 19 18.20 -48.40 -42.10
C ILE B 19 19.12 -47.42 -41.37
N CYS B 20 18.53 -46.39 -40.76
CA CYS B 20 19.22 -45.47 -39.86
C CYS B 20 18.14 -44.84 -39.00
N ILE B 21 18.56 -44.30 -37.85
CA ILE B 21 17.68 -43.59 -36.94
C ILE B 21 18.31 -42.24 -36.65
N GLY B 22 17.47 -41.24 -36.41
CA GLY B 22 17.97 -39.88 -36.22
C GLY B 22 16.95 -38.89 -35.73
N TYR B 23 16.86 -37.75 -36.39
CA TYR B 23 15.97 -36.67 -35.96
C TYR B 23 15.90 -35.62 -37.06
N HIS B 24 14.96 -34.68 -36.89
CA HIS B 24 14.64 -33.70 -37.91
C HIS B 24 15.60 -32.51 -37.86
N ALA B 25 15.88 -31.94 -39.03
CA ALA B 25 16.69 -30.75 -39.17
C ALA B 25 16.07 -29.84 -40.22
N ASN B 26 16.44 -28.58 -40.19
CA ASN B 26 15.91 -27.59 -41.14
C ASN B 26 16.93 -26.46 -41.30
N ASN B 27 16.50 -25.36 -41.92
CA ASN B 27 17.32 -24.18 -42.14
C ASN B 27 17.02 -23.06 -41.15
N SER B 28 16.31 -23.34 -40.06
CA SER B 28 15.88 -22.30 -39.15
C SER B 28 17.07 -21.69 -38.42
N THR B 29 17.13 -20.35 -38.42
CA THR B 29 18.16 -19.61 -37.72
C THR B 29 17.73 -19.20 -36.31
N GLU B 30 16.64 -19.79 -35.78
CA GLU B 30 16.16 -19.45 -34.46
C GLU B 30 17.18 -19.86 -33.40
N GLN B 31 17.52 -18.91 -32.52
CA GLN B 31 18.52 -19.11 -31.48
C GLN B 31 17.87 -19.03 -30.11
N VAL B 32 18.43 -19.78 -29.16
CA VAL B 32 17.85 -19.95 -27.83
C VAL B 32 18.95 -19.81 -26.78
N ASP B 33 18.61 -19.18 -25.66
CA ASP B 33 19.49 -19.13 -24.50
C ASP B 33 19.29 -20.39 -23.66
N THR B 34 20.40 -20.98 -23.23
CA THR B 34 20.41 -22.08 -22.27
C THR B 34 21.46 -21.79 -21.21
N ILE B 35 21.39 -22.54 -20.11
CA ILE B 35 22.20 -22.21 -18.94
C ILE B 35 23.69 -22.43 -19.21
N MET B 36 24.03 -23.46 -19.99
CA MET B 36 25.40 -23.76 -20.38
C MET B 36 25.73 -23.34 -21.82
N GLU B 37 24.79 -22.75 -22.54
CA GLU B 37 25.05 -22.31 -23.92
C GLU B 37 24.06 -21.20 -24.25
N LYS B 38 24.57 -20.04 -24.63
CA LYS B 38 23.76 -18.82 -24.75
C LYS B 38 23.30 -18.53 -26.18
N ASN B 39 23.63 -19.38 -27.16
CA ASN B 39 23.17 -19.20 -28.53
C ASN B 39 23.12 -20.59 -29.17
N VAL B 40 21.93 -21.17 -29.22
CA VAL B 40 21.72 -22.55 -29.65
C VAL B 40 20.74 -22.52 -30.82
N THR B 41 21.22 -22.91 -32.00
CA THR B 41 20.38 -22.89 -33.21
C THR B 41 19.38 -24.03 -33.14
N VAL B 42 18.10 -23.69 -32.97
CA VAL B 42 17.04 -24.66 -32.76
C VAL B 42 16.17 -24.72 -34.01
N THR B 43 15.48 -25.86 -34.18
CA THR B 43 14.57 -26.01 -35.30
C THR B 43 13.41 -25.02 -35.22
N HIS B 44 12.73 -24.97 -34.08
CA HIS B 44 11.62 -24.05 -33.85
C HIS B 44 11.69 -23.51 -32.43
N ALA B 45 11.16 -22.31 -32.25
CA ALA B 45 11.10 -21.66 -30.94
C ALA B 45 9.90 -20.74 -30.90
N GLN B 46 9.28 -20.66 -29.72
CA GLN B 46 8.08 -19.85 -29.50
C GLN B 46 8.48 -18.63 -28.67
N ASP B 47 8.55 -17.47 -29.32
CA ASP B 47 8.77 -16.22 -28.62
C ASP B 47 7.55 -15.91 -27.76
N ILE B 48 7.77 -15.73 -26.46
CA ILE B 48 6.70 -15.49 -25.49
C ILE B 48 6.72 -14.04 -24.98
N LEU B 49 7.43 -13.13 -25.65
CA LEU B 49 7.54 -11.73 -25.26
C LEU B 49 7.15 -10.86 -26.44
N GLU B 50 6.16 -9.99 -26.22
CA GLU B 50 5.75 -9.01 -27.23
C GLU B 50 6.59 -7.74 -27.03
N LYS B 51 7.31 -7.36 -28.10
CA LYS B 51 8.27 -6.26 -28.04
C LYS B 51 7.81 -5.04 -28.84
N THR B 52 6.53 -4.96 -29.21
CA THR B 52 6.03 -3.89 -30.05
C THR B 52 4.70 -3.39 -29.51
N HIS B 53 4.40 -2.13 -29.84
CA HIS B 53 3.17 -1.46 -29.43
C HIS B 53 2.70 -0.58 -30.58
N ASN B 54 1.40 -0.27 -30.58
CA ASN B 54 0.86 0.58 -31.63
C ASN B 54 1.40 2.00 -31.58
N GLY B 55 1.84 2.46 -30.40
CA GLY B 55 2.43 3.77 -30.26
C GLY B 55 1.45 4.92 -30.15
N LYS B 56 0.17 4.64 -29.95
CA LYS B 56 -0.85 5.68 -29.82
C LYS B 56 -1.98 5.15 -28.96
N LEU B 57 -2.60 6.05 -28.20
CA LEU B 57 -3.66 5.66 -27.28
C LEU B 57 -4.88 5.18 -28.05
N CYS B 58 -5.48 4.09 -27.57
CA CYS B 58 -6.63 3.45 -28.18
C CYS B 58 -7.77 3.38 -27.17
N ASP B 59 -8.94 2.97 -27.66
CA ASP B 59 -10.15 2.86 -26.85
C ASP B 59 -10.17 1.48 -26.20
N LEU B 60 -10.08 1.44 -24.87
CA LEU B 60 -10.10 0.17 -24.16
C LEU B 60 -11.52 -0.37 -24.13
N ASN B 61 -11.78 -1.40 -24.95
CA ASN B 61 -13.09 -2.04 -25.03
C ASN B 61 -14.19 -1.04 -25.43
N GLY B 62 -13.85 -0.13 -26.34
CA GLY B 62 -14.83 0.73 -26.96
C GLY B 62 -15.10 2.04 -26.26
N VAL B 63 -14.70 2.18 -24.99
CA VAL B 63 -14.94 3.38 -24.21
C VAL B 63 -13.68 4.24 -24.28
N LYS B 64 -13.80 5.43 -24.86
CA LYS B 64 -12.63 6.25 -25.09
C LYS B 64 -12.15 6.86 -23.76
N PRO B 65 -10.84 7.08 -23.59
CA PRO B 65 -10.36 7.64 -22.33
C PRO B 65 -10.71 9.11 -22.18
N LEU B 66 -10.56 9.59 -20.95
CA LEU B 66 -10.63 11.02 -20.64
C LEU B 66 -9.21 11.56 -20.73
N ILE B 67 -8.89 12.19 -21.84
CA ILE B 67 -7.54 12.69 -22.13
C ILE B 67 -7.51 14.15 -21.71
N LEU B 68 -7.00 14.41 -20.50
CA LEU B 68 -6.87 15.77 -19.98
C LEU B 68 -5.64 16.40 -20.64
N LYS B 69 -5.85 16.92 -21.84
CA LYS B 69 -4.75 17.50 -22.61
C LYS B 69 -4.35 18.84 -21.98
N ASP B 70 -3.10 18.91 -21.52
CA ASP B 70 -2.57 20.10 -20.83
C ASP B 70 -3.46 20.48 -19.65
N CYS B 71 -3.91 19.47 -18.91
CA CYS B 71 -4.80 19.67 -17.77
C CYS B 71 -4.54 18.57 -16.76
N SER B 72 -4.89 18.85 -15.51
CA SER B 72 -4.67 17.95 -14.37
C SER B 72 -6.01 17.51 -13.79
N VAL B 73 -5.93 16.55 -12.87
CA VAL B 73 -7.12 16.10 -12.15
C VAL B 73 -7.67 17.25 -11.31
N ALA B 74 -6.79 18.00 -10.64
CA ALA B 74 -7.24 19.14 -9.85
C ALA B 74 -7.87 20.21 -10.75
N GLY B 75 -7.23 20.52 -11.88
CA GLY B 75 -7.77 21.52 -12.78
C GLY B 75 -9.09 21.11 -13.39
N TRP B 76 -9.23 19.82 -13.72
CA TRP B 76 -10.50 19.35 -14.27
C TRP B 76 -11.59 19.36 -13.21
N LEU B 77 -11.29 18.84 -12.02
CA LEU B 77 -12.32 18.70 -10.99
C LEU B 77 -12.76 20.05 -10.45
N LEU B 78 -11.82 20.96 -10.21
CA LEU B 78 -12.18 22.29 -9.73
C LEU B 78 -12.72 23.18 -10.84
N GLY B 79 -12.51 22.82 -12.10
CA GLY B 79 -13.08 23.58 -13.20
C GLY B 79 -12.22 24.75 -13.63
N ASN B 80 -10.98 24.48 -14.01
CA ASN B 80 -10.07 25.52 -14.45
C ASN B 80 -10.64 26.22 -15.69
N PRO B 81 -10.53 27.56 -15.80
CA PRO B 81 -11.10 28.21 -17.00
C PRO B 81 -10.47 27.77 -18.30
N MET B 82 -9.17 27.43 -18.31
CA MET B 82 -8.55 26.96 -19.53
C MET B 82 -8.95 25.54 -19.86
N CYS B 83 -9.28 24.73 -18.84
CA CYS B 83 -9.74 23.37 -19.03
C CYS B 83 -11.26 23.32 -19.09
N ASP B 84 -11.86 24.13 -19.97
CA ASP B 84 -13.30 24.21 -20.15
C ASP B 84 -13.83 23.24 -21.19
N GLU B 85 -12.96 22.47 -21.85
CA GLU B 85 -13.43 21.42 -22.75
C GLU B 85 -14.06 20.25 -22.01
N PHE B 86 -13.88 20.15 -20.69
CA PHE B 86 -14.33 19.02 -19.90
C PHE B 86 -15.49 19.38 -18.98
N ILE B 87 -16.32 20.33 -19.41
CA ILE B 87 -17.50 20.69 -18.63
C ILE B 87 -18.45 19.50 -18.55
N ARG B 88 -18.69 18.83 -19.68
CA ARG B 88 -19.42 17.58 -19.74
C ARG B 88 -18.45 16.50 -20.22
N VAL B 89 -18.32 15.43 -19.44
CA VAL B 89 -17.39 14.34 -19.69
C VAL B 89 -18.20 13.05 -19.79
N PRO B 90 -18.22 12.34 -20.94
CA PRO B 90 -18.89 11.03 -20.95
C PRO B 90 -18.12 9.99 -20.17
N GLU B 91 -18.61 8.75 -20.16
CA GLU B 91 -17.91 7.68 -19.46
C GLU B 91 -16.55 7.44 -20.08
N TRP B 92 -15.58 7.10 -19.23
CA TRP B 92 -14.20 6.89 -19.64
C TRP B 92 -13.68 5.57 -19.07
N SER B 93 -12.75 4.96 -19.80
CA SER B 93 -12.11 3.73 -19.38
C SER B 93 -10.84 3.98 -18.56
N TYR B 94 -10.17 5.10 -18.81
CA TYR B 94 -8.98 5.47 -18.04
C TYR B 94 -8.66 6.92 -18.32
N ILE B 95 -8.22 7.64 -17.29
CA ILE B 95 -7.84 9.04 -17.43
C ILE B 95 -6.40 9.10 -17.90
N VAL B 96 -6.09 10.08 -18.74
CA VAL B 96 -4.73 10.29 -19.27
C VAL B 96 -4.33 11.72 -18.96
N GLU B 97 -3.16 11.87 -18.34
CA GLU B 97 -2.63 13.18 -17.95
C GLU B 97 -1.17 13.25 -18.37
N ARG B 98 -0.70 14.47 -18.65
CA ARG B 98 0.69 14.65 -19.04
C ARG B 98 1.58 14.67 -17.80
N ASP B 99 2.90 14.64 -18.03
CA ASP B 99 3.84 14.57 -16.91
C ASP B 99 3.82 15.86 -16.11
N ASN B 100 3.80 17.01 -16.79
CA ASN B 100 3.77 18.33 -16.15
C ASN B 100 2.70 19.18 -16.82
N PRO B 101 1.43 19.00 -16.45
CA PRO B 101 0.37 19.83 -17.04
C PRO B 101 0.58 21.31 -16.72
N ALA B 102 0.34 22.15 -17.73
CA ALA B 102 0.49 23.59 -17.55
C ALA B 102 -0.68 24.19 -16.77
N ASN B 103 -1.89 23.70 -17.03
CA ASN B 103 -3.12 24.26 -16.46
C ASN B 103 -3.52 23.38 -15.28
N ASP B 104 -3.10 23.79 -14.08
CA ASP B 104 -3.35 23.00 -12.88
C ASP B 104 -3.32 23.94 -11.69
N LEU B 105 -4.49 24.20 -11.11
CA LEU B 105 -4.63 25.14 -9.99
C LEU B 105 -4.06 26.51 -10.40
N CYS B 106 -4.78 27.14 -11.35
CA CYS B 106 -4.34 28.41 -11.93
C CYS B 106 -4.08 29.46 -10.86
N TYR B 107 -5.01 29.61 -9.92
CA TYR B 107 -4.70 30.37 -8.73
C TYR B 107 -3.75 29.56 -7.85
N PRO B 108 -2.75 30.18 -7.21
CA PRO B 108 -1.87 29.41 -6.32
C PRO B 108 -2.63 28.77 -5.18
N GLY B 109 -2.19 27.57 -4.80
CA GLY B 109 -2.83 26.84 -3.73
C GLY B 109 -2.43 25.37 -3.78
N SER B 110 -3.21 24.55 -3.09
CA SER B 110 -2.96 23.11 -3.04
C SER B 110 -4.23 22.41 -2.60
N LEU B 111 -4.67 21.42 -3.36
CA LEU B 111 -5.82 20.62 -3.01
C LEU B 111 -5.41 19.59 -1.94
N ASN B 112 -6.05 19.65 -0.78
CA ASN B 112 -5.70 18.74 0.29
C ASN B 112 -6.10 17.31 -0.06
N ASP B 113 -5.23 16.37 0.27
CA ASP B 113 -5.42 14.95 -0.05
C ASP B 113 -5.65 14.77 -1.55
N TYR B 114 -4.83 15.47 -2.34
CA TYR B 114 -4.91 15.35 -3.79
C TYR B 114 -4.63 13.94 -4.24
N GLU B 115 -3.59 13.31 -3.69
CA GLU B 115 -3.21 11.98 -4.12
C GLU B 115 -4.25 10.95 -3.70
N GLU B 116 -4.89 11.13 -2.53
CA GLU B 116 -5.99 10.25 -2.16
C GLU B 116 -7.20 10.45 -3.08
N LEU B 117 -7.44 11.69 -3.50
CA LEU B 117 -8.52 11.93 -4.45
C LEU B 117 -8.25 11.23 -5.78
N LYS B 118 -7.00 11.27 -6.24
CA LYS B 118 -6.63 10.54 -7.44
C LYS B 118 -6.76 9.04 -7.26
N HIS B 119 -6.42 8.54 -6.06
CA HIS B 119 -6.57 7.11 -5.79
C HIS B 119 -8.02 6.68 -5.86
N LEU B 120 -8.92 7.46 -5.26
CA LEU B 120 -10.35 7.16 -5.35
C LEU B 120 -10.85 7.30 -6.78
N LEU B 121 -10.36 8.31 -7.50
CA LEU B 121 -10.75 8.53 -8.89
C LEU B 121 -10.31 7.37 -9.77
N SER B 122 -9.23 6.67 -9.40
CA SER B 122 -8.79 5.52 -10.18
C SER B 122 -9.80 4.38 -10.19
N ARG B 123 -10.74 4.34 -9.23
CA ARG B 123 -11.81 3.35 -9.19
C ARG B 123 -13.10 3.82 -9.83
N ILE B 124 -13.19 5.08 -10.26
CA ILE B 124 -14.44 5.69 -10.74
C ILE B 124 -14.39 5.75 -12.25
N ASN B 125 -15.50 5.37 -12.90
CA ASN B 125 -15.63 5.37 -14.35
C ASN B 125 -16.57 6.43 -14.90
N HIS B 126 -17.36 7.10 -14.07
CA HIS B 126 -18.21 8.16 -14.60
C HIS B 126 -18.62 9.13 -13.50
N PHE B 127 -18.59 10.41 -13.84
CA PHE B 127 -19.14 11.50 -13.05
C PHE B 127 -20.34 12.11 -13.76
N GLU B 128 -21.39 12.38 -13.00
CA GLU B 128 -22.55 13.14 -13.46
C GLU B 128 -22.59 14.43 -12.64
N LYS B 129 -21.96 15.47 -13.19
CA LYS B 129 -21.91 16.75 -12.51
C LYS B 129 -23.31 17.33 -12.37
N ILE B 130 -23.65 17.74 -11.14
CA ILE B 130 -24.94 18.32 -10.82
C ILE B 130 -24.72 19.63 -10.05
N LEU B 131 -25.67 20.55 -10.22
CA LEU B 131 -25.61 21.86 -9.57
C LEU B 131 -26.25 21.73 -8.21
N ILE B 132 -25.42 21.60 -7.16
CA ILE B 132 -25.93 21.38 -5.81
C ILE B 132 -26.28 22.68 -5.10
N ILE B 133 -25.52 23.75 -5.35
CA ILE B 133 -25.72 25.05 -4.72
C ILE B 133 -25.77 26.10 -5.82
N PRO B 134 -26.94 26.48 -6.34
CA PRO B 134 -26.99 27.52 -7.36
C PRO B 134 -26.47 28.86 -6.83
N LYS B 135 -26.01 29.70 -7.77
CA LYS B 135 -25.52 31.02 -7.39
C LYS B 135 -26.60 31.91 -6.80
N SER B 136 -27.88 31.59 -7.02
CA SER B 136 -28.97 32.31 -6.38
C SER B 136 -29.09 32.02 -4.89
N SER B 137 -28.34 31.05 -4.36
CA SER B 137 -28.31 30.75 -2.94
C SER B 137 -27.36 31.65 -2.14
N TRP B 138 -26.99 32.81 -2.67
CA TRP B 138 -26.07 33.75 -2.02
C TRP B 138 -26.66 35.16 -2.11
N PRO B 139 -27.77 35.42 -1.42
CA PRO B 139 -28.41 36.74 -1.57
C PRO B 139 -27.59 37.88 -1.00
N ASN B 140 -26.84 37.65 0.08
CA ASN B 140 -26.16 38.70 0.81
C ASN B 140 -24.66 38.74 0.55
N HIS B 141 -24.17 38.07 -0.49
CA HIS B 141 -22.76 38.07 -0.85
C HIS B 141 -22.63 38.23 -2.35
N GLU B 142 -21.50 38.80 -2.78
CA GLU B 142 -21.20 38.94 -4.19
C GLU B 142 -20.63 37.64 -4.75
N THR B 143 -21.18 37.21 -5.88
CA THR B 143 -20.76 35.99 -6.57
C THR B 143 -20.08 36.24 -7.90
N SER B 144 -20.23 37.45 -8.47
CA SER B 144 -19.71 37.77 -9.80
C SER B 144 -18.36 38.48 -9.77
N LEU B 145 -17.92 38.98 -8.61
CA LEU B 145 -16.64 39.66 -8.48
C LEU B 145 -15.50 38.73 -8.10
N GLY B 146 -15.78 37.43 -7.90
CA GLY B 146 -14.73 36.50 -7.57
C GLY B 146 -13.94 36.05 -8.77
N VAL B 147 -13.12 36.97 -9.30
CA VAL B 147 -12.32 36.74 -10.50
C VAL B 147 -10.90 37.19 -10.22
N SER B 148 -9.95 36.48 -10.81
CA SER B 148 -8.53 36.79 -10.69
C SER B 148 -7.88 36.69 -12.06
N ALA B 149 -6.75 37.38 -12.21
CA ALA B 149 -5.95 37.30 -13.43
C ALA B 149 -5.09 36.05 -13.48
N ALA B 150 -4.84 35.40 -12.35
CA ALA B 150 -4.10 34.14 -12.35
C ALA B 150 -4.87 33.06 -13.09
N CYS B 151 -6.20 33.15 -13.13
CA CYS B 151 -7.07 32.22 -13.86
C CYS B 151 -7.77 33.01 -14.98
N PRO B 152 -7.12 33.25 -16.11
CA PRO B 152 -7.78 33.99 -17.18
C PRO B 152 -8.55 33.10 -18.14
N TYR B 153 -9.63 33.65 -18.69
CA TYR B 153 -10.39 33.03 -19.76
C TYR B 153 -10.45 34.00 -20.93
N GLN B 154 -9.94 33.57 -22.08
CA GLN B 154 -9.87 34.41 -23.28
C GLN B 154 -9.14 35.72 -23.00
N GLY B 155 -8.11 35.65 -22.18
CA GLY B 155 -7.34 36.81 -21.76
C GLY B 155 -7.88 37.53 -20.55
N ALA B 156 -9.20 37.71 -20.49
CA ALA B 156 -9.80 38.45 -19.39
C ALA B 156 -9.75 37.62 -18.10
N PRO B 157 -9.83 38.27 -16.93
CA PRO B 157 -9.72 37.51 -15.68
C PRO B 157 -10.93 36.61 -15.47
N SER B 158 -10.71 35.53 -14.72
CA SER B 158 -11.77 34.57 -14.44
C SER B 158 -11.40 33.78 -13.18
N PHE B 159 -12.11 32.68 -12.93
CA PHE B 159 -11.90 31.89 -11.74
C PHE B 159 -12.47 30.49 -12.01
N PHE B 160 -12.08 29.54 -11.14
CA PHE B 160 -12.57 28.16 -11.19
C PHE B 160 -14.10 28.11 -11.34
N ARG B 161 -14.57 27.20 -12.18
CA ARG B 161 -15.97 27.17 -12.58
C ARG B 161 -16.85 26.38 -11.63
N ASN B 162 -16.30 25.39 -10.92
CA ASN B 162 -17.07 24.53 -10.04
C ASN B 162 -17.12 25.02 -8.60
N VAL B 163 -16.50 26.15 -8.29
CA VAL B 163 -16.56 26.75 -6.96
C VAL B 163 -16.69 28.26 -7.11
N VAL B 164 -17.38 28.87 -6.15
CA VAL B 164 -17.69 30.31 -6.18
C VAL B 164 -16.88 30.98 -5.08
N TRP B 165 -16.09 31.98 -5.47
CA TRP B 165 -15.34 32.81 -4.54
C TRP B 165 -16.27 33.94 -4.09
N LEU B 166 -16.79 33.82 -2.87
CA LEU B 166 -17.75 34.78 -2.34
C LEU B 166 -17.03 35.97 -1.74
N ILE B 167 -17.52 37.17 -2.05
CA ILE B 167 -16.92 38.44 -1.65
C ILE B 167 -18.01 39.28 -1.00
N LYS B 168 -17.59 40.19 -0.12
CA LYS B 168 -18.46 41.12 0.59
C LYS B 168 -19.45 41.81 -0.33
N LYS B 169 -20.66 42.03 0.18
CA LYS B 169 -21.66 42.88 -0.45
C LYS B 169 -22.15 43.90 0.56
N ASP B 170 -22.34 45.13 0.10
CA ASP B 170 -22.74 46.26 0.95
C ASP B 170 -21.75 46.46 2.09
N ASP B 171 -20.47 46.20 1.82
CA ASP B 171 -19.41 46.29 2.82
C ASP B 171 -19.70 45.38 4.02
N ALA B 172 -20.19 44.17 3.75
CA ALA B 172 -20.54 43.24 4.79
C ALA B 172 -20.46 41.82 4.27
N TYR B 173 -20.31 40.88 5.21
CA TYR B 173 -20.22 39.45 4.91
C TYR B 173 -20.99 38.70 5.98
N PRO B 174 -22.31 38.52 5.81
CA PRO B 174 -23.08 37.76 6.80
C PRO B 174 -22.63 36.31 6.90
N THR B 175 -22.86 35.73 8.07
CA THR B 175 -22.44 34.36 8.34
C THR B 175 -23.17 33.38 7.44
N ILE B 176 -22.43 32.76 6.53
CA ILE B 176 -23.00 31.72 5.67
C ILE B 176 -23.33 30.50 6.51
N LYS B 177 -24.51 29.92 6.29
CA LYS B 177 -24.91 28.67 6.91
C LYS B 177 -25.80 27.93 5.92
N ILE B 178 -25.26 26.91 5.25
CA ILE B 178 -25.99 26.15 4.24
C ILE B 178 -25.78 24.66 4.49
N SER B 179 -26.86 23.89 4.45
CA SER B 179 -26.84 22.45 4.60
C SER B 179 -27.38 21.81 3.33
N TYR B 180 -26.62 20.89 2.76
CA TYR B 180 -27.01 20.13 1.58
C TYR B 180 -27.16 18.67 1.95
N ASN B 181 -28.33 18.10 1.71
CA ASN B 181 -28.66 16.72 2.02
C ASN B 181 -28.66 15.93 0.71
N ASN B 182 -27.97 14.79 0.71
CA ASN B 182 -27.89 13.94 -0.48
C ASN B 182 -29.17 13.12 -0.59
N THR B 183 -30.04 13.53 -1.52
CA THR B 183 -31.26 12.78 -1.83
C THR B 183 -31.06 11.76 -2.94
N ASN B 184 -29.91 11.73 -3.60
CA ASN B 184 -29.64 10.77 -4.65
C ASN B 184 -29.16 9.45 -4.07
N ARG B 185 -29.17 8.42 -4.91
CA ARG B 185 -28.74 7.08 -4.52
C ARG B 185 -27.25 6.85 -4.76
N GLU B 186 -26.48 7.92 -5.00
CA GLU B 186 -25.08 7.83 -5.37
C GLU B 186 -24.24 8.78 -4.53
N ASP B 187 -22.97 8.44 -4.37
CA ASP B 187 -22.05 9.27 -3.63
C ASP B 187 -21.79 10.57 -4.39
N LEU B 188 -21.57 11.66 -3.63
CA LEU B 188 -21.29 12.98 -4.19
C LEU B 188 -19.92 13.45 -3.74
N LEU B 189 -19.05 13.76 -4.70
CA LEU B 189 -17.74 14.32 -4.42
C LEU B 189 -17.89 15.84 -4.40
N ILE B 190 -17.84 16.44 -3.21
CA ILE B 190 -18.07 17.86 -3.01
C ILE B 190 -16.73 18.51 -2.70
N LEU B 191 -16.40 19.55 -3.46
CA LEU B 191 -15.16 20.31 -3.31
C LEU B 191 -15.45 21.73 -2.84
N TRP B 192 -14.67 22.19 -1.86
CA TRP B 192 -14.69 23.57 -1.41
C TRP B 192 -13.25 24.01 -1.22
N GLY B 193 -13.06 25.16 -0.58
CA GLY B 193 -11.70 25.60 -0.28
C GLY B 193 -11.70 26.77 0.67
N ILE B 194 -10.49 27.12 1.11
CA ILE B 194 -10.24 28.28 1.98
C ILE B 194 -9.18 29.14 1.31
N HIS B 195 -9.46 30.44 1.22
CA HIS B 195 -8.53 31.40 0.64
C HIS B 195 -7.64 31.97 1.75
N HIS B 196 -6.33 31.91 1.55
CA HIS B 196 -5.34 32.46 2.47
C HIS B 196 -4.90 33.79 1.90
N SER B 197 -5.28 34.87 2.58
CA SER B 197 -5.16 36.22 2.04
C SER B 197 -3.73 36.73 2.14
N ASN B 198 -3.49 37.85 1.45
CA ASN B 198 -2.16 38.44 1.40
C ASN B 198 -1.82 39.15 2.70
N ASN B 199 -2.77 39.90 3.26
CA ASN B 199 -2.55 40.72 4.44
C ASN B 199 -3.90 41.09 5.04
N ALA B 200 -3.86 41.71 6.22
CA ALA B 200 -5.09 42.05 6.93
C ALA B 200 -5.92 43.06 6.16
N GLU B 201 -5.27 44.06 5.55
CA GLU B 201 -6.03 45.05 4.78
C GLU B 201 -6.70 44.39 3.57
N GLU B 202 -6.04 43.42 2.95
CA GLU B 202 -6.72 42.67 1.89
C GLU B 202 -7.89 41.87 2.46
N GLN B 203 -7.73 41.32 3.66
CA GLN B 203 -8.80 40.52 4.26
C GLN B 203 -10.04 41.36 4.49
N THR B 204 -9.87 42.57 5.04
CA THR B 204 -11.04 43.43 5.23
C THR B 204 -11.51 44.04 3.91
N ASN B 205 -10.66 44.11 2.89
CA ASN B 205 -11.10 44.56 1.57
C ASN B 205 -11.94 43.51 0.86
N LEU B 206 -11.76 42.22 1.18
CA LEU B 206 -12.50 41.13 0.54
C LEU B 206 -13.65 40.60 1.37
N TYR B 207 -13.55 40.59 2.71
CA TYR B 207 -14.50 39.90 3.57
C TYR B 207 -15.02 40.72 4.76
N LYS B 208 -14.35 41.80 5.14
CA LYS B 208 -14.79 42.66 6.25
C LYS B 208 -14.89 41.84 7.55
N ASN B 209 -13.90 40.98 7.78
CA ASN B 209 -13.85 40.18 9.00
C ASN B 209 -12.40 39.78 9.24
N PRO B 210 -11.72 40.25 10.32
CA PRO B 210 -10.33 39.85 10.52
C PRO B 210 -10.18 38.36 10.85
N THR B 211 -10.94 37.88 11.83
CA THR B 211 -10.87 36.49 12.29
C THR B 211 -12.03 35.73 11.69
N THR B 212 -11.74 34.94 10.65
CA THR B 212 -12.73 34.16 9.91
C THR B 212 -12.48 32.67 10.12
N TYR B 213 -13.39 31.86 9.60
CA TYR B 213 -13.29 30.41 9.73
C TYR B 213 -14.17 29.77 8.65
N ILE B 214 -14.03 28.46 8.53
CA ILE B 214 -14.94 27.63 7.74
C ILE B 214 -15.13 26.35 8.54
N SER B 215 -16.34 26.11 9.03
CA SER B 215 -16.69 24.92 9.79
C SER B 215 -17.54 24.03 8.90
N VAL B 216 -17.00 22.87 8.53
CA VAL B 216 -17.70 21.88 7.71
C VAL B 216 -18.01 20.69 8.59
N GLY B 217 -19.23 20.15 8.45
CA GLY B 217 -19.66 19.03 9.26
C GLY B 217 -20.43 17.99 8.48
N THR B 218 -20.16 16.72 8.78
CA THR B 218 -20.82 15.59 8.17
C THR B 218 -20.93 14.52 9.26
N SER B 219 -21.51 13.37 8.92
CA SER B 219 -21.55 12.26 9.87
C SER B 219 -20.15 11.82 10.29
N THR B 220 -19.18 11.92 9.38
CA THR B 220 -17.77 11.60 9.65
C THR B 220 -16.89 12.83 9.76
N LEU B 221 -17.02 13.75 8.80
CA LEU B 221 -16.16 14.93 8.75
C LEU B 221 -16.55 15.94 9.81
N ASN B 222 -15.55 16.41 10.56
CA ASN B 222 -15.70 17.51 11.52
C ASN B 222 -14.48 18.40 11.33
N GLN B 223 -14.60 19.37 10.42
CA GLN B 223 -13.48 20.18 9.97
C GLN B 223 -13.68 21.63 10.36
N ARG B 224 -12.61 22.27 10.81
CA ARG B 224 -12.54 23.71 10.96
C ARG B 224 -11.27 24.20 10.25
N LEU B 225 -11.41 25.30 9.51
CA LEU B 225 -10.34 25.84 8.68
C LEU B 225 -10.21 27.33 8.96
N VAL B 226 -9.06 27.73 9.49
CA VAL B 226 -8.75 29.13 9.80
C VAL B 226 -7.76 29.60 8.74
N PRO B 227 -7.85 30.82 8.21
CA PRO B 227 -6.88 31.25 7.19
C PRO B 227 -5.49 31.43 7.79
N LYS B 228 -4.53 31.69 6.89
CA LYS B 228 -3.12 31.89 7.22
C LYS B 228 -2.70 33.16 6.49
N ILE B 229 -2.92 34.30 7.13
CA ILE B 229 -2.61 35.60 6.53
C ILE B 229 -1.11 35.85 6.75
N ALA B 230 -0.34 35.79 5.66
CA ALA B 230 1.11 35.86 5.75
C ALA B 230 1.67 36.37 4.43
N THR B 231 2.99 36.54 4.39
CA THR B 231 3.72 36.94 3.21
C THR B 231 4.29 35.71 2.53
N ARG B 232 4.10 35.60 1.21
CA ARG B 232 4.54 34.45 0.42
C ARG B 232 5.16 35.00 -0.86
N SER B 233 5.47 34.10 -1.80
CA SER B 233 6.10 34.45 -3.06
C SER B 233 5.04 34.60 -4.16
N GLN B 234 5.47 35.20 -5.28
CA GLN B 234 4.59 35.44 -6.43
C GLN B 234 4.72 34.30 -7.42
N VAL B 235 3.96 33.24 -7.18
CA VAL B 235 3.70 32.22 -8.18
C VAL B 235 2.41 32.58 -8.91
N ASN B 236 2.47 32.59 -10.24
CA ASN B 236 1.35 33.00 -11.11
C ASN B 236 0.89 34.44 -10.84
N GLY B 237 1.76 35.28 -10.25
CA GLY B 237 1.45 36.68 -10.06
C GLY B 237 0.58 37.02 -8.87
N GLN B 238 0.29 36.05 -8.00
CA GLN B 238 -0.54 36.28 -6.81
C GLN B 238 0.14 35.66 -5.60
N ARG B 239 -0.05 36.31 -4.44
CA ARG B 239 0.55 35.89 -3.18
C ARG B 239 -0.50 35.42 -2.17
N GLY B 240 -1.66 34.97 -2.65
CA GLY B 240 -2.67 34.33 -1.82
C GLY B 240 -2.83 32.89 -2.25
N ARG B 241 -3.21 32.04 -1.31
CA ARG B 241 -3.17 30.58 -1.50
C ARG B 241 -4.53 29.99 -1.20
N MET B 242 -5.19 29.42 -2.21
CA MET B 242 -6.48 28.76 -2.03
C MET B 242 -6.24 27.28 -1.78
N ASP B 243 -6.28 26.90 -0.51
CA ASP B 243 -6.17 25.50 -0.12
C ASP B 243 -7.54 24.86 -0.29
N PHE B 244 -7.66 24.00 -1.30
CA PHE B 244 -8.92 23.34 -1.60
C PHE B 244 -9.03 22.02 -0.85
N PHE B 245 -10.26 21.65 -0.53
CA PHE B 245 -10.58 20.44 0.20
C PHE B 245 -11.73 19.74 -0.49
N TRP B 246 -11.86 18.44 -0.23
CA TRP B 246 -12.89 17.61 -0.85
C TRP B 246 -13.43 16.64 0.18
N THR B 247 -14.63 16.13 -0.09
CA THR B 247 -15.19 15.04 0.70
C THR B 247 -16.14 14.25 -0.19
N ILE B 248 -16.45 13.03 0.27
CA ILE B 248 -17.41 12.16 -0.39
C ILE B 248 -18.60 12.00 0.56
N LEU B 249 -19.78 12.35 0.07
CA LEU B 249 -21.01 12.39 0.84
C LEU B 249 -21.88 11.21 0.41
N LYS B 250 -22.26 10.38 1.39
CA LYS B 250 -23.02 9.16 1.16
C LYS B 250 -24.49 9.48 0.95
N PRO B 251 -25.28 8.54 0.42
CA PRO B 251 -26.73 8.78 0.32
C PRO B 251 -27.36 8.95 1.69
N ASP B 252 -28.37 9.82 1.76
CA ASP B 252 -29.05 10.17 3.00
C ASP B 252 -28.08 10.73 4.06
N ASP B 253 -27.03 11.40 3.60
CA ASP B 253 -26.05 12.07 4.45
C ASP B 253 -25.98 13.54 4.03
N ALA B 254 -25.87 14.41 5.02
CA ALA B 254 -25.94 15.85 4.82
C ALA B 254 -24.63 16.50 5.22
N ILE B 255 -24.13 17.39 4.36
CA ILE B 255 -22.98 18.24 4.67
C ILE B 255 -23.50 19.59 5.12
N HIS B 256 -22.84 20.18 6.11
CA HIS B 256 -23.26 21.46 6.69
C HIS B 256 -22.06 22.38 6.65
N PHE B 257 -22.12 23.42 5.81
CA PHE B 257 -21.11 24.45 5.73
C PHE B 257 -21.56 25.64 6.58
N GLU B 258 -20.65 26.14 7.40
CA GLU B 258 -20.81 27.41 8.09
C GLU B 258 -19.54 28.20 7.91
N SER B 259 -19.67 29.52 7.80
CA SER B 259 -18.50 30.34 7.55
C SER B 259 -18.83 31.80 7.79
N ASN B 260 -17.77 32.62 7.86
CA ASN B 260 -17.90 34.08 7.87
C ASN B 260 -16.84 34.76 7.03
N GLY B 261 -16.11 34.03 6.19
CA GLY B 261 -15.09 34.62 5.35
C GLY B 261 -14.17 33.57 4.79
N ASN B 262 -13.45 33.96 3.74
CA ASN B 262 -12.46 33.11 3.05
C ASN B 262 -13.08 31.84 2.48
N PHE B 263 -14.39 31.84 2.21
CA PHE B 263 -15.11 30.63 1.83
C PHE B 263 -15.17 30.52 0.30
N ILE B 264 -14.51 29.50 -0.22
CA ILE B 264 -14.61 29.15 -1.66
C ILE B 264 -15.70 28.09 -1.74
N ALA B 265 -16.94 28.55 -1.89
CA ALA B 265 -18.08 27.68 -1.69
C ALA B 265 -18.25 26.71 -2.86
N PRO B 266 -18.88 25.55 -2.64
CA PRO B 266 -19.24 24.70 -3.78
C PRO B 266 -20.36 25.30 -4.60
N GLU B 267 -20.30 25.04 -5.91
CA GLU B 267 -21.43 25.25 -6.81
C GLU B 267 -21.82 23.97 -7.52
N TYR B 268 -20.84 23.24 -8.06
CA TYR B 268 -21.05 21.98 -8.76
C TYR B 268 -20.38 20.87 -7.97
N ALA B 269 -21.04 19.72 -7.90
CA ALA B 269 -20.51 18.52 -7.26
C ALA B 269 -20.72 17.33 -8.17
N TYR B 270 -19.73 16.45 -8.23
CA TYR B 270 -19.74 15.32 -9.14
C TYR B 270 -20.41 14.13 -8.48
N LYS B 271 -21.45 13.60 -9.12
CA LYS B 271 -22.14 12.42 -8.63
C LYS B 271 -21.45 11.18 -9.16
N ILE B 272 -21.09 10.27 -8.27
CA ILE B 272 -20.37 9.06 -8.63
C ILE B 272 -21.41 8.05 -9.13
N VAL B 273 -21.67 8.06 -10.43
CA VAL B 273 -22.76 7.26 -11.00
C VAL B 273 -22.30 5.91 -11.54
N LYS B 274 -21.01 5.74 -11.84
CA LYS B 274 -20.48 4.45 -12.25
C LYS B 274 -19.08 4.30 -11.69
N LYS B 275 -18.89 3.31 -10.81
CA LYS B 275 -17.65 3.06 -10.08
C LYS B 275 -17.20 1.64 -10.38
N GLY B 276 -16.29 1.50 -11.33
CA GLY B 276 -15.71 0.21 -11.68
C GLY B 276 -14.20 0.18 -11.52
N ASP B 277 -13.48 0.06 -12.64
CA ASP B 277 -12.03 -0.04 -12.65
C ASP B 277 -11.46 0.97 -13.65
N SER B 278 -10.32 1.54 -13.31
CA SER B 278 -9.68 2.56 -14.14
C SER B 278 -8.28 2.81 -13.59
N THR B 279 -7.61 3.80 -14.19
CA THR B 279 -6.32 4.26 -13.68
C THR B 279 -6.06 5.64 -14.26
N ILE B 280 -5.16 6.37 -13.61
CA ILE B 280 -4.73 7.69 -14.08
C ILE B 280 -3.37 7.46 -14.72
N MET B 281 -3.39 7.25 -16.03
CA MET B 281 -2.20 6.98 -16.81
C MET B 281 -1.47 8.29 -17.11
N LYS B 282 -0.15 8.26 -16.99
CA LYS B 282 0.71 9.42 -17.20
C LYS B 282 1.47 9.23 -18.51
N SER B 283 1.12 10.01 -19.53
CA SER B 283 1.76 9.91 -20.83
C SER B 283 1.31 11.07 -21.71
N GLY B 284 2.24 11.58 -22.51
CA GLY B 284 1.95 12.58 -23.51
C GLY B 284 1.76 11.99 -24.90
N VAL B 285 1.50 10.68 -24.98
CA VAL B 285 1.37 10.01 -26.27
C VAL B 285 0.07 10.46 -26.93
N GLU B 286 0.12 10.61 -28.26
CA GLU B 286 -1.04 11.10 -28.98
C GLU B 286 -2.14 10.04 -29.02
N TYR B 287 -3.34 10.48 -29.37
CA TYR B 287 -4.52 9.63 -29.42
C TYR B 287 -4.77 9.19 -30.85
N GLY B 288 -4.84 7.89 -31.06
CA GLY B 288 -5.26 7.31 -32.33
C GLY B 288 -6.69 6.81 -32.22
N HIS B 289 -7.46 7.03 -33.28
CA HIS B 289 -8.85 6.58 -33.33
C HIS B 289 -8.85 5.08 -33.57
N CYS B 290 -8.64 4.34 -32.49
CA CYS B 290 -8.39 2.91 -32.53
C CYS B 290 -8.89 2.27 -31.25
N ASN B 291 -9.33 1.02 -31.36
CA ASN B 291 -9.80 0.23 -30.23
C ASN B 291 -8.74 -0.78 -29.84
N THR B 292 -8.72 -1.13 -28.55
CA THR B 292 -7.74 -2.05 -27.99
C THR B 292 -8.41 -2.92 -26.94
N LYS B 293 -7.59 -3.80 -26.34
CA LYS B 293 -7.99 -4.63 -25.22
C LYS B 293 -6.99 -4.58 -24.07
N CYS B 294 -5.73 -4.26 -24.34
CA CYS B 294 -4.72 -3.94 -23.33
C CYS B 294 -4.07 -2.63 -23.73
N GLN B 295 -3.80 -1.77 -22.75
CA GLN B 295 -3.26 -0.44 -23.00
C GLN B 295 -2.11 -0.17 -22.05
N THR B 296 -1.17 0.65 -22.52
CA THR B 296 0.08 0.97 -21.86
C THR B 296 0.37 2.45 -22.08
N PRO B 297 1.10 3.12 -21.17
CA PRO B 297 1.40 4.54 -21.42
C PRO B 297 2.16 4.81 -22.70
N VAL B 298 3.07 3.92 -23.11
CA VAL B 298 3.83 4.14 -24.34
C VAL B 298 2.94 3.89 -25.55
N GLY B 299 2.13 2.85 -25.52
CA GLY B 299 1.26 2.51 -26.63
C GLY B 299 0.55 1.18 -26.44
N ALA B 300 -0.62 1.03 -27.05
CA ALA B 300 -1.46 -0.14 -26.81
C ALA B 300 -0.79 -1.41 -27.31
N ILE B 301 -1.19 -2.53 -26.71
CA ILE B 301 -0.66 -3.85 -27.01
C ILE B 301 -1.80 -4.68 -27.59
N ASN B 302 -1.74 -4.96 -28.88
CA ASN B 302 -2.66 -5.87 -29.56
C ASN B 302 -1.88 -7.16 -29.81
N SER B 303 -1.83 -8.00 -28.79
CA SER B 303 -1.11 -9.27 -28.86
C SER B 303 -1.68 -10.21 -27.80
N SER B 304 -1.33 -11.50 -27.95
CA SER B 304 -1.79 -12.56 -27.05
C SER B 304 -0.63 -13.41 -26.54
N MET B 305 0.59 -12.88 -26.53
CA MET B 305 1.72 -13.61 -25.96
C MET B 305 1.67 -13.54 -24.43
N PRO B 306 2.36 -14.47 -23.74
CA PRO B 306 2.32 -14.44 -22.27
C PRO B 306 2.88 -13.17 -21.65
N PHE B 307 3.88 -12.53 -22.28
CA PHE B 307 4.61 -11.43 -21.68
C PHE B 307 4.77 -10.27 -22.65
N HIS B 308 5.15 -9.13 -22.08
CA HIS B 308 5.53 -7.94 -22.83
C HIS B 308 6.61 -7.21 -22.02
N ASN B 309 7.36 -6.34 -22.70
CA ASN B 309 8.47 -5.62 -22.07
C ASN B 309 8.45 -4.14 -22.46
N ILE B 310 7.26 -3.54 -22.44
CA ILE B 310 7.08 -2.16 -22.91
C ILE B 310 7.17 -1.17 -21.76
N HIS B 311 6.38 -1.36 -20.71
CA HIS B 311 6.36 -0.44 -19.58
C HIS B 311 5.77 -1.17 -18.39
N PRO B 312 6.15 -0.84 -17.15
CA PRO B 312 5.56 -1.56 -16.00
C PRO B 312 4.06 -1.41 -15.86
N LEU B 313 3.56 -0.17 -15.84
CA LEU B 313 2.15 0.08 -15.60
C LEU B 313 1.34 -0.12 -16.88
N THR B 314 0.30 -0.93 -16.82
CA THR B 314 -0.62 -1.15 -17.92
C THR B 314 -2.05 -1.17 -17.37
N ILE B 315 -3.01 -1.36 -18.27
CA ILE B 315 -4.42 -1.45 -17.88
C ILE B 315 -5.15 -2.34 -18.88
N GLY B 316 -6.14 -3.07 -18.37
CA GLY B 316 -6.88 -4.04 -19.17
C GLY B 316 -6.30 -5.43 -19.00
N GLU B 317 -6.92 -6.38 -19.70
CA GLU B 317 -6.41 -7.75 -19.71
C GLU B 317 -5.13 -7.79 -20.52
N CYS B 318 -3.99 -7.66 -19.85
CA CYS B 318 -2.69 -7.41 -20.45
C CYS B 318 -1.76 -8.61 -20.27
N PRO B 319 -0.70 -8.72 -21.07
CA PRO B 319 0.37 -9.65 -20.71
C PRO B 319 1.14 -9.13 -19.51
N LYS B 320 1.91 -10.03 -18.91
CA LYS B 320 2.69 -9.68 -17.73
C LYS B 320 4.01 -9.04 -18.13
N TYR B 321 4.48 -8.11 -17.30
CA TYR B 321 5.64 -7.29 -17.63
C TYR B 321 6.92 -7.92 -17.10
N VAL B 322 7.90 -8.10 -17.97
CA VAL B 322 9.23 -8.59 -17.63
C VAL B 322 10.27 -7.75 -18.37
N LYS B 323 11.30 -7.30 -17.65
CA LYS B 323 12.28 -6.38 -18.21
C LYS B 323 13.22 -7.01 -19.23
N SER B 324 13.20 -8.34 -19.37
CA SER B 324 14.10 -9.00 -20.31
C SER B 324 13.82 -8.57 -21.75
N ASN B 325 14.79 -8.82 -22.62
CA ASN B 325 14.71 -8.50 -24.03
C ASN B 325 14.53 -9.72 -24.92
N LYS B 326 14.75 -10.93 -24.41
CA LYS B 326 14.66 -12.16 -25.21
C LYS B 326 14.20 -13.28 -24.28
N LEU B 327 12.89 -13.50 -24.26
CA LEU B 327 12.27 -14.63 -23.55
C LEU B 327 11.75 -15.56 -24.63
N VAL B 328 12.53 -16.58 -24.97
CA VAL B 328 12.21 -17.55 -26.01
C VAL B 328 12.31 -18.95 -25.41
N LEU B 329 11.33 -19.79 -25.73
CA LEU B 329 11.20 -21.13 -25.20
C LEU B 329 11.47 -22.13 -26.32
N ALA B 330 12.39 -23.07 -26.07
CA ALA B 330 12.79 -24.04 -27.08
C ALA B 330 11.68 -25.06 -27.28
N THR B 331 10.93 -24.89 -28.36
CA THR B 331 9.96 -25.89 -28.83
C THR B 331 10.55 -26.72 -29.96
N GLY B 332 11.85 -27.00 -29.91
CA GLY B 332 12.50 -27.78 -30.95
C GLY B 332 13.81 -28.34 -30.43
N LEU B 333 14.45 -29.12 -31.28
CA LEU B 333 15.70 -29.80 -30.96
C LEU B 333 16.88 -29.01 -31.53
N ARG B 334 18.07 -29.27 -30.98
CA ARG B 334 19.30 -28.61 -31.41
C ARG B 334 19.24 -27.13 -31.09
N ILE C 19 17.17 -63.07 -14.06
CA ILE C 19 17.41 -62.00 -13.09
C ILE C 19 16.19 -61.10 -13.01
N CYS C 20 15.48 -60.97 -14.15
CA CYS C 20 14.13 -60.39 -14.22
C CYS C 20 14.05 -59.02 -13.56
N ILE C 21 14.97 -58.14 -13.95
CA ILE C 21 15.01 -56.79 -13.38
C ILE C 21 13.72 -56.04 -13.72
N GLY C 22 13.22 -55.30 -12.74
CA GLY C 22 12.00 -54.55 -12.90
C GLY C 22 11.69 -53.65 -11.71
N TYR C 23 10.42 -53.58 -11.35
CA TYR C 23 9.96 -52.78 -10.23
C TYR C 23 8.49 -53.11 -9.97
N HIS C 24 8.02 -52.71 -8.79
CA HIS C 24 6.71 -53.15 -8.32
C HIS C 24 5.63 -52.18 -8.80
N ALA C 25 4.40 -52.37 -8.31
CA ALA C 25 3.30 -51.46 -8.57
C ALA C 25 2.16 -51.78 -7.61
N ASN C 26 1.70 -50.78 -6.85
CA ASN C 26 0.69 -50.98 -5.84
C ASN C 26 -0.72 -50.81 -6.43
N ASN C 27 -1.72 -50.76 -5.57
CA ASN C 27 -3.13 -50.62 -5.94
C ASN C 27 -3.65 -49.20 -5.80
N SER C 28 -2.85 -48.26 -5.29
CA SER C 28 -3.35 -46.92 -5.05
C SER C 28 -3.59 -46.18 -6.37
N THR C 29 -4.71 -45.46 -6.44
CA THR C 29 -5.09 -44.68 -7.60
C THR C 29 -4.67 -43.21 -7.50
N GLU C 30 -3.99 -42.82 -6.42
CA GLU C 30 -3.54 -41.44 -6.28
C GLU C 30 -2.55 -41.09 -7.38
N GLN C 31 -2.41 -39.79 -7.64
CA GLN C 31 -1.67 -39.30 -8.80
C GLN C 31 -1.02 -37.97 -8.45
N VAL C 32 0.02 -37.64 -9.22
CA VAL C 32 0.75 -36.38 -9.11
C VAL C 32 0.72 -35.69 -10.46
N ASP C 33 1.38 -34.53 -10.56
CA ASP C 33 1.50 -33.80 -11.82
C ASP C 33 2.90 -33.24 -11.96
N THR C 34 3.34 -33.10 -13.22
CA THR C 34 4.63 -32.55 -13.58
C THR C 34 4.45 -31.47 -14.64
N ILE C 35 5.56 -30.92 -15.11
CA ILE C 35 5.49 -29.79 -16.04
C ILE C 35 5.02 -30.25 -17.42
N MET C 36 5.38 -31.46 -17.83
CA MET C 36 5.01 -32.00 -19.14
C MET C 36 3.83 -32.94 -19.10
N GLU C 37 3.45 -33.44 -17.92
CA GLU C 37 2.30 -34.32 -17.78
C GLU C 37 1.61 -34.01 -16.46
N LYS C 38 0.30 -34.28 -16.42
CA LYS C 38 -0.52 -34.10 -15.22
C LYS C 38 -1.36 -35.35 -15.00
N ASN C 39 -1.80 -35.52 -13.76
CA ASN C 39 -2.60 -36.68 -13.34
C ASN C 39 -1.85 -37.98 -13.60
N VAL C 40 -0.54 -37.98 -13.36
CA VAL C 40 0.28 -39.17 -13.50
C VAL C 40 0.02 -40.07 -12.29
N THR C 41 -0.48 -41.28 -12.56
CA THR C 41 -0.72 -42.23 -11.47
C THR C 41 0.60 -42.66 -10.87
N VAL C 42 0.63 -42.77 -9.54
CA VAL C 42 1.86 -43.00 -8.79
C VAL C 42 1.66 -44.16 -7.82
N THR C 43 2.78 -44.62 -7.26
CA THR C 43 2.80 -45.79 -6.38
C THR C 43 2.57 -45.36 -4.93
N HIS C 44 3.45 -44.52 -4.39
CA HIS C 44 3.26 -43.85 -3.12
C HIS C 44 3.56 -42.37 -3.29
N ALA C 45 2.78 -41.53 -2.63
CA ALA C 45 2.96 -40.08 -2.70
C ALA C 45 2.69 -39.49 -1.33
N GLN C 46 3.31 -38.34 -1.08
CA GLN C 46 3.23 -37.64 0.20
C GLN C 46 2.52 -36.31 -0.04
N ASP C 47 1.39 -36.12 0.65
CA ASP C 47 0.69 -34.85 0.62
C ASP C 47 1.34 -33.89 1.59
N ILE C 48 1.45 -32.62 1.17
CA ILE C 48 2.09 -31.57 1.97
C ILE C 48 1.18 -30.35 2.10
N LEU C 49 -0.14 -30.55 1.98
CA LEU C 49 -1.12 -29.49 2.13
C LEU C 49 -2.25 -30.01 2.99
N GLU C 50 -2.56 -29.31 4.09
CA GLU C 50 -3.51 -29.82 5.07
C GLU C 50 -4.96 -29.55 4.65
N LYS C 51 -5.27 -28.27 4.37
CA LYS C 51 -6.54 -27.84 3.77
C LYS C 51 -7.78 -28.31 4.55
N THR C 52 -7.63 -28.49 5.86
CA THR C 52 -8.76 -28.76 6.75
C THR C 52 -8.59 -27.97 8.03
N HIS C 53 -9.71 -27.67 8.67
CA HIS C 53 -9.71 -26.93 9.92
C HIS C 53 -10.93 -27.33 10.74
N ASN C 54 -10.83 -27.10 12.05
CA ASN C 54 -11.93 -27.41 12.95
C ASN C 54 -13.13 -26.50 12.73
N GLY C 55 -12.93 -25.31 12.17
CA GLY C 55 -14.02 -24.37 12.01
C GLY C 55 -14.50 -23.75 13.31
N LYS C 56 -13.66 -23.78 14.35
CA LYS C 56 -14.00 -23.23 15.65
C LYS C 56 -12.78 -22.55 16.23
N LEU C 57 -12.99 -21.42 16.89
CA LEU C 57 -11.91 -20.78 17.63
C LEU C 57 -11.53 -21.65 18.83
N CYS C 58 -10.23 -21.80 19.04
CA CYS C 58 -9.69 -22.73 20.03
C CYS C 58 -8.66 -22.02 20.89
N ASP C 59 -8.40 -22.61 22.06
CA ASP C 59 -7.31 -22.15 22.90
C ASP C 59 -5.99 -22.36 22.17
N LEU C 60 -5.04 -21.45 22.39
CA LEU C 60 -3.71 -21.52 21.80
C LEU C 60 -2.72 -21.76 22.93
N ASN C 61 -2.28 -23.00 23.06
CA ASN C 61 -1.31 -23.41 24.08
C ASN C 61 -1.82 -23.12 25.49
N GLY C 62 -3.12 -23.36 25.70
CA GLY C 62 -3.70 -23.37 27.03
C GLY C 62 -4.43 -22.11 27.44
N VAL C 63 -4.18 -20.98 26.79
CA VAL C 63 -4.77 -19.69 27.14
C VAL C 63 -5.84 -19.35 26.11
N LYS C 64 -7.04 -19.03 26.61
CA LYS C 64 -8.16 -18.75 25.73
C LYS C 64 -8.03 -17.33 25.17
N PRO C 65 -8.52 -17.08 23.94
CA PRO C 65 -8.43 -15.72 23.39
C PRO C 65 -9.45 -14.78 24.02
N LEU C 66 -9.29 -13.50 23.71
CA LEU C 66 -10.26 -12.46 24.07
C LEU C 66 -11.26 -12.31 22.93
N ILE C 67 -12.45 -12.86 23.11
CA ILE C 67 -13.51 -12.78 22.12
C ILE C 67 -14.33 -11.54 22.46
N LEU C 68 -14.28 -10.53 21.59
CA LEU C 68 -15.05 -9.31 21.76
C LEU C 68 -16.32 -9.44 20.93
N LYS C 69 -17.28 -10.18 21.48
CA LYS C 69 -18.54 -10.45 20.78
C LYS C 69 -19.44 -9.21 20.86
N ASP C 70 -19.83 -8.70 19.69
CA ASP C 70 -20.60 -7.46 19.57
C ASP C 70 -19.87 -6.32 20.29
N CYS C 71 -18.55 -6.29 20.15
CA CYS C 71 -17.70 -5.30 20.79
C CYS C 71 -16.49 -5.06 19.92
N SER C 72 -15.80 -3.95 20.19
CA SER C 72 -14.64 -3.52 19.42
C SER C 72 -13.48 -3.24 20.36
N VAL C 73 -12.30 -3.06 19.77
CA VAL C 73 -11.12 -2.73 20.56
C VAL C 73 -11.30 -1.37 21.22
N ALA C 74 -11.82 -0.39 20.46
CA ALA C 74 -12.12 0.91 21.06
C ALA C 74 -13.20 0.81 22.12
N GLY C 75 -14.26 0.06 21.83
CA GLY C 75 -15.33 -0.10 22.81
C GLY C 75 -14.86 -0.85 24.05
N TRP C 76 -14.01 -1.86 23.87
CA TRP C 76 -13.46 -2.57 25.01
C TRP C 76 -12.58 -1.64 25.84
N LEU C 77 -11.61 -0.97 25.21
CA LEU C 77 -10.63 -0.19 25.95
C LEU C 77 -11.27 1.01 26.62
N LEU C 78 -12.20 1.68 25.95
CA LEU C 78 -12.91 2.79 26.57
C LEU C 78 -14.01 2.33 27.52
N GLY C 79 -14.36 1.05 27.53
CA GLY C 79 -15.36 0.55 28.45
C GLY C 79 -16.77 0.97 28.05
N ASN C 80 -17.21 0.50 26.90
CA ASN C 80 -18.56 0.78 26.44
C ASN C 80 -19.57 0.19 27.43
N PRO C 81 -20.65 0.92 27.80
CA PRO C 81 -21.61 0.32 28.74
C PRO C 81 -22.32 -0.91 28.21
N MET C 82 -22.34 -1.12 26.89
CA MET C 82 -22.88 -2.33 26.30
C MET C 82 -21.84 -3.44 26.17
N CYS C 83 -20.61 -3.23 26.68
CA CYS C 83 -19.54 -4.24 26.68
C CYS C 83 -19.07 -4.35 28.13
N ASP C 84 -19.78 -5.17 28.91
CA ASP C 84 -19.60 -5.24 30.36
C ASP C 84 -18.85 -6.47 30.84
N GLU C 85 -18.62 -7.46 29.98
CA GLU C 85 -17.98 -8.71 30.38
C GLU C 85 -16.45 -8.64 30.32
N PHE C 86 -15.87 -7.46 30.10
CA PHE C 86 -14.43 -7.28 29.95
C PHE C 86 -13.85 -6.37 31.02
N ILE C 87 -14.44 -6.38 32.22
CA ILE C 87 -13.94 -5.53 33.30
C ILE C 87 -12.69 -6.11 33.93
N ARG C 88 -12.55 -7.44 33.96
CA ARG C 88 -11.42 -8.14 34.57
C ARG C 88 -10.91 -9.23 33.65
N VAL C 89 -10.62 -8.85 32.41
CA VAL C 89 -10.15 -9.78 31.36
C VAL C 89 -8.87 -10.49 31.83
N PRO C 90 -8.78 -11.84 31.74
CA PRO C 90 -7.50 -12.49 32.06
C PRO C 90 -6.56 -12.52 30.86
N GLU C 91 -5.42 -13.20 31.00
CA GLU C 91 -4.45 -13.28 29.91
C GLU C 91 -5.05 -14.00 28.71
N TRP C 92 -4.57 -13.65 27.53
CA TRP C 92 -5.03 -14.22 26.27
C TRP C 92 -3.83 -14.46 25.37
N SER C 93 -4.09 -14.88 24.13
CA SER C 93 -3.06 -15.06 23.11
C SER C 93 -3.40 -14.31 21.83
N TYR C 94 -4.69 -14.14 21.54
CA TYR C 94 -5.11 -13.36 20.38
C TYR C 94 -6.49 -12.79 20.64
N ILE C 95 -6.77 -11.65 20.03
CA ILE C 95 -8.05 -10.95 20.15
C ILE C 95 -8.87 -11.29 18.92
N VAL C 96 -10.14 -11.66 19.15
CA VAL C 96 -11.08 -11.98 18.10
C VAL C 96 -12.16 -10.90 18.09
N GLU C 97 -12.42 -10.35 16.91
CA GLU C 97 -13.38 -9.26 16.73
C GLU C 97 -14.16 -9.51 15.45
N ARG C 98 -15.40 -9.04 15.43
CA ARG C 98 -16.21 -9.14 14.23
C ARG C 98 -15.83 -8.04 13.25
N ASP C 99 -16.16 -8.26 11.97
CA ASP C 99 -15.76 -7.33 10.93
C ASP C 99 -16.44 -5.97 11.09
N ASN C 100 -17.70 -5.98 11.52
CA ASN C 100 -18.47 -4.76 11.76
C ASN C 100 -19.11 -4.89 13.14
N PRO C 101 -18.36 -4.60 14.22
CA PRO C 101 -18.94 -4.72 15.56
C PRO C 101 -20.10 -3.76 15.76
N ALA C 102 -21.10 -4.21 16.53
CA ALA C 102 -22.25 -3.37 16.80
C ALA C 102 -21.90 -2.22 17.75
N ASN C 103 -21.13 -2.52 18.80
CA ASN C 103 -20.80 -1.54 19.84
C ASN C 103 -19.39 -1.04 19.60
N ASP C 104 -19.27 0.22 19.17
CA ASP C 104 -17.97 0.85 19.02
C ASP C 104 -18.16 2.36 19.01
N LEU C 105 -17.63 3.04 20.04
CA LEU C 105 -17.78 4.48 20.21
C LEU C 105 -19.27 4.86 20.20
N CYS C 106 -19.96 4.42 21.27
CA CYS C 106 -21.42 4.51 21.34
C CYS C 106 -21.89 5.94 21.15
N TYR C 107 -21.31 6.88 21.89
CA TYR C 107 -21.49 8.27 21.54
C TYR C 107 -20.65 8.55 20.29
N PRO C 108 -21.17 9.29 19.29
CA PRO C 108 -20.38 9.49 18.07
C PRO C 108 -19.07 10.22 18.34
N GLY C 109 -18.09 9.96 17.47
CA GLY C 109 -16.79 10.59 17.57
C GLY C 109 -15.71 9.81 16.85
N SER C 110 -14.52 9.79 17.42
CA SER C 110 -13.39 9.07 16.83
C SER C 110 -12.36 8.80 17.92
N LEU C 111 -11.42 7.92 17.60
CA LEU C 111 -10.25 7.67 18.44
C LEU C 111 -9.01 7.91 17.59
N ASN C 112 -8.25 8.94 17.92
CA ASN C 112 -7.09 9.30 17.11
C ASN C 112 -6.03 8.21 17.19
N ASP C 113 -5.45 7.87 16.03
CA ASP C 113 -4.46 6.80 15.93
C ASP C 113 -5.01 5.49 16.50
N TYR C 114 -6.26 5.19 16.14
CA TYR C 114 -6.86 3.91 16.51
C TYR C 114 -6.07 2.74 15.93
N GLU C 115 -5.68 2.85 14.66
CA GLU C 115 -4.98 1.75 14.01
C GLU C 115 -3.59 1.53 14.60
N GLU C 116 -2.97 2.58 15.13
CA GLU C 116 -1.68 2.40 15.80
C GLU C 116 -1.89 1.75 17.16
N LEU C 117 -2.96 2.12 17.86
CA LEU C 117 -3.25 1.48 19.14
C LEU C 117 -3.52 -0.01 18.94
N LYS C 118 -4.24 -0.36 17.87
CA LYS C 118 -4.44 -1.77 17.57
C LYS C 118 -3.14 -2.46 17.18
N HIS C 119 -2.24 -1.74 16.51
CA HIS C 119 -0.93 -2.32 16.19
C HIS C 119 -0.13 -2.62 17.46
N LEU C 120 -0.23 -1.75 18.47
CA LEU C 120 0.46 -2.03 19.74
C LEU C 120 -0.25 -3.13 20.52
N LEU C 121 -1.59 -3.18 20.48
CA LEU C 121 -2.29 -4.30 21.11
C LEU C 121 -1.98 -5.64 20.44
N SER C 122 -1.55 -5.63 19.18
CA SER C 122 -1.12 -6.88 18.55
C SER C 122 0.12 -7.47 19.22
N ARG C 123 0.87 -6.69 20.00
CA ARG C 123 2.04 -7.16 20.73
C ARG C 123 1.81 -7.30 22.24
N ILE C 124 0.59 -7.07 22.73
CA ILE C 124 0.29 -7.11 24.16
C ILE C 124 -0.60 -8.31 24.43
N ASN C 125 -0.22 -9.11 25.44
CA ASN C 125 -0.93 -10.32 25.81
C ASN C 125 -1.79 -10.17 27.06
N HIS C 126 -1.70 -9.05 27.79
CA HIS C 126 -2.47 -8.88 29.01
C HIS C 126 -2.49 -7.42 29.40
N PHE C 127 -3.67 -6.90 29.72
CA PHE C 127 -3.85 -5.63 30.40
C PHE C 127 -4.41 -5.88 31.79
N GLU C 128 -3.96 -5.09 32.76
CA GLU C 128 -4.59 -4.98 34.08
C GLU C 128 -5.04 -3.54 34.24
N LYS C 129 -6.35 -3.30 34.21
CA LYS C 129 -6.82 -1.93 34.38
C LYS C 129 -6.69 -1.52 35.83
N ILE C 130 -6.09 -0.35 36.05
CA ILE C 130 -5.94 0.26 37.36
C ILE C 130 -6.71 1.58 37.38
N LEU C 131 -7.45 1.80 38.45
CA LEU C 131 -8.15 3.05 38.66
C LEU C 131 -7.12 4.11 39.03
N ILE C 132 -6.75 4.94 38.06
CA ILE C 132 -5.66 5.90 38.27
C ILE C 132 -6.14 7.22 38.86
N ILE C 133 -7.37 7.65 38.55
CA ILE C 133 -7.89 8.95 38.95
C ILE C 133 -9.28 8.70 39.54
N PRO C 134 -9.42 8.49 40.85
CA PRO C 134 -10.75 8.24 41.41
C PRO C 134 -11.69 9.43 41.23
N LYS C 135 -12.99 9.14 41.30
CA LYS C 135 -14.00 10.19 41.16
C LYS C 135 -14.00 11.14 42.35
N SER C 136 -13.37 10.78 43.47
CA SER C 136 -13.16 11.72 44.56
C SER C 136 -12.19 12.83 44.21
N SER C 137 -11.43 12.70 43.12
CA SER C 137 -10.50 13.72 42.65
C SER C 137 -11.17 14.77 41.75
N TRP C 138 -12.49 14.91 41.83
CA TRP C 138 -13.23 15.96 41.13
C TRP C 138 -14.19 16.63 42.10
N PRO C 139 -13.67 17.40 43.07
CA PRO C 139 -14.59 18.06 44.01
C PRO C 139 -15.44 19.13 43.35
N ASN C 140 -14.90 19.84 42.36
CA ASN C 140 -15.52 21.04 41.81
C ASN C 140 -16.18 20.80 40.46
N HIS C 141 -16.50 19.54 40.12
CA HIS C 141 -17.10 19.20 38.85
C HIS C 141 -18.06 18.04 39.03
N GLU C 142 -18.97 17.88 38.08
CA GLU C 142 -19.89 16.75 38.08
C GLU C 142 -19.23 15.52 37.49
N THR C 143 -19.48 14.37 38.12
CA THR C 143 -19.03 13.07 37.64
C THR C 143 -20.16 12.06 37.46
N SER C 144 -21.40 12.39 37.85
CA SER C 144 -22.55 11.50 37.75
C SER C 144 -23.68 12.11 36.93
N LEU C 145 -23.36 13.02 36.01
CA LEU C 145 -24.32 13.60 35.08
C LEU C 145 -23.90 13.50 33.63
N GLY C 146 -22.65 13.14 33.33
CA GLY C 146 -22.20 13.01 31.96
C GLY C 146 -22.67 11.73 31.31
N VAL C 147 -23.97 11.66 31.03
CA VAL C 147 -24.60 10.50 30.41
C VAL C 147 -25.23 10.95 29.09
N SER C 148 -25.66 9.97 28.31
CA SER C 148 -26.31 10.25 27.03
C SER C 148 -27.18 9.07 26.65
N ALA C 149 -28.13 9.33 25.76
CA ALA C 149 -28.97 8.27 25.20
C ALA C 149 -28.27 7.46 24.11
N ALA C 150 -27.12 7.93 23.61
CA ALA C 150 -26.37 7.16 22.62
C ALA C 150 -25.63 5.98 23.25
N CYS C 151 -25.48 5.95 24.57
CA CYS C 151 -24.79 4.88 25.29
C CYS C 151 -25.69 4.35 26.38
N PRO C 152 -26.80 3.71 26.03
CA PRO C 152 -27.73 3.23 27.05
C PRO C 152 -27.17 2.04 27.81
N TYR C 153 -27.62 1.90 29.05
CA TYR C 153 -27.33 0.72 29.87
C TYR C 153 -28.63 0.32 30.56
N GLN C 154 -29.12 -0.89 30.24
CA GLN C 154 -30.39 -1.40 30.78
C GLN C 154 -31.54 -0.44 30.46
N GLY C 155 -31.48 0.18 29.28
CA GLY C 155 -32.44 1.18 28.86
C GLY C 155 -32.12 2.60 29.30
N ALA C 156 -31.71 2.76 30.56
CA ALA C 156 -31.37 4.08 31.06
C ALA C 156 -30.09 4.59 30.40
N PRO C 157 -29.89 5.90 30.31
CA PRO C 157 -28.66 6.41 29.70
C PRO C 157 -27.44 6.13 30.56
N SER C 158 -26.29 6.08 29.90
CA SER C 158 -25.02 5.82 30.57
C SER C 158 -23.91 6.40 29.71
N PHE C 159 -22.67 6.02 30.01
CA PHE C 159 -21.52 6.56 29.32
C PHE C 159 -20.37 5.55 29.47
N PHE C 160 -19.30 5.78 28.70
CA PHE C 160 -18.07 4.98 28.84
C PHE C 160 -17.60 4.96 30.29
N ARG C 161 -17.23 3.78 30.77
CA ARG C 161 -16.91 3.58 32.17
C ARG C 161 -15.43 3.75 32.50
N ASN C 162 -14.55 3.72 31.50
CA ASN C 162 -13.12 3.93 31.71
C ASN C 162 -12.71 5.39 31.53
N VAL C 163 -13.64 6.27 31.14
CA VAL C 163 -13.41 7.71 31.11
C VAL C 163 -14.63 8.38 31.73
N VAL C 164 -14.42 9.61 32.20
CA VAL C 164 -15.44 10.37 32.92
C VAL C 164 -15.69 11.66 32.16
N TRP C 165 -16.94 11.87 31.76
CA TRP C 165 -17.35 13.13 31.14
C TRP C 165 -17.66 14.10 32.27
N LEU C 166 -16.92 15.20 32.31
CA LEU C 166 -17.01 16.18 33.39
C LEU C 166 -17.89 17.35 32.96
N ILE C 167 -18.74 17.80 33.87
CA ILE C 167 -19.76 18.82 33.61
C ILE C 167 -19.72 19.81 34.77
N LYS C 168 -20.19 21.03 34.51
CA LYS C 168 -20.24 22.08 35.52
C LYS C 168 -21.00 21.62 36.76
N LYS C 169 -20.57 22.13 37.92
CA LYS C 169 -21.20 21.80 39.20
C LYS C 169 -22.23 22.86 39.62
N ASP C 170 -21.79 24.11 39.82
CA ASP C 170 -22.68 25.22 40.13
C ASP C 170 -22.30 26.40 39.23
N ASP C 171 -22.81 26.36 37.99
CA ASP C 171 -22.58 27.40 36.97
C ASP C 171 -21.09 27.77 36.89
N ALA C 172 -20.24 26.75 36.84
CA ALA C 172 -18.80 26.98 36.87
C ALA C 172 -18.07 25.72 36.48
N TYR C 173 -16.99 25.89 35.72
CA TYR C 173 -16.08 24.81 35.34
C TYR C 173 -14.67 25.28 35.68
N PRO C 174 -14.23 25.09 36.93
CA PRO C 174 -12.88 25.54 37.29
C PRO C 174 -11.81 24.80 36.50
N THR C 175 -10.64 25.44 36.41
CA THR C 175 -9.53 24.87 35.65
C THR C 175 -9.08 23.55 36.27
N ILE C 176 -8.92 22.55 35.43
CA ILE C 176 -8.58 21.18 35.82
C ILE C 176 -7.10 20.99 35.51
N LYS C 177 -6.25 21.04 36.53
CA LYS C 177 -4.82 20.77 36.41
C LYS C 177 -4.49 19.56 37.28
N ILE C 178 -4.23 18.42 36.65
CA ILE C 178 -3.88 17.19 37.36
C ILE C 178 -2.70 16.52 36.66
N SER C 179 -1.72 16.10 37.45
CA SER C 179 -0.55 15.36 36.97
C SER C 179 -0.60 13.97 37.57
N TYR C 180 -0.45 12.96 36.72
CA TYR C 180 -0.36 11.56 37.14
C TYR C 180 1.05 11.05 36.86
N ASN C 181 1.73 10.64 37.93
CA ASN C 181 3.10 10.09 37.80
C ASN C 181 2.99 8.57 37.77
N ASN C 182 3.67 7.93 36.82
CA ASN C 182 3.61 6.48 36.64
C ASN C 182 4.61 5.84 37.60
N THR C 183 4.15 5.61 38.83
CA THR C 183 4.98 4.96 39.83
C THR C 183 5.13 3.46 39.58
N ASN C 184 4.25 2.86 38.77
CA ASN C 184 4.35 1.43 38.50
C ASN C 184 5.58 1.13 37.65
N ARG C 185 5.97 -0.14 37.64
CA ARG C 185 7.10 -0.63 36.89
C ARG C 185 6.73 -1.09 35.48
N GLU C 186 5.55 -0.71 34.98
CA GLU C 186 5.07 -1.11 33.67
C GLU C 186 4.50 0.09 32.95
N ASP C 187 4.41 -0.02 31.63
CA ASP C 187 3.80 1.03 30.83
C ASP C 187 2.31 1.14 31.15
N LEU C 188 1.78 2.35 30.99
CA LEU C 188 0.37 2.64 31.23
C LEU C 188 -0.25 3.24 29.98
N LEU C 189 -1.28 2.60 29.44
CA LEU C 189 -2.03 3.12 28.30
C LEU C 189 -3.12 4.01 28.88
N ILE C 190 -2.91 5.33 28.81
CA ILE C 190 -3.82 6.32 29.35
C ILE C 190 -4.70 6.84 28.22
N LEU C 191 -6.00 6.93 28.48
CA LEU C 191 -7.01 7.30 27.49
C LEU C 191 -7.76 8.53 27.98
N TRP C 192 -7.91 9.52 27.11
CA TRP C 192 -8.75 10.68 27.40
C TRP C 192 -9.45 11.08 26.11
N GLY C 193 -10.04 12.27 26.09
CA GLY C 193 -10.68 12.74 24.87
C GLY C 193 -11.13 14.18 25.00
N ILE C 194 -11.62 14.70 23.86
CA ILE C 194 -12.16 16.04 23.76
C ILE C 194 -13.58 15.95 23.21
N HIS C 195 -14.51 16.66 23.85
CA HIS C 195 -15.89 16.73 23.40
C HIS C 195 -16.06 17.92 22.47
N HIS C 196 -16.71 17.69 21.33
CA HIS C 196 -17.01 18.70 20.33
C HIS C 196 -18.51 18.96 20.40
N SER C 197 -18.88 20.14 20.90
CA SER C 197 -20.26 20.51 21.13
C SER C 197 -20.88 21.04 19.84
N ASN C 198 -22.19 21.28 19.88
CA ASN C 198 -22.95 21.67 18.71
C ASN C 198 -22.89 23.17 18.46
N ASN C 199 -23.27 23.96 19.45
CA ASN C 199 -23.31 25.42 19.36
C ASN C 199 -22.84 26.01 20.68
N ALA C 200 -22.72 27.33 20.72
CA ALA C 200 -22.28 28.02 21.93
C ALA C 200 -23.27 27.82 23.08
N GLU C 201 -24.58 27.75 22.76
CA GLU C 201 -25.57 27.52 23.80
C GLU C 201 -25.39 26.16 24.45
N GLU C 202 -25.12 25.12 23.65
CA GLU C 202 -24.92 23.79 24.22
C GLU C 202 -23.69 23.75 25.11
N GLN C 203 -22.60 24.38 24.68
CA GLN C 203 -21.40 24.42 25.51
C GLN C 203 -21.68 25.16 26.81
N THR C 204 -22.26 26.36 26.73
CA THR C 204 -22.56 27.14 27.92
C THR C 204 -23.51 26.40 28.86
N ASN C 205 -24.37 25.55 28.32
CA ASN C 205 -25.15 24.65 29.17
C ASN C 205 -24.24 23.62 29.85
N LEU C 206 -23.30 23.04 29.11
CA LEU C 206 -22.42 22.01 29.66
C LEU C 206 -21.15 22.59 30.30
N TYR C 207 -20.38 23.36 29.52
CA TYR C 207 -19.15 23.99 29.98
C TYR C 207 -19.34 25.50 29.98
N LYS C 208 -19.29 26.12 31.15
CA LYS C 208 -19.65 27.54 31.27
C LYS C 208 -18.70 28.41 30.46
N ASN C 209 -17.43 28.06 30.40
CA ASN C 209 -16.46 28.85 29.66
C ASN C 209 -16.75 28.74 28.16
N PRO C 210 -16.86 29.86 27.40
CA PRO C 210 -17.20 29.73 25.98
C PRO C 210 -16.07 29.15 25.14
N THR C 211 -14.85 29.62 25.34
CA THR C 211 -13.66 29.16 24.64
C THR C 211 -12.84 28.31 25.61
N THR C 212 -12.58 27.06 25.23
CA THR C 212 -11.96 26.08 26.10
C THR C 212 -10.86 25.36 25.35
N TYR C 213 -10.08 24.57 26.07
CA TYR C 213 -8.94 23.87 25.51
C TYR C 213 -8.66 22.62 26.34
N ILE C 214 -7.74 21.80 25.84
CA ILE C 214 -7.14 20.72 26.62
C ILE C 214 -5.67 20.67 26.23
N SER C 215 -4.79 21.07 27.15
CA SER C 215 -3.36 20.91 26.99
C SER C 215 -2.94 19.62 27.67
N VAL C 216 -2.13 18.83 26.97
CA VAL C 216 -1.62 17.56 27.49
C VAL C 216 -0.12 17.56 27.28
N GLY C 217 0.62 17.19 28.33
CA GLY C 217 2.07 17.18 28.29
C GLY C 217 2.64 15.92 28.87
N THR C 218 3.76 15.49 28.31
CA THR C 218 4.51 14.34 28.81
C THR C 218 5.96 14.57 28.40
N SER C 219 6.86 13.69 28.83
CA SER C 219 8.24 13.75 28.39
C SER C 219 8.36 13.69 26.87
N THR C 220 7.47 12.96 26.20
CA THR C 220 7.50 12.77 24.74
C THR C 220 6.11 12.93 24.15
N LEU C 221 5.37 13.95 24.57
CA LEU C 221 4.10 14.26 23.93
C LEU C 221 3.70 15.68 24.32
N ASN C 222 3.11 16.39 23.36
CA ASN C 222 2.66 17.76 23.55
C ASN C 222 1.41 17.90 22.68
N GLN C 223 0.28 18.23 23.29
CA GLN C 223 -0.96 18.45 22.57
C GLN C 223 -1.67 19.67 23.12
N ARG C 224 -2.36 20.38 22.23
CA ARG C 224 -3.20 21.53 22.58
C ARG C 224 -4.45 21.41 21.71
N LEU C 225 -5.51 20.85 22.30
CA LEU C 225 -6.73 20.53 21.59
C LEU C 225 -7.77 21.61 21.83
N VAL C 226 -8.45 22.01 20.76
CA VAL C 226 -9.51 23.03 20.79
C VAL C 226 -10.78 22.40 20.25
N PRO C 227 -11.97 22.63 20.84
CA PRO C 227 -13.18 22.07 20.24
C PRO C 227 -13.51 22.71 18.89
N LYS C 228 -14.22 21.94 18.07
CA LYS C 228 -14.73 22.38 16.78
C LYS C 228 -16.25 22.50 16.92
N ILE C 229 -16.70 23.67 17.34
CA ILE C 229 -18.14 23.92 17.53
C ILE C 229 -18.72 24.12 16.14
N ALA C 230 -19.41 23.09 15.62
CA ALA C 230 -19.91 23.10 14.27
C ALA C 230 -21.19 22.29 14.20
N THR C 231 -21.95 22.52 13.13
CA THR C 231 -23.16 21.76 12.86
C THR C 231 -22.80 20.51 12.06
N ARG C 232 -23.26 19.35 12.54
CA ARG C 232 -22.90 18.06 11.97
C ARG C 232 -24.15 17.19 11.86
N SER C 233 -24.02 16.12 11.09
CA SER C 233 -25.12 15.18 10.91
C SER C 233 -25.43 14.48 12.23
N GLN C 234 -26.69 14.07 12.37
CA GLN C 234 -27.17 13.41 13.58
C GLN C 234 -26.91 11.92 13.45
N VAL C 235 -25.89 11.44 14.16
CA VAL C 235 -25.52 10.03 14.22
C VAL C 235 -25.86 9.51 15.61
N ASN C 236 -26.62 8.42 15.66
CA ASN C 236 -27.10 7.84 16.92
C ASN C 236 -27.89 8.86 17.75
N GLY C 237 -28.57 9.79 17.08
CA GLY C 237 -29.33 10.83 17.76
C GLY C 237 -28.50 11.95 18.36
N GLN C 238 -27.19 11.96 18.15
CA GLN C 238 -26.28 12.93 18.77
C GLN C 238 -25.47 13.62 17.69
N ARG C 239 -25.33 14.94 17.82
CA ARG C 239 -24.55 15.76 16.89
C ARG C 239 -23.19 16.17 17.44
N GLY C 240 -22.93 15.97 18.74
CA GLY C 240 -21.60 16.17 19.28
C GLY C 240 -20.68 15.02 18.97
N ARG C 241 -19.38 15.26 19.04
CA ARG C 241 -18.36 14.28 18.66
C ARG C 241 -17.27 14.22 19.71
N MET C 242 -17.05 13.04 20.29
CA MET C 242 -15.98 12.83 21.28
C MET C 242 -14.79 12.22 20.57
N ASP C 243 -13.78 13.04 20.32
CA ASP C 243 -12.53 12.58 19.72
C ASP C 243 -11.60 12.12 20.85
N PHE C 244 -11.42 10.82 20.98
CA PHE C 244 -10.60 10.25 22.03
C PHE C 244 -9.15 10.14 21.59
N PHE C 245 -8.26 10.19 22.56
CA PHE C 245 -6.82 10.15 22.35
C PHE C 245 -6.21 9.21 23.37
N TRP C 246 -5.06 8.64 23.01
CA TRP C 246 -4.37 7.66 23.83
C TRP C 246 -2.88 8.00 23.89
N THR C 247 -2.24 7.54 24.95
CA THR C 247 -0.79 7.63 25.04
C THR C 247 -0.29 6.48 25.90
N ILE C 248 1.00 6.18 25.75
CA ILE C 248 1.69 5.18 26.57
C ILE C 248 2.70 5.92 27.42
N LEU C 249 2.54 5.77 28.74
CA LEU C 249 3.34 6.46 29.74
C LEU C 249 4.32 5.45 30.34
N LYS C 250 5.61 5.74 30.24
CA LYS C 250 6.67 4.83 30.65
C LYS C 250 6.90 4.95 32.15
N PRO C 251 7.64 4.01 32.75
CA PRO C 251 7.95 4.14 34.18
C PRO C 251 8.73 5.40 34.49
N ASP C 252 8.43 5.98 35.65
CA ASP C 252 9.03 7.26 36.09
C ASP C 252 8.78 8.37 35.08
N ASP C 253 7.62 8.34 34.42
CA ASP C 253 7.18 9.37 33.49
C ASP C 253 5.77 9.78 33.88
N ALA C 254 5.52 11.09 33.83
CA ALA C 254 4.28 11.69 34.32
C ALA C 254 3.57 12.43 33.21
N ILE C 255 2.24 12.27 33.18
CA ILE C 255 1.37 12.94 32.21
C ILE C 255 0.64 14.06 32.92
N HIS C 256 0.62 15.24 32.28
CA HIS C 256 0.09 16.47 32.85
C HIS C 256 -1.11 16.89 32.01
N PHE C 257 -2.31 16.86 32.62
CA PHE C 257 -3.54 17.29 31.98
C PHE C 257 -3.89 18.68 32.51
N GLU C 258 -4.02 19.65 31.61
CA GLU C 258 -4.58 20.95 31.92
C GLU C 258 -5.78 21.15 31.00
N SER C 259 -6.89 21.63 31.55
CA SER C 259 -8.06 21.85 30.70
C SER C 259 -9.11 22.65 31.45
N ASN C 260 -9.72 23.60 30.75
CA ASN C 260 -10.83 24.40 31.28
C ASN C 260 -12.17 24.06 30.62
N GLY C 261 -12.26 22.93 29.90
CA GLY C 261 -13.52 22.54 29.31
C GLY C 261 -13.35 21.45 28.30
N ASN C 262 -14.49 20.86 27.91
CA ASN C 262 -14.58 19.84 26.88
C ASN C 262 -13.73 18.61 27.19
N PHE C 263 -13.47 18.35 28.47
CA PHE C 263 -12.50 17.35 28.90
C PHE C 263 -13.23 16.03 29.22
N ILE C 264 -12.85 14.97 28.52
CA ILE C 264 -13.30 13.62 28.83
C ILE C 264 -12.16 12.96 29.58
N ALA C 265 -12.17 13.11 30.91
CA ALA C 265 -10.99 12.83 31.70
C ALA C 265 -10.74 11.33 31.87
N PRO C 266 -9.51 10.91 32.12
CA PRO C 266 -9.27 9.51 32.47
C PRO C 266 -9.87 9.14 33.81
N GLU C 267 -10.28 7.88 33.93
CA GLU C 267 -10.53 7.25 35.21
C GLU C 267 -9.68 6.00 35.41
N TYR C 268 -9.64 5.12 34.41
CA TYR C 268 -8.87 3.88 34.45
C TYR C 268 -7.80 3.91 33.38
N ALA C 269 -6.56 3.59 33.77
CA ALA C 269 -5.49 3.31 32.84
C ALA C 269 -5.28 1.79 32.79
N TYR C 270 -4.36 1.35 31.94
CA TYR C 270 -4.17 -0.07 31.65
C TYR C 270 -2.70 -0.41 31.79
N LYS C 271 -2.33 -1.09 32.88
CA LYS C 271 -0.98 -1.63 33.00
C LYS C 271 -0.76 -2.70 31.95
N ILE C 272 0.35 -2.59 31.21
CA ILE C 272 0.77 -3.60 30.23
C ILE C 272 1.61 -4.59 31.03
N VAL C 273 0.95 -5.60 31.59
CA VAL C 273 1.62 -6.51 32.50
C VAL C 273 2.49 -7.51 31.74
N LYS C 274 1.92 -8.11 30.68
CA LYS C 274 2.59 -9.13 29.88
C LYS C 274 2.63 -8.65 28.43
N LYS C 275 3.80 -8.78 27.81
CA LYS C 275 4.05 -8.29 26.46
C LYS C 275 4.67 -9.41 25.64
N GLY C 276 4.00 -9.82 24.57
CA GLY C 276 4.45 -10.93 23.77
C GLY C 276 3.92 -10.88 22.34
N ASP C 277 3.55 -12.04 21.80
CA ASP C 277 3.06 -12.16 20.43
C ASP C 277 1.56 -12.38 20.46
N SER C 278 0.86 -11.66 19.58
CA SER C 278 -0.60 -11.74 19.50
C SER C 278 -1.04 -11.19 18.15
N THR C 279 -2.34 -11.11 17.96
CA THR C 279 -2.92 -10.52 16.76
C THR C 279 -4.39 -10.25 17.02
N ILE C 280 -4.98 -9.44 16.14
CA ILE C 280 -6.41 -9.15 16.14
C ILE C 280 -6.99 -9.95 14.98
N MET C 281 -7.82 -10.95 15.29
CA MET C 281 -8.15 -11.98 14.33
C MET C 281 -9.16 -11.50 13.30
N LYS C 282 -10.09 -10.63 13.68
CA LYS C 282 -11.09 -10.05 12.79
C LYS C 282 -11.95 -11.14 12.14
N SER C 283 -12.72 -11.84 12.98
CA SER C 283 -13.66 -12.85 12.50
C SER C 283 -14.70 -13.12 13.58
N GLY C 284 -15.75 -13.83 13.17
CA GLY C 284 -16.89 -14.12 14.03
C GLY C 284 -17.29 -15.58 14.06
N VAL C 285 -16.29 -16.47 13.99
CA VAL C 285 -16.56 -17.90 14.12
C VAL C 285 -16.85 -18.22 15.58
N GLU C 286 -17.78 -19.14 15.80
CA GLU C 286 -18.15 -19.52 17.16
C GLU C 286 -16.98 -20.23 17.84
N TYR C 287 -16.87 -20.01 19.15
CA TYR C 287 -15.79 -20.58 19.95
C TYR C 287 -16.22 -21.93 20.52
N GLY C 288 -15.40 -22.95 20.27
CA GLY C 288 -15.56 -24.25 20.90
C GLY C 288 -14.44 -24.46 21.90
N HIS C 289 -14.69 -25.30 22.89
CA HIS C 289 -13.69 -25.59 23.93
C HIS C 289 -12.70 -26.59 23.34
N CYS C 290 -11.58 -26.07 22.85
CA CYS C 290 -10.59 -26.87 22.13
C CYS C 290 -9.24 -26.18 22.25
N ASN C 291 -8.20 -26.94 21.91
CA ASN C 291 -6.82 -26.47 22.01
C ASN C 291 -6.10 -26.75 20.69
N THR C 292 -5.11 -25.92 20.38
CA THR C 292 -4.37 -26.06 19.13
C THR C 292 -3.00 -25.40 19.30
N LYS C 293 -2.13 -25.67 18.33
CA LYS C 293 -0.84 -25.00 18.19
C LYS C 293 -0.87 -23.88 17.17
N CYS C 294 -1.76 -23.95 16.19
CA CYS C 294 -1.94 -22.94 15.15
C CYS C 294 -3.41 -22.55 15.10
N GLN C 295 -3.66 -21.31 14.67
CA GLN C 295 -5.03 -20.82 14.55
C GLN C 295 -5.10 -19.85 13.39
N THR C 296 -6.25 -19.87 12.71
CA THR C 296 -6.62 -18.95 11.66
C THR C 296 -8.00 -18.41 11.97
N PRO C 297 -8.43 -17.31 11.32
CA PRO C 297 -9.76 -16.75 11.63
C PRO C 297 -10.91 -17.72 11.40
N VAL C 298 -10.83 -18.55 10.36
CA VAL C 298 -11.96 -19.42 10.04
C VAL C 298 -11.94 -20.69 10.90
N GLY C 299 -10.76 -21.21 11.23
CA GLY C 299 -10.68 -22.39 12.06
C GLY C 299 -9.25 -22.71 12.44
N ALA C 300 -9.10 -23.61 13.40
CA ALA C 300 -7.79 -24.01 13.89
C ALA C 300 -7.16 -25.03 12.94
N ILE C 301 -5.87 -25.30 13.14
CA ILE C 301 -5.10 -26.23 12.32
C ILE C 301 -4.27 -27.09 13.28
N ASN C 302 -4.74 -28.32 13.54
CA ASN C 302 -3.93 -29.35 14.18
C ASN C 302 -3.36 -30.21 13.07
N SER C 303 -2.08 -30.03 12.77
CA SER C 303 -1.47 -30.76 11.67
C SER C 303 0.03 -30.47 11.66
N SER C 304 0.77 -31.37 11.01
CA SER C 304 2.22 -31.24 10.81
C SER C 304 2.58 -31.10 9.34
N MET C 305 1.63 -30.72 8.48
CA MET C 305 1.93 -30.55 7.07
C MET C 305 2.85 -29.34 6.88
N PRO C 306 3.77 -29.37 5.90
CA PRO C 306 4.60 -28.18 5.68
C PRO C 306 3.83 -26.95 5.24
N PHE C 307 2.76 -27.11 4.45
CA PHE C 307 1.97 -25.99 3.94
C PHE C 307 0.53 -26.08 4.45
N HIS C 308 -0.22 -25.02 4.16
CA HIS C 308 -1.67 -25.03 4.31
C HIS C 308 -2.25 -24.06 3.29
N ASN C 309 -3.58 -24.07 3.16
CA ASN C 309 -4.28 -23.11 2.31
C ASN C 309 -5.57 -22.59 2.92
N ILE C 310 -5.75 -22.72 4.24
CA ILE C 310 -7.00 -22.35 4.89
C ILE C 310 -7.20 -20.83 4.84
N HIS C 311 -6.18 -20.06 5.23
CA HIS C 311 -6.32 -18.61 5.29
C HIS C 311 -4.93 -17.99 5.39
N PRO C 312 -4.69 -16.78 4.80
CA PRO C 312 -3.34 -16.21 4.89
C PRO C 312 -2.92 -15.84 6.30
N LEU C 313 -3.78 -15.12 7.02
CA LEU C 313 -3.45 -14.64 8.35
C LEU C 313 -3.56 -15.78 9.35
N THR C 314 -2.47 -16.05 10.06
CA THR C 314 -2.41 -17.17 11.00
C THR C 314 -1.63 -16.72 12.23
N ILE C 315 -1.74 -17.50 13.31
CA ILE C 315 -0.97 -17.25 14.52
C ILE C 315 -0.62 -18.59 15.16
N GLY C 316 0.61 -18.68 15.67
CA GLY C 316 1.12 -19.88 16.29
C GLY C 316 2.09 -20.62 15.37
N GLU C 317 2.57 -21.76 15.88
CA GLU C 317 3.44 -22.63 15.08
C GLU C 317 2.58 -23.26 14.00
N CYS C 318 2.62 -22.67 12.81
CA CYS C 318 1.70 -22.95 11.72
C CYS C 318 2.45 -23.52 10.51
N PRO C 319 1.76 -24.21 9.61
CA PRO C 319 2.32 -24.40 8.28
C PRO C 319 2.35 -23.08 7.53
N LYS C 320 2.95 -23.10 6.34
CA LYS C 320 3.17 -21.90 5.56
C LYS C 320 2.10 -21.81 4.47
N TYR C 321 1.43 -20.66 4.42
CA TYR C 321 0.31 -20.48 3.50
C TYR C 321 0.76 -20.55 2.05
N VAL C 322 -0.05 -21.19 1.22
CA VAL C 322 0.17 -21.25 -0.21
C VAL C 322 -1.21 -21.22 -0.88
N LYS C 323 -1.42 -20.24 -1.76
CA LYS C 323 -2.73 -20.02 -2.39
C LYS C 323 -2.91 -21.05 -3.49
N SER C 324 -3.33 -22.25 -3.10
CA SER C 324 -3.46 -23.35 -4.03
C SER C 324 -4.41 -24.38 -3.42
N ASN C 325 -4.57 -25.51 -4.12
CA ASN C 325 -5.45 -26.59 -3.70
C ASN C 325 -4.87 -27.98 -3.89
N LYS C 326 -3.66 -28.12 -4.44
CA LYS C 326 -3.11 -29.45 -4.68
C LYS C 326 -1.59 -29.34 -4.72
N LEU C 327 -0.94 -29.72 -3.62
CA LEU C 327 0.49 -29.98 -3.58
C LEU C 327 0.71 -31.43 -3.17
N VAL C 328 1.63 -32.10 -3.87
CA VAL C 328 1.96 -33.48 -3.56
C VAL C 328 3.32 -33.80 -4.15
N LEU C 329 4.17 -34.45 -3.36
CA LEU C 329 5.51 -34.84 -3.79
C LEU C 329 5.49 -36.28 -4.27
N ALA C 330 6.06 -36.52 -5.44
CA ALA C 330 6.05 -37.84 -6.07
C ALA C 330 7.15 -38.70 -5.46
N THR C 331 6.92 -39.13 -4.22
CA THR C 331 7.88 -40.00 -3.56
C THR C 331 7.88 -41.41 -4.10
N GLY C 332 6.90 -41.79 -4.94
CA GLY C 332 6.85 -43.12 -5.49
C GLY C 332 7.57 -43.25 -6.81
N LEU C 333 7.70 -44.49 -7.27
CA LEU C 333 8.43 -44.79 -8.49
C LEU C 333 7.76 -44.16 -9.70
N ARG C 334 6.56 -44.61 -10.04
CA ARG C 334 5.84 -44.08 -11.19
C ARG C 334 4.90 -42.97 -10.74
N GLN D 1 -30.46 44.23 -5.29
CA GLN D 1 -31.45 45.32 -5.12
C GLN D 1 -32.80 44.91 -5.71
N VAL D 2 -33.46 43.96 -5.05
CA VAL D 2 -34.75 43.44 -5.49
C VAL D 2 -35.84 44.28 -4.84
N GLN D 3 -36.86 44.63 -5.63
CA GLN D 3 -37.94 45.52 -5.19
C GLN D 3 -39.28 44.89 -5.56
N LEU D 4 -40.18 44.81 -4.58
CA LEU D 4 -41.50 44.21 -4.75
C LEU D 4 -42.57 45.28 -4.65
N GLN D 5 -43.59 45.19 -5.50
CA GLN D 5 -44.67 46.18 -5.54
C GLN D 5 -45.99 45.46 -5.73
N GLU D 6 -47.00 45.91 -4.99
CA GLU D 6 -48.34 45.32 -5.03
C GLU D 6 -49.18 46.01 -6.09
N SER D 7 -50.28 45.35 -6.45
CA SER D 7 -51.21 45.89 -7.43
C SER D 7 -52.56 45.24 -7.21
N GLY D 8 -53.62 46.06 -7.19
CA GLY D 8 -54.96 45.60 -7.00
C GLY D 8 -55.84 46.70 -6.46
N PRO D 9 -57.15 46.49 -6.42
CA PRO D 9 -58.05 47.55 -5.97
C PRO D 9 -58.12 47.62 -4.45
N GLY D 10 -58.80 48.65 -3.97
CA GLY D 10 -59.00 48.85 -2.54
C GLY D 10 -60.40 48.43 -2.10
N LEU D 11 -61.41 48.82 -2.89
CA LEU D 11 -62.80 48.52 -2.57
C LEU D 11 -63.14 47.15 -3.12
N VAL D 12 -63.78 46.32 -2.29
CA VAL D 12 -64.12 44.94 -2.65
C VAL D 12 -65.52 44.65 -2.13
N LYS D 13 -66.31 43.96 -2.94
CA LYS D 13 -67.64 43.54 -2.52
C LYS D 13 -67.53 42.41 -1.49
N PRO D 14 -68.58 42.21 -0.67
CA PRO D 14 -68.48 41.21 0.41
C PRO D 14 -68.90 39.81 -0.01
N SER D 15 -68.97 39.54 -1.31
CA SER D 15 -69.43 38.25 -1.83
C SER D 15 -68.61 37.68 -2.97
N GLU D 16 -67.77 38.47 -3.65
CA GLU D 16 -67.05 38.07 -4.84
C GLU D 16 -65.56 37.94 -4.53
N THR D 17 -64.80 37.53 -5.54
CA THR D 17 -63.41 37.13 -5.37
C THR D 17 -62.47 38.34 -5.46
N LEU D 18 -61.53 38.40 -4.52
CA LEU D 18 -60.45 39.38 -4.55
C LEU D 18 -59.30 38.87 -5.40
N SER D 19 -58.55 39.81 -5.98
CA SER D 19 -57.39 39.50 -6.80
C SER D 19 -56.32 40.56 -6.58
N LEU D 20 -55.16 40.14 -6.06
CA LEU D 20 -53.97 40.99 -5.98
C LEU D 20 -52.84 40.35 -6.75
N THR D 21 -51.90 41.19 -7.20
CA THR D 21 -50.74 40.74 -7.94
C THR D 21 -49.51 41.49 -7.43
N CYS D 22 -48.41 40.77 -7.23
CA CYS D 22 -47.17 41.33 -6.71
C CYS D 22 -46.10 41.13 -7.76
N THR D 23 -45.50 42.24 -8.18
CA THR D 23 -44.50 42.29 -9.24
C THR D 23 -43.15 42.56 -8.62
N VAL D 24 -42.15 41.78 -9.04
CA VAL D 24 -40.78 41.89 -8.54
C VAL D 24 -39.89 42.41 -9.65
N SER D 25 -39.03 43.36 -9.31
CA SER D 25 -38.11 44.00 -10.25
C SER D 25 -36.71 43.95 -9.68
N GLY D 26 -35.73 43.82 -10.57
CA GLY D 26 -34.34 43.65 -10.21
C GLY D 26 -33.86 42.22 -10.28
N ASP D 27 -34.76 41.25 -10.18
CA ASP D 27 -34.42 39.85 -10.31
C ASP D 27 -35.72 39.10 -10.56
N SER D 28 -35.61 37.95 -11.23
CA SER D 28 -36.78 37.17 -11.58
C SER D 28 -37.22 36.29 -10.41
N ILE D 29 -38.42 35.72 -10.55
CA ILE D 29 -38.91 34.72 -9.61
C ILE D 29 -38.22 33.42 -9.98
N SER D 30 -37.08 33.15 -9.33
CA SER D 30 -36.13 32.15 -9.80
C SER D 30 -35.92 31.01 -8.81
N SER D 31 -35.68 31.31 -7.53
CA SER D 31 -35.08 30.31 -6.63
C SER D 31 -35.61 30.30 -5.20
N TYR D 32 -36.70 31.00 -4.88
CA TYR D 32 -37.14 31.15 -3.50
C TYR D 32 -38.65 30.93 -3.41
N TYR D 33 -39.12 30.60 -2.20
CA TYR D 33 -40.55 30.60 -1.91
C TYR D 33 -41.00 32.05 -1.69
N TRP D 34 -42.12 32.41 -2.30
CA TRP D 34 -42.69 33.75 -2.25
C TRP D 34 -44.00 33.72 -1.46
N SER D 35 -44.09 34.55 -0.42
CA SER D 35 -45.17 34.50 0.56
C SER D 35 -45.99 35.79 0.57
N TRP D 36 -47.32 35.64 0.58
CA TRP D 36 -48.23 36.76 0.78
C TRP D 36 -48.51 36.97 2.27
N ILE D 37 -48.63 38.24 2.69
CA ILE D 37 -48.86 38.58 4.09
C ILE D 37 -50.04 39.53 4.18
N ARG D 38 -50.78 39.46 5.29
CA ARG D 38 -51.89 40.37 5.57
C ARG D 38 -51.81 40.81 7.03
N GLN D 39 -52.04 42.10 7.26
CA GLN D 39 -52.12 42.66 8.62
C GLN D 39 -53.40 43.49 8.69
N PRO D 40 -54.34 43.22 9.61
CA PRO D 40 -55.48 44.13 9.77
C PRO D 40 -55.05 45.45 10.37
N PRO D 41 -55.98 46.41 10.57
CA PRO D 41 -55.62 47.66 11.25
C PRO D 41 -55.10 47.42 12.66
N GLY D 42 -53.81 47.67 12.86
CA GLY D 42 -53.17 47.21 14.08
C GLY D 42 -53.07 45.70 14.08
N LYS D 43 -53.43 45.08 15.21
CA LYS D 43 -53.49 43.63 15.36
C LYS D 43 -52.08 43.07 15.13
N GLY D 44 -51.89 42.03 14.31
CA GLY D 44 -50.59 41.46 14.09
C GLY D 44 -50.51 40.83 12.71
N LEU D 45 -49.28 40.63 12.25
CA LEU D 45 -49.05 40.09 10.91
C LEU D 45 -49.52 38.65 10.84
N GLU D 46 -50.10 38.29 9.69
CA GLU D 46 -50.56 36.95 9.40
C GLU D 46 -50.32 36.71 7.92
N TRP D 47 -50.12 35.45 7.55
CA TRP D 47 -49.67 35.10 6.20
C TRP D 47 -50.73 34.23 5.55
N ILE D 48 -51.01 34.51 4.29
CA ILE D 48 -52.06 33.81 3.56
C ILE D 48 -51.55 32.52 2.94
N GLY D 49 -50.42 32.59 2.24
CA GLY D 49 -49.88 31.46 1.53
C GLY D 49 -48.44 31.73 1.16
N TYR D 50 -47.75 30.69 0.71
CA TYR D 50 -46.51 30.89 -0.03
C TYR D 50 -46.38 29.83 -1.12
N VAL D 51 -45.88 30.30 -2.27
CA VAL D 51 -45.73 29.51 -3.48
C VAL D 51 -44.25 29.38 -3.79
N HIS D 52 -43.79 28.15 -4.01
CA HIS D 52 -42.44 27.93 -4.48
C HIS D 52 -42.35 28.43 -5.92
N TYR D 53 -41.11 28.72 -6.38
CA TYR D 53 -40.97 29.19 -7.76
C TYR D 53 -41.42 28.14 -8.76
N SER D 54 -41.27 26.86 -8.42
CA SER D 54 -41.76 25.79 -9.28
C SER D 54 -43.27 25.84 -9.41
N GLY D 55 -43.97 26.07 -8.30
CA GLY D 55 -45.43 26.06 -8.26
C GLY D 55 -46.00 25.44 -7.01
N ASN D 56 -45.19 24.74 -6.22
CA ASN D 56 -45.66 24.14 -4.98
C ASN D 56 -46.15 25.22 -4.03
N THR D 57 -47.35 25.02 -3.48
CA THR D 57 -48.03 25.99 -2.65
C THR D 57 -48.33 25.40 -1.28
N ASN D 58 -48.11 26.19 -0.23
CA ASN D 58 -48.55 25.86 1.11
C ASN D 58 -49.35 27.03 1.65
N TYR D 59 -50.57 26.75 2.13
CA TYR D 59 -51.52 27.76 2.55
C TYR D 59 -51.74 27.66 4.06
N ASN D 60 -52.23 28.74 4.64
CA ASN D 60 -52.60 28.70 6.05
C ASN D 60 -53.78 27.74 6.24
N PRO D 61 -53.78 26.90 7.27
CA PRO D 61 -54.97 26.06 7.51
C PRO D 61 -56.24 26.84 7.80
N SER D 62 -56.12 28.02 8.40
CA SER D 62 -57.31 28.82 8.69
C SER D 62 -57.97 29.30 7.41
N LEU D 63 -57.16 29.72 6.44
CA LEU D 63 -57.61 30.28 5.17
C LEU D 63 -57.54 29.26 4.03
N LYS D 64 -57.38 27.97 4.35
CA LYS D 64 -57.08 26.96 3.33
C LYS D 64 -58.20 26.82 2.30
N SER D 65 -59.46 26.98 2.72
CA SER D 65 -60.57 26.68 1.83
C SER D 65 -60.71 27.68 0.70
N ARG D 66 -60.39 28.96 0.94
CA ARG D 66 -60.70 30.04 0.00
C ARG D 66 -59.49 30.53 -0.79
N VAL D 67 -58.29 30.40 -0.24
CA VAL D 67 -57.07 30.89 -0.88
C VAL D 67 -56.80 30.16 -2.21
N THR D 68 -56.14 30.88 -3.11
CA THR D 68 -55.40 30.26 -4.20
C THR D 68 -54.27 31.20 -4.60
N ILE D 69 -53.05 30.68 -4.59
CA ILE D 69 -51.85 31.42 -4.96
C ILE D 69 -51.37 30.88 -6.29
N SER D 70 -50.81 31.76 -7.11
CA SER D 70 -50.27 31.43 -8.42
C SER D 70 -48.89 32.08 -8.56
N VAL D 71 -48.30 31.92 -9.74
CA VAL D 71 -46.99 32.47 -10.04
C VAL D 71 -46.85 32.56 -11.55
N ASP D 72 -46.07 33.53 -12.02
CA ASP D 72 -45.83 33.72 -13.44
C ASP D 72 -44.37 34.15 -13.59
N THR D 73 -43.49 33.19 -13.85
CA THR D 73 -42.07 33.49 -13.96
C THR D 73 -41.76 34.34 -15.19
N SER D 74 -42.55 34.18 -16.26
CA SER D 74 -42.30 34.96 -17.47
C SER D 74 -42.52 36.45 -17.22
N LYS D 75 -43.60 36.79 -16.52
CA LYS D 75 -43.91 38.17 -16.18
C LYS D 75 -43.25 38.66 -14.90
N ASN D 76 -42.59 37.77 -14.14
CA ASN D 76 -42.01 38.09 -12.84
C ASN D 76 -43.10 38.63 -11.90
N GLN D 77 -44.15 37.83 -11.72
CA GLN D 77 -45.31 38.22 -10.95
C GLN D 77 -45.87 37.00 -10.25
N PHE D 78 -46.53 37.24 -9.12
CA PHE D 78 -47.31 36.19 -8.46
C PHE D 78 -48.49 36.81 -7.73
N SER D 79 -49.62 36.10 -7.77
CA SER D 79 -50.92 36.66 -7.42
C SER D 79 -51.56 35.90 -6.26
N LEU D 80 -52.59 36.54 -5.70
CA LEU D 80 -53.40 36.02 -4.62
C LEU D 80 -54.87 36.20 -5.00
N LYS D 81 -55.68 35.19 -4.67
CA LYS D 81 -57.04 35.03 -5.18
C LYS D 81 -58.01 34.68 -4.06
N LEU D 82 -58.03 35.47 -2.99
CA LEU D 82 -59.01 35.26 -1.92
C LEU D 82 -60.44 35.31 -2.43
N SER D 83 -61.13 34.16 -2.37
N SER D 83 -61.13 34.16 -2.37
CA SER D 83 -62.52 34.06 -2.78
CA SER D 83 -62.52 34.06 -2.78
C SER D 83 -63.43 34.24 -1.57
C SER D 83 -63.43 34.24 -1.57
N SER D 84 -64.66 34.67 -1.85
CA SER D 84 -65.69 34.84 -0.81
C SER D 84 -65.24 35.83 0.27
N VAL D 85 -64.99 37.06 -0.18
CA VAL D 85 -64.42 38.09 0.69
C VAL D 85 -65.42 38.41 1.80
N THR D 86 -65.06 38.07 3.04
CA THR D 86 -65.83 38.39 4.22
C THR D 86 -65.32 39.72 4.78
N ALA D 87 -66.14 40.36 5.63
CA ALA D 87 -65.75 41.62 6.24
C ALA D 87 -64.51 41.49 7.12
N ALA D 88 -64.16 40.29 7.56
CA ALA D 88 -62.90 40.08 8.25
C ALA D 88 -61.72 40.38 7.34
N ASP D 89 -61.84 40.05 6.05
CA ASP D 89 -60.76 40.23 5.09
C ASP D 89 -60.73 41.68 4.59
N THR D 90 -60.43 42.58 5.52
CA THR D 90 -60.21 44.00 5.23
C THR D 90 -58.97 44.39 6.01
N ALA D 91 -57.88 44.69 5.31
CA ALA D 91 -56.57 44.72 5.93
C ALA D 91 -55.60 45.42 4.99
N VAL D 92 -54.31 45.35 5.28
CA VAL D 92 -53.24 45.79 4.40
C VAL D 92 -52.42 44.57 4.04
N TYR D 93 -52.34 44.28 2.75
CA TYR D 93 -51.70 43.07 2.24
C TYR D 93 -50.28 43.41 1.81
N TYR D 94 -49.30 42.80 2.48
CA TYR D 94 -47.90 42.95 2.15
C TYR D 94 -47.46 41.77 1.26
N CYS D 95 -46.23 41.88 0.77
CA CYS D 95 -45.66 40.93 -0.15
C CYS D 95 -44.17 40.77 0.15
N ALA D 96 -43.76 39.56 0.57
CA ALA D 96 -42.40 39.30 1.00
C ALA D 96 -41.76 38.19 0.20
N ARG D 97 -40.42 38.14 0.27
CA ARG D 97 -39.61 37.07 -0.31
C ARG D 97 -39.05 36.26 0.84
N THR D 98 -39.48 35.00 0.96
CA THR D 98 -39.09 34.19 2.12
C THR D 98 -37.60 33.88 2.12
N THR D 99 -37.02 33.69 0.94
CA THR D 99 -35.58 33.46 0.79
C THR D 99 -35.09 32.29 1.64
N MET D 100 -35.87 31.19 1.66
CA MET D 100 -35.49 29.99 2.40
C MET D 100 -35.01 28.86 1.50
N SER D 101 -35.78 28.46 0.49
CA SER D 101 -35.42 27.37 -0.42
C SER D 101 -35.05 26.08 0.34
N ARG D 102 -35.97 25.63 1.19
CA ARG D 102 -35.76 24.41 1.98
C ARG D 102 -36.32 23.20 1.23
N GLY D 103 -35.68 22.91 0.11
CA GLY D 103 -36.11 21.83 -0.74
C GLY D 103 -35.68 20.49 -0.18
N PRO D 104 -35.84 19.42 -0.97
CA PRO D 104 -35.44 18.09 -0.49
C PRO D 104 -33.95 17.96 -0.18
N SER D 105 -33.10 18.71 -0.88
CA SER D 105 -31.65 18.58 -0.78
C SER D 105 -31.00 19.81 -0.15
N LEU D 106 -31.22 21.00 -0.71
CA LEU D 106 -30.57 22.21 -0.25
C LEU D 106 -31.40 22.89 0.84
N TYR D 107 -30.73 23.27 1.93
CA TYR D 107 -31.36 23.95 3.05
C TYR D 107 -30.58 25.20 3.41
N TYR D 108 -31.28 26.33 3.48
CA TYR D 108 -30.75 27.54 4.08
C TYR D 108 -31.94 28.43 4.44
N TYR D 109 -31.65 29.58 5.04
CA TYR D 109 -32.73 30.44 5.51
C TYR D 109 -32.23 31.84 5.78
N TYR D 110 -32.89 32.83 5.19
CA TYR D 110 -32.59 34.24 5.38
C TYR D 110 -33.79 35.08 5.81
N GLY D 111 -34.96 34.47 6.01
CA GLY D 111 -36.14 35.17 6.50
C GLY D 111 -36.83 35.97 5.43
N LEU D 112 -37.90 36.65 5.83
CA LEU D 112 -38.65 37.54 4.94
C LEU D 112 -37.85 38.84 4.79
N ASP D 113 -36.74 38.73 4.06
CA ASP D 113 -35.77 39.83 3.97
C ASP D 113 -36.34 41.04 3.23
N VAL D 114 -36.93 40.82 2.06
CA VAL D 114 -37.42 41.90 1.19
C VAL D 114 -38.93 41.93 1.31
N TRP D 115 -39.47 43.10 1.65
CA TRP D 115 -40.91 43.32 1.79
C TRP D 115 -41.38 44.41 0.84
N GLY D 116 -42.43 44.10 0.07
CA GLY D 116 -43.04 45.10 -0.77
C GLY D 116 -43.86 46.07 0.05
N GLN D 117 -44.15 47.22 -0.54
CA GLN D 117 -45.01 48.21 0.12
C GLN D 117 -46.45 47.73 0.06
N GLY D 118 -47.10 47.63 1.22
CA GLY D 118 -48.40 46.98 1.29
C GLY D 118 -49.47 47.77 0.59
N THR D 119 -50.59 47.08 0.30
CA THR D 119 -51.74 47.69 -0.35
C THR D 119 -52.99 47.43 0.49
N THR D 120 -53.79 48.47 0.69
CA THR D 120 -54.98 48.36 1.53
C THR D 120 -56.12 47.75 0.74
N VAL D 121 -56.93 46.93 1.41
CA VAL D 121 -58.12 46.32 0.82
C VAL D 121 -59.23 46.38 1.85
N THR D 122 -60.43 46.73 1.40
CA THR D 122 -61.61 46.77 2.26
C THR D 122 -62.83 46.22 1.51
N ASP E 1 -44.30 26.85 17.49
CA ASP E 1 -44.89 26.36 16.22
C ASP E 1 -46.21 27.11 15.92
N ILE E 2 -47.34 26.58 16.40
CA ILE E 2 -48.62 27.14 15.99
C ILE E 2 -48.93 28.41 16.77
N VAL E 3 -48.43 28.52 18.01
CA VAL E 3 -48.68 29.66 18.89
C VAL E 3 -47.34 30.26 19.29
N MET E 4 -47.21 31.57 19.10
CA MET E 4 -46.01 32.33 19.47
C MET E 4 -46.44 33.45 20.40
N THR E 5 -46.16 33.32 21.70
CA THR E 5 -46.65 34.25 22.71
C THR E 5 -45.55 35.25 23.03
N GLN E 6 -45.76 36.51 22.65
CA GLN E 6 -44.79 37.58 22.88
C GLN E 6 -45.19 38.31 24.16
N SER E 7 -44.29 38.32 25.16
CA SER E 7 -44.72 38.62 26.52
C SER E 7 -45.08 40.09 26.71
N PRO E 8 -44.19 41.07 26.49
CA PRO E 8 -44.67 42.46 26.47
C PRO E 8 -45.64 42.71 25.32
N LEU E 9 -46.67 43.50 25.61
CA LEU E 9 -47.52 44.09 24.59
C LEU E 9 -47.18 45.55 24.30
N SER E 10 -46.52 46.23 25.23
CA SER E 10 -45.97 47.56 24.97
C SER E 10 -44.89 47.81 26.03
N LEU E 11 -43.64 47.84 25.60
CA LEU E 11 -42.52 47.95 26.53
C LEU E 11 -42.17 49.42 26.73
N PRO E 12 -42.35 50.01 27.94
CA PRO E 12 -41.90 51.40 28.15
C PRO E 12 -40.44 51.47 28.57
N VAL E 13 -39.67 52.31 27.90
CA VAL E 13 -38.26 52.47 28.23
C VAL E 13 -37.77 53.78 27.61
N THR E 14 -36.89 54.47 28.32
CA THR E 14 -36.36 55.74 27.90
C THR E 14 -35.13 55.55 27.02
N PRO E 15 -34.66 56.60 26.32
CA PRO E 15 -33.42 56.46 25.56
C PRO E 15 -32.22 56.18 26.46
N GLY E 16 -31.25 55.47 25.91
CA GLY E 16 -30.05 55.12 26.65
C GLY E 16 -30.33 54.18 27.81
N GLU E 17 -30.85 53.00 27.49
CA GLU E 17 -31.24 52.01 28.48
C GLU E 17 -31.44 50.67 27.77
N PRO E 18 -30.94 49.54 28.28
CA PRO E 18 -31.17 48.28 27.57
C PRO E 18 -32.64 47.87 27.61
N ALA E 19 -33.09 47.30 26.49
CA ALA E 19 -34.44 46.76 26.36
C ALA E 19 -34.34 45.26 26.15
N SER E 20 -35.41 44.55 26.51
CA SER E 20 -35.42 43.09 26.43
C SER E 20 -36.85 42.65 26.10
N ILE E 21 -37.12 42.47 24.82
CA ILE E 21 -38.35 41.82 24.36
C ILE E 21 -38.15 40.32 24.47
N SER E 22 -39.24 39.60 24.75
CA SER E 22 -39.22 38.15 24.90
C SER E 22 -40.35 37.54 24.09
N CYS E 23 -40.15 36.30 23.65
CA CYS E 23 -41.13 35.62 22.80
C CYS E 23 -41.01 34.12 23.05
N ARG E 24 -41.96 33.58 23.81
CA ARG E 24 -42.03 32.15 24.05
C ARG E 24 -42.80 31.46 22.91
N SER E 25 -42.62 30.15 22.83
CA SER E 25 -43.29 29.31 21.85
C SER E 25 -43.94 28.13 22.55
N SER E 26 -44.97 27.57 21.92
CA SER E 26 -45.64 26.36 22.37
C SER E 26 -45.02 25.10 21.78
N GLN E 27 -43.77 25.17 21.31
CA GLN E 27 -43.09 24.04 20.69
C GLN E 27 -41.63 24.43 20.50
N SER E 28 -40.76 23.44 20.52
CA SER E 28 -39.32 23.69 20.39
C SER E 28 -39.01 24.08 18.96
N LEU E 29 -38.57 25.31 18.75
CA LEU E 29 -38.16 25.81 17.44
C LEU E 29 -36.70 25.41 17.22
N LEU E 30 -36.51 24.22 16.66
CA LEU E 30 -35.17 23.72 16.35
C LEU E 30 -35.29 22.84 15.10
N HIS E 31 -34.74 23.33 13.99
CA HIS E 31 -34.76 22.58 12.75
C HIS E 31 -33.91 21.31 12.91
N SER E 32 -34.12 20.36 12.00
CA SER E 32 -33.41 19.09 12.07
C SER E 32 -31.89 19.23 11.93
N TYR E 33 -31.41 20.35 11.40
CA TYR E 33 -29.98 20.62 11.21
C TYR E 33 -29.49 21.68 12.19
N GLY E 34 -30.05 21.69 13.41
CA GLY E 34 -29.56 22.55 14.47
C GLY E 34 -29.66 24.03 14.17
N TYR E 35 -30.82 24.47 13.66
CA TYR E 35 -31.09 25.86 13.35
C TYR E 35 -32.31 26.30 14.14
N ILE E 36 -32.22 27.49 14.74
CA ILE E 36 -33.27 27.94 15.65
C ILE E 36 -34.56 28.22 14.89
N TYR E 37 -34.47 28.89 13.74
CA TYR E 37 -35.63 29.22 12.92
C TYR E 37 -36.61 30.12 13.68
N LEU E 38 -36.07 31.20 14.25
CA LEU E 38 -36.85 32.33 14.72
C LEU E 38 -36.38 33.58 14.00
N ASP E 39 -37.31 34.50 13.75
CA ASP E 39 -37.04 35.73 13.04
C ASP E 39 -37.65 36.90 13.81
N TRP E 40 -36.85 37.92 14.05
CA TRP E 40 -37.30 39.16 14.68
C TRP E 40 -37.43 40.24 13.62
N TYR E 41 -38.61 40.86 13.58
CA TYR E 41 -38.98 41.89 12.62
C TYR E 41 -39.36 43.17 13.35
N LEU E 42 -39.12 44.30 12.69
CA LEU E 42 -39.54 45.62 13.16
C LEU E 42 -40.43 46.26 12.10
N GLN E 43 -41.57 46.80 12.53
CA GLN E 43 -42.48 47.56 11.68
C GLN E 43 -42.51 48.99 12.20
N LYS E 44 -41.93 49.90 11.41
CA LYS E 44 -41.99 51.31 11.73
C LYS E 44 -43.40 51.84 11.44
N PRO E 45 -43.75 53.04 11.95
CA PRO E 45 -45.14 53.51 11.80
C PRO E 45 -45.62 53.64 10.37
N GLY E 46 -44.75 54.03 9.44
CA GLY E 46 -45.13 54.22 8.05
C GLY E 46 -44.71 53.09 7.14
N GLN E 47 -43.48 52.60 7.30
CA GLN E 47 -42.90 51.63 6.39
C GLN E 47 -43.36 50.22 6.76
N SER E 48 -43.33 49.33 5.76
CA SER E 48 -43.66 47.92 5.92
C SER E 48 -42.71 47.26 6.92
N PRO E 49 -43.00 46.03 7.38
CA PRO E 49 -42.08 45.37 8.31
C PRO E 49 -40.70 45.14 7.70
N GLN E 50 -39.68 45.20 8.56
CA GLN E 50 -38.29 45.04 8.17
C GLN E 50 -37.67 43.91 8.98
N LEU E 51 -36.99 43.00 8.30
CA LEU E 51 -36.25 41.95 8.99
C LEU E 51 -35.11 42.57 9.79
N LEU E 52 -35.07 42.23 11.08
CA LEU E 52 -33.96 42.60 11.96
C LEU E 52 -32.99 41.45 12.15
N ILE E 53 -33.48 40.28 12.56
CA ILE E 53 -32.65 39.14 12.91
C ILE E 53 -33.33 37.88 12.38
N TYR E 54 -32.51 36.92 11.94
CA TYR E 54 -32.99 35.62 11.47
C TYR E 54 -32.21 34.50 12.13
N LEU E 55 -32.81 33.30 12.14
CA LEU E 55 -32.17 32.07 12.62
C LEU E 55 -31.63 32.23 14.04
N GLY E 56 -32.48 32.72 14.94
CA GLY E 56 -32.06 32.90 16.31
C GLY E 56 -31.37 34.24 16.50
N SER E 57 -30.03 34.23 16.42
CA SER E 57 -29.22 35.45 16.51
C SER E 57 -28.26 35.50 15.32
N ASP E 58 -28.75 36.00 14.19
CA ASP E 58 -27.92 36.41 13.06
C ASP E 58 -28.50 37.72 12.55
N ARG E 59 -27.71 38.79 12.63
CA ARG E 59 -28.16 40.09 12.19
C ARG E 59 -28.40 40.11 10.68
N ALA E 60 -29.33 40.95 10.26
CA ALA E 60 -29.66 41.10 8.85
C ALA E 60 -28.62 42.02 8.19
N SER E 61 -28.88 42.43 6.96
CA SER E 61 -27.86 43.13 6.17
C SER E 61 -27.70 44.59 6.61
N GLY E 62 -28.77 45.37 6.51
CA GLY E 62 -28.69 46.81 6.69
C GLY E 62 -29.25 47.33 8.01
N ILE E 63 -28.98 46.60 9.10
CA ILE E 63 -29.58 46.86 10.41
C ILE E 63 -28.46 47.29 11.35
N PRO E 64 -28.68 48.22 12.29
CA PRO E 64 -27.59 48.60 13.21
C PRO E 64 -27.22 47.48 14.16
N ASP E 65 -26.05 47.64 14.78
CA ASP E 65 -25.47 46.60 15.62
C ASP E 65 -26.14 46.50 16.99
N ARG E 66 -26.99 47.46 17.36
CA ARG E 66 -27.61 47.43 18.68
C ARG E 66 -28.52 46.22 18.86
N PHE E 67 -29.09 45.70 17.77
CA PHE E 67 -30.07 44.62 17.86
C PHE E 67 -29.34 43.29 18.00
N SER E 68 -29.79 42.45 18.94
CA SER E 68 -29.18 41.13 19.10
C SER E 68 -30.16 40.18 19.76
N GLY E 69 -30.24 38.96 19.21
CA GLY E 69 -31.13 37.94 19.73
C GLY E 69 -30.40 36.97 20.66
N SER E 70 -31.20 36.19 21.38
CA SER E 70 -30.68 35.15 22.25
C SER E 70 -31.77 34.12 22.49
N GLY E 71 -31.36 32.96 22.98
CA GLY E 71 -32.26 31.91 23.42
C GLY E 71 -32.22 30.71 22.48
N ALA E 72 -32.67 29.58 23.02
CA ALA E 72 -32.77 28.33 22.27
C ALA E 72 -33.93 27.53 22.82
N GLY E 73 -34.46 26.64 21.97
CA GLY E 73 -35.58 25.81 22.36
C GLY E 73 -36.91 26.52 22.16
N THR E 74 -37.47 27.06 23.24
CA THR E 74 -38.72 27.82 23.22
C THR E 74 -38.57 29.23 23.75
N ASP E 75 -37.70 29.47 24.72
CA ASP E 75 -37.49 30.80 25.29
C ASP E 75 -36.51 31.57 24.41
N PHE E 76 -36.94 32.74 23.94
CA PHE E 76 -36.15 33.58 23.06
C PHE E 76 -36.31 35.03 23.48
N THR E 77 -35.29 35.84 23.23
CA THR E 77 -35.28 37.23 23.67
C THR E 77 -34.50 38.11 22.70
N LEU E 78 -35.14 39.19 22.24
CA LEU E 78 -34.47 40.25 21.51
C LEU E 78 -34.00 41.33 22.48
N LYS E 79 -32.85 41.92 22.16
CA LYS E 79 -32.22 42.94 22.99
C LYS E 79 -31.83 44.13 22.12
N ILE E 80 -32.19 45.33 22.59
CA ILE E 80 -31.92 46.59 21.91
C ILE E 80 -31.07 47.40 22.89
N SER E 81 -29.75 47.42 22.68
CA SER E 81 -28.87 48.02 23.66
C SER E 81 -29.00 49.54 23.69
N ARG E 82 -28.97 50.17 22.51
CA ARG E 82 -28.88 51.62 22.43
C ARG E 82 -30.25 52.29 22.58
N VAL E 83 -31.30 51.66 22.02
CA VAL E 83 -32.69 52.12 22.04
C VAL E 83 -32.81 53.59 21.64
N GLU E 84 -31.98 54.02 20.68
CA GLU E 84 -32.09 55.37 20.15
C GLU E 84 -33.41 55.56 19.43
N ALA E 85 -33.75 56.82 19.18
CA ALA E 85 -34.95 57.15 18.41
C ALA E 85 -34.85 56.55 17.02
N GLU E 86 -36.02 56.40 16.39
CA GLU E 86 -36.32 55.64 15.17
C GLU E 86 -36.41 54.14 15.44
N ASP E 87 -36.17 53.68 16.67
CA ASP E 87 -36.53 52.33 17.08
C ASP E 87 -38.00 52.20 17.45
N VAL E 88 -38.78 53.27 17.37
CA VAL E 88 -40.19 53.20 17.72
C VAL E 88 -40.94 52.43 16.63
N GLY E 89 -41.69 51.42 17.04
CA GLY E 89 -42.39 50.57 16.11
C GLY E 89 -42.69 49.24 16.75
N VAL E 90 -43.51 48.46 16.04
CA VAL E 90 -44.02 47.20 16.58
C VAL E 90 -43.07 46.09 16.19
N TYR E 91 -42.61 45.32 17.18
CA TYR E 91 -41.66 44.24 16.99
C TYR E 91 -42.38 42.90 17.03
N TYR E 92 -42.04 42.02 16.07
CA TYR E 92 -42.70 40.73 15.91
C TYR E 92 -41.67 39.61 15.92
N CYS E 93 -42.09 38.46 16.43
CA CYS E 93 -41.32 37.21 16.39
C CYS E 93 -42.07 36.20 15.55
N MET E 94 -41.39 35.62 14.56
CA MET E 94 -41.96 34.68 13.62
C MET E 94 -41.21 33.36 13.69
N GLN E 95 -41.96 32.26 13.56
CA GLN E 95 -41.41 30.92 13.52
C GLN E 95 -41.58 30.37 12.11
N ALA E 96 -40.48 29.84 11.55
CA ALA E 96 -40.48 29.23 10.22
C ALA E 96 -40.09 27.76 10.28
N LEU E 97 -40.23 27.12 11.43
CA LEU E 97 -39.88 25.71 11.55
C LEU E 97 -40.82 24.84 10.71
N GLN E 98 -42.12 25.04 10.87
CA GLN E 98 -43.15 24.24 10.23
C GLN E 98 -43.95 25.11 9.28
N THR E 99 -44.71 24.46 8.40
CA THR E 99 -45.47 25.18 7.39
C THR E 99 -46.46 26.20 7.96
N PRO E 100 -47.19 25.96 9.08
CA PRO E 100 -48.00 27.07 9.62
C PRO E 100 -47.13 28.13 10.28
N ILE E 101 -46.58 29.03 9.46
CA ILE E 101 -45.81 30.15 9.99
C ILE E 101 -46.71 30.99 10.88
N THR E 102 -46.17 31.46 12.00
CA THR E 102 -46.94 32.20 13.00
C THR E 102 -46.10 33.35 13.52
N PHE E 103 -46.59 34.57 13.36
CA PHE E 103 -45.99 35.73 14.01
C PHE E 103 -46.50 35.84 15.44
N GLY E 104 -45.69 36.50 16.28
CA GLY E 104 -46.13 36.79 17.63
C GLY E 104 -46.97 38.03 17.69
N GLN E 105 -47.54 38.28 18.87
CA GLN E 105 -48.26 39.52 19.11
C GLN E 105 -47.27 40.68 19.22
N GLY E 106 -47.72 41.86 18.82
CA GLY E 106 -46.83 42.99 18.74
C GLY E 106 -46.43 43.52 20.11
N THR E 107 -45.32 44.26 20.12
CA THR E 107 -44.91 45.06 21.26
C THR E 107 -44.49 46.43 20.74
N ARG E 108 -45.19 47.47 21.21
CA ARG E 108 -45.08 48.79 20.57
C ARG E 108 -43.74 49.45 20.84
N LEU E 109 -43.14 49.20 22.00
CA LEU E 109 -41.88 49.85 22.42
C LEU E 109 -42.03 51.36 22.41
N GLU E 110 -42.89 51.85 23.31
CA GLU E 110 -43.15 53.27 23.42
C GLU E 110 -41.87 54.01 23.83
N ILE E 111 -41.59 55.11 23.16
CA ILE E 111 -40.40 55.90 23.43
C ILE E 111 -40.51 56.48 24.84
N LEU F 2 23.03 -39.65 -11.79
CA LEU F 2 21.79 -40.12 -12.42
C LEU F 2 22.10 -41.10 -13.55
N PHE F 3 22.96 -40.67 -14.47
CA PHE F 3 23.43 -41.52 -15.56
C PHE F 3 24.34 -42.65 -15.08
N GLY F 4 24.82 -42.60 -13.83
CA GLY F 4 25.40 -43.77 -13.21
C GLY F 4 26.68 -44.27 -13.85
N ALA F 5 27.59 -43.36 -14.19
CA ALA F 5 28.96 -43.71 -14.58
C ALA F 5 29.97 -43.29 -13.52
N ILE F 6 29.98 -42.01 -13.14
CA ILE F 6 30.76 -41.58 -11.99
C ILE F 6 30.22 -42.29 -10.77
N ALA F 7 31.08 -43.05 -10.09
CA ALA F 7 30.65 -43.98 -9.05
C ALA F 7 29.61 -44.97 -9.60
N GLY F 8 29.84 -45.42 -10.83
CA GLY F 8 28.95 -46.31 -11.53
C GLY F 8 29.67 -47.56 -12.01
N PHE F 9 29.64 -47.82 -13.32
CA PHE F 9 30.35 -48.99 -13.86
C PHE F 9 31.85 -48.85 -13.63
N ILE F 10 32.39 -47.66 -13.83
CA ILE F 10 33.71 -47.32 -13.31
C ILE F 10 33.54 -46.88 -11.86
N GLU F 11 34.32 -47.49 -10.96
CA GLU F 11 34.06 -47.38 -9.53
C GLU F 11 34.71 -46.15 -8.91
N GLY F 12 36.00 -45.94 -9.19
CA GLY F 12 36.76 -44.90 -8.53
C GLY F 12 37.49 -44.01 -9.53
N GLY F 13 37.81 -42.81 -9.06
CA GLY F 13 38.62 -41.89 -9.84
C GLY F 13 40.06 -42.36 -9.92
N TRP F 14 40.82 -41.70 -10.78
CA TRP F 14 42.17 -42.12 -11.13
C TRP F 14 43.09 -40.92 -10.98
N GLN F 15 43.86 -40.90 -9.90
CA GLN F 15 44.84 -39.85 -9.68
C GLN F 15 46.01 -40.03 -10.63
N GLY F 16 46.69 -38.92 -10.95
CA GLY F 16 47.66 -38.88 -12.02
C GLY F 16 47.11 -38.36 -13.34
N MET F 17 45.80 -38.09 -13.41
CA MET F 17 45.16 -37.51 -14.59
C MET F 17 45.08 -36.00 -14.36
N VAL F 18 46.04 -35.27 -14.93
CA VAL F 18 46.21 -33.85 -14.66
C VAL F 18 46.16 -33.01 -15.93
N ASP F 19 46.47 -33.57 -17.09
CA ASP F 19 46.40 -32.82 -18.35
C ASP F 19 44.98 -32.34 -18.61
N GLY F 20 43.98 -33.14 -18.25
CA GLY F 20 42.61 -32.72 -18.36
C GLY F 20 41.67 -33.74 -17.75
N TRP F 21 40.47 -33.29 -17.43
CA TRP F 21 39.43 -34.20 -16.98
C TRP F 21 39.07 -35.19 -18.09
N TYR F 22 38.44 -36.29 -17.68
CA TYR F 22 37.82 -37.24 -18.62
C TYR F 22 38.87 -37.94 -19.47
N GLY F 23 39.96 -38.37 -18.84
CA GLY F 23 41.13 -38.85 -19.54
C GLY F 23 41.10 -40.32 -19.87
N TYR F 24 42.29 -40.86 -20.10
CA TYR F 24 42.48 -42.22 -20.58
C TYR F 24 43.69 -42.81 -19.89
N HIS F 25 43.79 -44.14 -19.94
CA HIS F 25 44.99 -44.88 -19.54
C HIS F 25 45.58 -45.55 -20.78
N HIS F 26 46.71 -45.06 -21.23
CA HIS F 26 47.47 -45.77 -22.26
C HIS F 26 47.98 -47.07 -21.65
N SER F 27 47.69 -48.20 -22.30
CA SER F 27 48.07 -49.50 -21.77
C SER F 27 48.34 -50.44 -22.94
N ASN F 28 49.61 -50.56 -23.31
CA ASN F 28 50.05 -51.51 -24.31
C ASN F 28 51.48 -51.91 -24.00
N GLU F 29 52.02 -52.85 -24.78
CA GLU F 29 53.40 -53.28 -24.56
C GLU F 29 54.39 -52.16 -24.88
N GLN F 30 54.01 -51.23 -25.77
CA GLN F 30 54.93 -50.16 -26.15
C GLN F 30 55.17 -49.20 -24.99
N GLY F 31 54.12 -48.83 -24.27
CA GLY F 31 54.28 -47.88 -23.18
C GLY F 31 53.02 -47.80 -22.34
N SER F 32 53.00 -46.79 -21.47
CA SER F 32 51.85 -46.54 -20.60
C SER F 32 51.88 -45.06 -20.19
N GLY F 33 50.99 -44.69 -19.29
CA GLY F 33 50.83 -43.33 -18.80
C GLY F 33 49.51 -42.74 -19.26
N TYR F 34 48.86 -42.00 -18.37
CA TYR F 34 47.54 -41.48 -18.65
C TYR F 34 47.60 -40.36 -19.69
N ALA F 35 46.49 -40.16 -20.39
CA ALA F 35 46.32 -39.07 -21.34
C ALA F 35 44.91 -38.52 -21.23
N ALA F 36 44.76 -37.25 -21.56
CA ALA F 36 43.51 -36.51 -21.34
C ALA F 36 42.73 -36.35 -22.62
N ASP F 37 41.41 -36.51 -22.53
CA ASP F 37 40.49 -36.23 -23.63
C ASP F 37 40.18 -34.73 -23.61
N LYS F 38 41.02 -33.96 -24.30
CA LYS F 38 40.94 -32.51 -24.23
C LYS F 38 39.64 -31.97 -24.82
N GLU F 39 39.00 -32.69 -25.74
CA GLU F 39 37.77 -32.20 -26.35
C GLU F 39 36.63 -32.15 -25.34
N SER F 40 36.35 -33.29 -24.70
CA SER F 40 35.28 -33.33 -23.70
C SER F 40 35.62 -32.45 -22.50
N THR F 41 36.90 -32.39 -22.12
CA THR F 41 37.32 -31.50 -21.04
C THR F 41 37.03 -30.05 -21.39
N GLN F 42 37.38 -29.62 -22.60
CA GLN F 42 37.14 -28.24 -23.01
C GLN F 42 35.65 -27.95 -23.06
N LYS F 43 34.85 -28.90 -23.55
CA LYS F 43 33.40 -28.72 -23.58
C LYS F 43 32.85 -28.57 -22.17
N ALA F 44 33.32 -29.41 -21.24
CA ALA F 44 32.85 -29.35 -19.86
C ALA F 44 33.22 -28.03 -19.21
N ILE F 45 34.45 -27.57 -19.42
CA ILE F 45 34.88 -26.32 -18.80
C ILE F 45 34.12 -25.14 -19.40
N ASP F 46 33.88 -25.17 -20.72
CA ASP F 46 33.08 -24.11 -21.34
C ASP F 46 31.67 -24.09 -20.79
N GLY F 47 31.05 -25.27 -20.64
CA GLY F 47 29.71 -25.34 -20.10
C GLY F 47 29.62 -24.83 -18.67
N VAL F 48 30.57 -25.26 -17.83
CA VAL F 48 30.54 -24.83 -16.43
C VAL F 48 30.84 -23.34 -16.32
N THR F 49 31.74 -22.83 -17.16
CA THR F 49 32.07 -21.40 -17.15
C THR F 49 30.85 -20.57 -17.55
N ASN F 50 30.17 -20.97 -18.63
CA ASN F 50 28.96 -20.26 -19.04
C ASN F 50 27.87 -20.38 -17.98
N LYS F 51 27.80 -21.52 -17.29
CA LYS F 51 26.81 -21.68 -16.22
C LYS F 51 27.09 -20.69 -15.09
N VAL F 52 28.34 -20.63 -14.62
CA VAL F 52 28.69 -19.73 -13.53
C VAL F 52 28.43 -18.29 -13.95
N ASN F 53 28.76 -17.96 -15.20
CA ASN F 53 28.43 -16.65 -15.74
C ASN F 53 26.93 -16.38 -15.67
N SER F 54 26.11 -17.40 -15.97
CA SER F 54 24.66 -17.22 -15.95
C SER F 54 24.14 -16.98 -14.54
N ILE F 55 24.60 -17.77 -13.57
CA ILE F 55 24.15 -17.53 -12.19
C ILE F 55 24.60 -16.16 -11.68
N ILE F 56 25.78 -15.68 -12.07
CA ILE F 56 26.14 -14.34 -11.59
C ILE F 56 25.38 -13.25 -12.36
N ASP F 57 24.98 -13.51 -13.60
CA ASP F 57 24.25 -12.50 -14.37
C ASP F 57 22.78 -12.40 -13.96
N LYS F 58 22.11 -13.53 -13.76
CA LYS F 58 20.69 -13.48 -13.38
C LYS F 58 20.51 -12.96 -11.96
N MET F 59 21.51 -13.16 -11.10
CA MET F 59 21.50 -12.62 -9.75
C MET F 59 21.98 -11.18 -9.67
N ASN F 60 22.40 -10.58 -10.79
CA ASN F 60 22.58 -9.14 -10.85
C ASN F 60 21.20 -8.47 -10.91
N THR F 61 21.14 -7.22 -10.45
CA THR F 61 19.87 -6.50 -10.30
C THR F 61 18.99 -7.17 -9.25
N GLN F 62 19.62 -7.63 -8.17
CA GLN F 62 18.93 -8.21 -7.03
C GLN F 62 18.49 -7.09 -6.09
N PHE F 63 17.51 -7.41 -5.25
CA PHE F 63 16.98 -6.42 -4.31
C PHE F 63 18.08 -5.89 -3.39
N GLU F 64 18.15 -4.57 -3.28
CA GLU F 64 19.12 -3.87 -2.46
C GLU F 64 18.36 -3.17 -1.34
N ALA F 65 18.54 -3.63 -0.11
CA ALA F 65 17.84 -3.05 1.02
C ALA F 65 18.33 -1.62 1.25
N VAL F 66 17.39 -0.72 1.54
CA VAL F 66 17.66 0.69 1.78
C VAL F 66 17.23 1.02 3.19
N GLY F 67 18.12 1.64 3.96
CA GLY F 67 17.79 2.01 5.32
C GLY F 67 16.75 3.12 5.35
N ARG F 68 15.77 2.97 6.23
CA ARG F 68 14.74 3.98 6.46
C ARG F 68 14.46 4.07 7.95
N GLU F 69 14.03 5.25 8.37
CA GLU F 69 13.71 5.54 9.76
C GLU F 69 12.25 5.99 9.87
N PHE F 70 11.62 5.65 11.00
CA PHE F 70 10.25 6.03 11.28
C PHE F 70 10.15 6.42 12.74
N ASN F 71 9.24 7.35 13.03
CA ASN F 71 9.14 7.95 14.36
C ASN F 71 8.45 6.96 15.31
N ASN F 72 8.08 7.43 16.51
CA ASN F 72 7.43 6.56 17.48
C ASN F 72 6.08 6.08 16.98
N LEU F 73 5.33 6.96 16.32
CA LEU F 73 4.14 6.56 15.60
C LEU F 73 4.59 5.96 14.25
N GLU F 74 3.65 5.74 13.33
CA GLU F 74 3.95 5.13 12.03
C GLU F 74 4.56 3.73 12.22
N ARG F 75 4.18 3.03 13.28
CA ARG F 75 4.76 1.72 13.54
C ARG F 75 4.29 0.68 12.54
N ARG F 76 3.05 0.79 12.05
CA ARG F 76 2.57 -0.16 11.07
C ARG F 76 3.28 0.02 9.74
N ILE F 77 3.58 1.26 9.36
CA ILE F 77 4.33 1.49 8.11
C ILE F 77 5.76 0.98 8.28
N GLU F 78 6.36 1.19 9.45
CA GLU F 78 7.70 0.67 9.70
C GLU F 78 7.69 -0.85 9.65
N ASN F 79 6.65 -1.48 10.21
CA ASN F 79 6.53 -2.92 10.14
C ASN F 79 6.34 -3.39 8.70
N LEU F 80 5.60 -2.63 7.90
CA LEU F 80 5.44 -2.97 6.50
C LEU F 80 6.78 -2.92 5.77
N ASN F 81 7.58 -1.88 6.04
CA ASN F 81 8.91 -1.80 5.43
C ASN F 81 9.80 -2.95 5.87
N LYS F 82 9.79 -3.26 7.18
CA LYS F 82 10.61 -4.35 7.69
C LYS F 82 10.20 -5.68 7.08
N LYS F 83 8.89 -5.93 7.00
CA LYS F 83 8.42 -7.19 6.44
C LYS F 83 8.68 -7.27 4.94
N MET F 84 8.62 -6.14 4.23
CA MET F 84 8.93 -6.15 2.80
C MET F 84 10.41 -6.48 2.58
N GLU F 85 11.29 -5.83 3.33
CA GLU F 85 12.71 -6.10 3.18
C GLU F 85 13.05 -7.53 3.57
N ASP F 86 12.45 -8.03 4.66
CA ASP F 86 12.66 -9.40 5.07
C ASP F 86 12.11 -10.39 4.04
N GLY F 87 10.97 -10.07 3.43
CA GLY F 87 10.41 -10.95 2.43
C GLY F 87 11.23 -11.01 1.16
N PHE F 88 11.71 -9.86 0.69
CA PHE F 88 12.59 -9.86 -0.48
C PHE F 88 13.90 -10.57 -0.18
N LEU F 89 14.46 -10.35 1.01
CA LEU F 89 15.66 -11.08 1.40
C LEU F 89 15.39 -12.58 1.46
N ASP F 90 14.22 -12.98 1.97
CA ASP F 90 13.91 -14.39 2.10
C ASP F 90 13.73 -15.04 0.73
N VAL F 91 13.01 -14.39 -0.19
CA VAL F 91 12.78 -15.00 -1.49
C VAL F 91 14.06 -15.00 -2.31
N TRP F 92 14.93 -13.99 -2.16
CA TRP F 92 16.19 -14.01 -2.90
C TRP F 92 17.18 -15.02 -2.31
N THR F 93 17.19 -15.17 -0.99
CA THR F 93 17.95 -16.25 -0.37
C THR F 93 17.45 -17.60 -0.83
N TYR F 94 16.13 -17.76 -0.92
CA TYR F 94 15.55 -18.98 -1.47
C TYR F 94 16.01 -19.23 -2.89
N ASN F 95 15.99 -18.18 -3.73
CA ASN F 95 16.39 -18.35 -5.12
C ASN F 95 17.85 -18.75 -5.23
N ALA F 96 18.73 -18.11 -4.46
CA ALA F 96 20.15 -18.46 -4.52
C ALA F 96 20.39 -19.87 -3.98
N GLU F 97 19.87 -20.17 -2.79
CA GLU F 97 20.10 -21.46 -2.17
C GLU F 97 19.43 -22.60 -2.92
N LEU F 98 18.43 -22.32 -3.75
CA LEU F 98 17.79 -23.34 -4.56
C LEU F 98 18.48 -23.50 -5.90
N LEU F 99 18.98 -22.40 -6.49
CA LEU F 99 19.67 -22.51 -7.77
C LEU F 99 21.05 -23.13 -7.62
N VAL F 100 21.73 -22.92 -6.49
CA VAL F 100 22.98 -23.64 -6.29
C VAL F 100 22.75 -25.15 -6.19
N LEU F 101 21.72 -25.56 -5.46
CA LEU F 101 21.47 -26.99 -5.31
C LEU F 101 20.95 -27.61 -6.60
N MET F 102 20.05 -26.92 -7.30
CA MET F 102 19.52 -27.43 -8.55
C MET F 102 20.53 -27.37 -9.69
N GLU F 103 21.61 -26.60 -9.54
CA GLU F 103 22.71 -26.57 -10.49
C GLU F 103 23.98 -27.24 -9.97
N ASN F 104 23.94 -27.84 -8.77
CA ASN F 104 24.99 -28.76 -8.33
C ASN F 104 24.63 -30.21 -8.62
N GLU F 105 23.34 -30.56 -8.59
CA GLU F 105 22.93 -31.88 -9.04
C GLU F 105 22.97 -32.01 -10.55
N ARG F 106 22.53 -30.96 -11.26
CA ARG F 106 22.62 -30.98 -12.72
C ARG F 106 24.05 -30.78 -13.20
N THR F 107 24.92 -30.18 -12.37
CA THR F 107 26.33 -30.09 -12.73
C THR F 107 27.03 -31.42 -12.49
N LEU F 108 26.79 -32.06 -11.35
CA LEU F 108 27.44 -33.32 -11.04
C LEU F 108 26.87 -34.47 -11.85
N ASP F 109 25.66 -34.35 -12.37
CA ASP F 109 25.12 -35.29 -13.33
C ASP F 109 25.49 -34.95 -14.77
N PHE F 110 25.85 -33.69 -15.04
CA PHE F 110 26.42 -33.34 -16.33
C PHE F 110 27.87 -33.83 -16.43
N HIS F 111 28.61 -33.82 -15.32
CA HIS F 111 29.86 -34.57 -15.27
C HIS F 111 29.62 -36.05 -15.48
N ASP F 112 28.55 -36.60 -14.89
CA ASP F 112 28.20 -37.98 -15.14
C ASP F 112 27.79 -38.20 -16.59
N SER F 113 27.18 -37.19 -17.21
CA SER F 113 26.83 -37.28 -18.63
C SER F 113 28.09 -37.36 -19.48
N ASN F 114 29.05 -36.50 -19.21
CA ASN F 114 30.27 -36.44 -20.01
C ASN F 114 31.09 -37.72 -19.96
N VAL F 115 30.87 -38.57 -18.96
CA VAL F 115 31.61 -39.82 -18.82
C VAL F 115 30.86 -40.97 -19.48
N LYS F 116 29.53 -40.97 -19.37
CA LYS F 116 28.75 -42.08 -19.90
C LYS F 116 28.62 -42.02 -21.41
N ASN F 117 28.53 -40.82 -21.99
CA ASN F 117 28.59 -40.64 -23.43
C ASN F 117 30.03 -40.50 -23.96
N LEU F 118 31.02 -40.93 -23.16
CA LEU F 118 32.40 -41.08 -23.61
C LEU F 118 32.88 -42.51 -23.46
N TYR F 119 32.30 -43.27 -22.52
CA TYR F 119 32.37 -44.72 -22.57
C TYR F 119 31.68 -45.28 -23.80
N ASP F 120 30.71 -44.54 -24.35
CA ASP F 120 30.01 -44.94 -25.57
C ASP F 120 30.68 -44.40 -26.83
N LYS F 121 31.51 -43.37 -26.73
CA LYS F 121 32.34 -42.98 -27.86
C LYS F 121 33.41 -44.00 -28.19
N VAL F 122 33.75 -44.88 -27.25
CA VAL F 122 34.76 -45.92 -27.46
C VAL F 122 34.06 -47.24 -27.79
N ARG F 123 32.86 -47.46 -27.26
CA ARG F 123 32.15 -48.71 -27.53
C ARG F 123 31.77 -48.78 -29.02
N LEU F 124 31.34 -47.65 -29.58
CA LEU F 124 30.98 -47.57 -30.99
C LEU F 124 32.18 -47.38 -31.90
N GLN F 125 33.38 -47.22 -31.34
CA GLN F 125 34.62 -47.05 -32.09
C GLN F 125 35.48 -48.32 -32.08
N LEU F 126 35.06 -49.36 -31.35
CA LEU F 126 35.68 -50.67 -31.34
C LEU F 126 34.70 -51.73 -31.82
N ARG F 127 33.50 -51.78 -31.22
CA ARG F 127 32.35 -52.53 -31.74
C ARG F 127 32.67 -53.99 -32.07
N ASP F 128 32.96 -54.75 -31.02
CA ASP F 128 33.20 -56.20 -30.99
C ASP F 128 34.65 -56.54 -31.32
N ASN F 129 35.43 -55.58 -31.84
CA ASN F 129 36.87 -55.75 -32.02
C ASN F 129 37.65 -55.70 -30.71
N ALA F 130 36.98 -55.53 -29.57
CA ALA F 130 37.61 -55.48 -28.27
C ALA F 130 36.62 -56.00 -27.24
N LYS F 131 37.05 -56.94 -26.42
CA LYS F 131 36.20 -57.48 -25.37
C LYS F 131 36.03 -56.45 -24.27
N GLU F 132 35.04 -55.57 -24.42
CA GLU F 132 34.74 -54.60 -23.37
C GLU F 132 34.26 -55.33 -22.12
N LEU F 133 34.92 -55.07 -21.00
CA LEU F 133 34.69 -55.76 -19.74
C LEU F 133 33.73 -54.92 -18.88
N GLY F 134 33.72 -55.18 -17.57
CA GLY F 134 32.76 -54.58 -16.66
C GLY F 134 33.25 -53.34 -15.94
N ASN F 135 34.53 -53.33 -15.55
CA ASN F 135 35.08 -52.18 -14.84
C ASN F 135 34.92 -50.89 -15.64
N GLY F 136 35.21 -50.94 -16.93
CA GLY F 136 35.05 -49.77 -17.81
C GLY F 136 36.10 -49.63 -18.89
N CYS F 137 37.21 -50.34 -18.78
CA CYS F 137 38.22 -50.30 -19.83
C CYS F 137 37.85 -51.29 -20.94
N PHE F 138 38.62 -51.21 -22.03
CA PHE F 138 38.39 -52.03 -23.22
C PHE F 138 39.64 -52.83 -23.50
N GLU F 139 39.45 -54.13 -23.80
CA GLU F 139 40.54 -55.06 -24.08
C GLU F 139 40.47 -55.42 -25.56
N PHE F 140 41.46 -54.95 -26.32
CA PHE F 140 41.49 -55.19 -27.76
C PHE F 140 41.71 -56.67 -28.07
N TYR F 141 41.04 -57.15 -29.12
CA TYR F 141 41.40 -58.44 -29.71
C TYR F 141 42.68 -58.32 -30.53
N HIS F 142 42.78 -57.26 -31.34
CA HIS F 142 44.01 -56.85 -32.00
C HIS F 142 44.55 -55.64 -31.26
N LYS F 143 45.62 -55.84 -30.47
CA LYS F 143 46.14 -54.79 -29.62
C LYS F 143 46.67 -53.63 -30.47
N CYS F 144 45.91 -52.55 -30.51
CA CYS F 144 46.39 -51.32 -31.15
C CYS F 144 47.61 -50.77 -30.42
N ASP F 145 48.62 -50.39 -31.18
CA ASP F 145 49.75 -49.67 -30.62
C ASP F 145 49.35 -48.23 -30.31
N ASN F 146 50.32 -47.43 -29.87
CA ASN F 146 50.03 -46.04 -29.52
C ASN F 146 49.56 -45.27 -30.75
N GLU F 147 50.11 -45.59 -31.92
CA GLU F 147 49.66 -44.96 -33.17
C GLU F 147 48.18 -45.22 -33.40
N CYS F 148 47.77 -46.49 -33.32
CA CYS F 148 46.36 -46.82 -33.50
C CYS F 148 45.52 -46.38 -32.31
N MET F 149 46.05 -46.49 -31.09
CA MET F 149 45.27 -46.12 -29.91
C MET F 149 45.10 -44.61 -29.78
N GLU F 150 45.85 -43.80 -30.53
CA GLU F 150 45.63 -42.36 -30.49
C GLU F 150 44.33 -41.97 -31.20
N SER F 151 43.78 -42.83 -32.05
CA SER F 151 42.58 -42.48 -32.79
C SER F 151 41.38 -42.28 -31.86
N VAL F 152 41.25 -43.12 -30.84
CA VAL F 152 40.08 -43.02 -29.96
C VAL F 152 40.12 -41.73 -29.15
N ARG F 153 41.31 -41.30 -28.74
CA ARG F 153 41.44 -39.99 -28.12
C ARG F 153 41.16 -38.88 -29.14
N ASN F 154 41.67 -39.03 -30.36
CA ASN F 154 41.46 -38.02 -31.39
C ASN F 154 40.12 -38.18 -32.11
N GLY F 155 39.43 -39.30 -31.92
CA GLY F 155 38.16 -39.50 -32.59
C GLY F 155 38.26 -39.75 -34.08
N THR F 156 39.44 -40.10 -34.58
CA THR F 156 39.64 -40.22 -36.02
C THR F 156 38.89 -41.42 -36.59
N TYR F 157 39.03 -42.59 -35.96
CA TYR F 157 38.37 -43.79 -36.44
C TYR F 157 36.93 -43.78 -35.93
N GLU G 11 27.09 -34.56 -34.09
CA GLU G 11 26.12 -33.80 -34.87
C GLU G 11 25.51 -34.70 -35.95
N GLY G 12 24.22 -34.51 -36.22
CA GLY G 12 23.53 -35.31 -37.20
C GLY G 12 22.27 -34.64 -37.72
N GLY G 13 21.20 -35.41 -37.88
CA GLY G 13 19.96 -34.90 -38.43
C GLY G 13 19.91 -35.02 -39.94
N TRP G 14 18.70 -34.90 -40.47
CA TRP G 14 18.44 -35.04 -41.91
C TRP G 14 17.46 -33.98 -42.34
N GLN G 15 17.85 -33.16 -43.32
CA GLN G 15 17.00 -32.06 -43.75
C GLN G 15 15.86 -32.54 -44.64
N GLY G 16 15.95 -33.75 -45.19
CA GLY G 16 14.97 -34.19 -46.17
C GLY G 16 13.59 -34.35 -45.60
N MET G 17 13.49 -34.77 -44.34
CA MET G 17 12.19 -35.04 -43.75
C MET G 17 11.53 -33.71 -43.37
N VAL G 18 10.20 -33.65 -43.49
CA VAL G 18 9.43 -32.46 -43.17
C VAL G 18 8.39 -32.75 -42.10
N ASP G 19 7.86 -33.98 -42.08
CA ASP G 19 6.74 -34.33 -41.23
C ASP G 19 7.27 -34.93 -39.94
N GLY G 20 7.21 -34.17 -38.86
CA GLY G 20 7.50 -34.65 -37.53
C GLY G 20 8.83 -34.14 -37.01
N TRP G 21 8.90 -33.99 -35.70
CA TRP G 21 10.12 -33.52 -35.06
C TRP G 21 11.15 -34.64 -35.00
N TYR G 22 10.72 -35.87 -34.73
CA TYR G 22 11.59 -37.02 -34.66
C TYR G 22 11.15 -38.07 -35.66
N GLY G 23 12.10 -38.78 -36.22
CA GLY G 23 11.79 -39.72 -37.26
C GLY G 23 12.84 -40.75 -37.47
N TYR G 24 12.73 -41.41 -38.62
CA TYR G 24 13.60 -42.49 -39.05
C TYR G 24 14.10 -42.14 -40.44
N HIS G 25 15.03 -42.96 -40.93
CA HIS G 25 15.51 -42.88 -42.30
C HIS G 25 15.35 -44.30 -42.80
N HIS G 26 15.12 -44.45 -44.10
CA HIS G 26 14.85 -45.76 -44.70
C HIS G 26 15.89 -46.03 -45.78
N SER G 27 16.24 -47.30 -45.93
CA SER G 27 17.21 -47.72 -46.94
C SER G 27 17.00 -49.21 -47.21
N ASN G 28 16.42 -49.51 -48.36
CA ASN G 28 16.14 -50.88 -48.76
C ASN G 28 15.92 -50.83 -50.26
N GLU G 29 15.99 -52.00 -50.91
CA GLU G 29 15.89 -52.06 -52.36
C GLU G 29 14.57 -51.49 -52.88
N GLN G 30 13.48 -51.63 -52.11
CA GLN G 30 12.16 -51.21 -52.56
C GLN G 30 11.89 -49.72 -52.32
N GLY G 31 12.68 -49.05 -51.50
CA GLY G 31 12.46 -47.63 -51.26
C GLY G 31 13.55 -47.04 -50.40
N SER G 32 13.73 -45.73 -50.54
CA SER G 32 14.62 -44.95 -49.68
C SER G 32 13.95 -43.72 -49.07
N GLY G 33 12.81 -43.26 -49.58
CA GLY G 33 12.06 -42.23 -48.89
C GLY G 33 11.62 -42.68 -47.52
N TYR G 34 11.49 -41.71 -46.61
CA TYR G 34 11.46 -41.97 -45.19
C TYR G 34 10.59 -40.97 -44.44
N ALA G 35 9.92 -41.45 -43.40
CA ALA G 35 8.91 -40.71 -42.67
C ALA G 35 9.11 -40.94 -41.18
N ALA G 36 8.28 -40.31 -40.36
CA ALA G 36 8.48 -40.19 -38.93
C ALA G 36 7.70 -41.24 -38.14
N ASP G 37 8.04 -41.32 -36.85
CA ASP G 37 7.20 -42.01 -35.87
C ASP G 37 6.05 -41.11 -35.46
N LYS G 38 4.83 -41.63 -35.54
CA LYS G 38 3.69 -40.89 -34.98
C LYS G 38 3.70 -40.93 -33.46
N GLU G 39 4.09 -42.05 -32.85
CA GLU G 39 3.95 -42.22 -31.41
C GLU G 39 4.94 -41.37 -30.63
N SER G 40 6.23 -41.53 -30.91
CA SER G 40 7.25 -40.80 -30.16
C SER G 40 7.13 -39.30 -30.40
N THR G 41 6.91 -38.91 -31.66
CA THR G 41 6.75 -37.50 -31.98
C THR G 41 5.49 -36.92 -31.33
N GLN G 42 4.41 -37.69 -31.31
CA GLN G 42 3.19 -37.21 -30.66
C GLN G 42 3.41 -37.03 -29.17
N LYS G 43 4.12 -37.96 -28.53
CA LYS G 43 4.41 -37.82 -27.11
C LYS G 43 5.31 -36.61 -26.85
N ALA G 44 6.30 -36.38 -27.71
CA ALA G 44 7.18 -35.24 -27.53
C ALA G 44 6.43 -33.92 -27.68
N ILE G 45 5.58 -33.83 -28.70
CA ILE G 45 4.82 -32.61 -28.92
C ILE G 45 3.81 -32.41 -27.79
N ASP G 46 3.21 -33.49 -27.29
CA ASP G 46 2.30 -33.37 -26.16
C ASP G 46 3.02 -32.87 -24.92
N GLY G 47 4.21 -33.40 -24.65
CA GLY G 47 4.98 -32.94 -23.51
C GLY G 47 5.39 -31.48 -23.63
N VAL G 48 5.79 -31.06 -24.83
CA VAL G 48 6.20 -29.67 -25.02
C VAL G 48 4.99 -28.75 -24.91
N THR G 49 3.83 -29.19 -25.42
CA THR G 49 2.62 -28.39 -25.31
C THR G 49 2.19 -28.24 -23.86
N ASN G 50 2.27 -29.33 -23.08
CA ASN G 50 1.96 -29.23 -21.66
C ASN G 50 2.97 -28.36 -20.93
N LYS G 51 4.24 -28.41 -21.36
CA LYS G 51 5.25 -27.54 -20.77
C LYS G 51 4.91 -26.07 -20.99
N VAL G 52 4.56 -25.72 -22.22
CA VAL G 52 4.20 -24.33 -22.53
C VAL G 52 2.94 -23.93 -21.75
N ASN G 53 1.94 -24.81 -21.72
CA ASN G 53 0.70 -24.52 -21.02
C ASN G 53 0.95 -24.30 -19.53
N SER G 54 1.77 -25.15 -18.91
CA SER G 54 2.07 -24.99 -17.50
C SER G 54 2.87 -23.73 -17.23
N ILE G 55 3.82 -23.40 -18.12
CA ILE G 55 4.63 -22.20 -17.93
C ILE G 55 3.76 -20.95 -17.96
N ILE G 56 2.80 -20.89 -18.89
CA ILE G 56 1.92 -19.73 -18.92
C ILE G 56 0.90 -19.76 -17.76
N ASP G 57 0.45 -20.95 -17.35
CA ASP G 57 -0.58 -21.01 -16.30
C ASP G 57 -0.03 -20.67 -14.92
N LYS G 58 1.20 -21.12 -14.61
CA LYS G 58 1.79 -20.81 -13.32
C LYS G 58 2.04 -19.32 -13.14
N MET G 59 2.13 -18.55 -14.23
CA MET G 59 2.50 -17.15 -14.22
C MET G 59 1.31 -16.22 -14.42
N ASN G 60 0.08 -16.72 -14.30
CA ASN G 60 -1.10 -15.86 -14.42
C ASN G 60 -1.41 -15.08 -13.15
N THR G 61 -0.85 -15.50 -11.99
CA THR G 61 -0.99 -14.78 -10.74
C THR G 61 0.18 -13.83 -10.49
N GLN G 62 0.83 -13.35 -11.54
CA GLN G 62 2.00 -12.50 -11.40
C GLN G 62 1.62 -11.13 -10.88
N PHE G 63 2.57 -10.48 -10.21
CA PHE G 63 2.38 -9.13 -9.70
C PHE G 63 2.05 -8.16 -10.81
N GLU G 64 1.11 -7.24 -10.53
CA GLU G 64 0.69 -6.20 -11.45
C GLU G 64 0.91 -4.85 -10.76
N ALA G 65 1.81 -4.05 -11.33
CA ALA G 65 2.10 -2.74 -10.76
C ALA G 65 0.89 -1.81 -10.88
N VAL G 66 0.66 -1.02 -9.84
CA VAL G 66 -0.43 -0.04 -9.79
C VAL G 66 0.20 1.33 -9.51
N GLY G 67 -0.20 2.31 -10.31
CA GLY G 67 0.33 3.66 -10.15
C GLY G 67 -0.20 4.38 -8.94
N ARG G 68 0.66 4.61 -7.95
CA ARG G 68 0.34 5.38 -6.76
C ARG G 68 1.17 6.64 -6.75
N GLU G 69 0.52 7.77 -6.50
CA GLU G 69 1.16 9.08 -6.46
C GLU G 69 1.40 9.50 -5.01
N PHE G 70 2.47 10.27 -4.81
CA PHE G 70 2.86 10.75 -3.49
C PHE G 70 3.34 12.18 -3.62
N ASN G 71 3.12 12.97 -2.56
CA ASN G 71 3.45 14.38 -2.58
C ASN G 71 4.94 14.57 -2.29
N ASN G 72 5.37 15.82 -2.11
CA ASN G 72 6.78 16.13 -1.95
C ASN G 72 7.34 15.76 -0.59
N LEU G 73 6.47 15.58 0.42
CA LEU G 73 6.89 15.25 1.78
C LEU G 73 6.58 13.79 2.15
N GLU G 74 6.33 12.94 1.15
CA GLU G 74 6.25 11.50 1.31
C GLU G 74 7.32 10.82 0.45
N ARG G 75 8.55 11.36 0.50
CA ARG G 75 9.63 10.82 -0.31
C ARG G 75 9.97 9.39 0.09
N ARG G 76 9.98 9.10 1.39
CA ARG G 76 10.38 7.76 1.83
C ARG G 76 9.29 6.73 1.56
N ILE G 77 8.02 7.12 1.64
CA ILE G 77 6.95 6.19 1.28
C ILE G 77 6.95 5.96 -0.22
N GLU G 78 7.24 6.99 -1.00
CA GLU G 78 7.34 6.82 -2.45
C GLU G 78 8.52 5.91 -2.80
N ASN G 79 9.63 6.05 -2.09
CA ASN G 79 10.77 5.15 -2.31
C ASN G 79 10.43 3.73 -1.90
N LEU G 80 9.65 3.57 -0.83
CA LEU G 80 9.19 2.25 -0.41
C LEU G 80 8.35 1.60 -1.49
N ASN G 81 7.40 2.37 -2.07
CA ASN G 81 6.58 1.86 -3.16
C ASN G 81 7.42 1.52 -4.38
N LYS G 82 8.36 2.41 -4.75
CA LYS G 82 9.18 2.17 -5.92
C LYS G 82 10.05 0.93 -5.76
N LYS G 83 10.66 0.77 -4.58
CA LYS G 83 11.51 -0.39 -4.35
C LYS G 83 10.70 -1.67 -4.29
N MET G 84 9.48 -1.61 -3.74
CA MET G 84 8.63 -2.80 -3.72
C MET G 84 8.27 -3.22 -5.13
N GLU G 85 7.84 -2.25 -5.95
CA GLU G 85 7.41 -2.56 -7.30
C GLU G 85 8.57 -3.07 -8.15
N ASP G 86 9.72 -2.40 -8.07
CA ASP G 86 10.88 -2.85 -8.82
C ASP G 86 11.42 -4.17 -8.30
N GLY G 87 11.25 -4.47 -7.01
CA GLY G 87 11.72 -5.75 -6.50
C GLY G 87 10.84 -6.90 -6.94
N PHE G 88 9.52 -6.71 -6.94
CA PHE G 88 8.63 -7.72 -7.46
C PHE G 88 8.84 -7.91 -8.96
N LEU G 89 9.04 -6.81 -9.69
CA LEU G 89 9.36 -6.92 -11.10
C LEU G 89 10.68 -7.64 -11.33
N ASP G 90 11.68 -7.39 -10.47
CA ASP G 90 12.97 -8.03 -10.64
C ASP G 90 12.91 -9.51 -10.34
N VAL G 91 12.20 -9.92 -9.28
CA VAL G 91 12.12 -11.34 -8.97
C VAL G 91 11.27 -12.07 -10.01
N TRP G 92 10.24 -11.42 -10.57
CA TRP G 92 9.48 -12.09 -11.63
C TRP G 92 10.26 -12.14 -12.95
N THR G 93 11.08 -11.12 -13.23
CA THR G 93 11.99 -11.19 -14.36
C THR G 93 12.98 -12.32 -14.19
N TYR G 94 13.51 -12.47 -12.98
CA TYR G 94 14.39 -13.59 -12.65
C TYR G 94 13.69 -14.92 -12.89
N ASN G 95 12.43 -15.04 -12.43
CA ASN G 95 11.72 -16.31 -12.58
C ASN G 95 11.48 -16.65 -14.04
N ALA G 96 11.09 -15.66 -14.84
CA ALA G 96 10.81 -15.93 -16.25
C ALA G 96 12.09 -16.22 -17.03
N GLU G 97 13.16 -15.49 -16.71
CA GLU G 97 14.43 -15.74 -17.40
C GLU G 97 15.01 -17.07 -16.96
N LEU G 98 14.73 -17.48 -15.73
CA LEU G 98 15.29 -18.70 -15.22
C LEU G 98 14.60 -19.90 -15.82
N LEU G 99 13.28 -19.83 -16.04
CA LEU G 99 12.64 -20.95 -16.72
C LEU G 99 12.90 -20.99 -18.21
N VAL G 100 13.02 -19.86 -18.92
CA VAL G 100 13.47 -19.96 -20.31
C VAL G 100 14.96 -20.33 -20.42
N LEU G 101 15.70 -20.39 -19.30
CA LEU G 101 17.06 -20.89 -19.29
C LEU G 101 17.17 -22.32 -18.78
N MET G 102 16.22 -22.76 -17.95
CA MET G 102 16.24 -24.08 -17.32
C MET G 102 15.39 -25.08 -18.08
N GLU G 103 14.11 -24.76 -18.31
CA GLU G 103 13.27 -25.61 -19.14
C GLU G 103 13.76 -25.68 -20.58
N ASN G 104 14.57 -24.72 -21.03
CA ASN G 104 15.17 -24.84 -22.36
C ASN G 104 16.29 -25.88 -22.38
N GLU G 105 17.15 -25.87 -21.37
CA GLU G 105 18.14 -26.94 -21.23
C GLU G 105 17.45 -28.29 -21.05
N ARG G 106 16.37 -28.31 -20.27
CA ARG G 106 15.64 -29.56 -20.08
C ARG G 106 14.82 -29.96 -21.30
N THR G 107 14.45 -29.01 -22.16
CA THR G 107 13.77 -29.26 -23.42
C THR G 107 14.74 -29.53 -24.55
N LEU G 108 16.05 -29.45 -24.30
CA LEU G 108 17.04 -30.05 -25.19
C LEU G 108 17.64 -31.32 -24.63
N ASP G 109 17.48 -31.59 -23.33
CA ASP G 109 17.93 -32.86 -22.76
C ASP G 109 16.85 -33.92 -22.80
N PHE G 110 15.58 -33.57 -22.56
CA PHE G 110 14.49 -34.45 -22.89
C PHE G 110 14.43 -34.70 -24.39
N HIS G 111 14.65 -33.63 -25.19
CA HIS G 111 14.68 -33.79 -26.63
C HIS G 111 15.89 -34.56 -27.15
N ASP G 112 16.94 -34.73 -26.34
CA ASP G 112 18.00 -35.68 -26.67
C ASP G 112 17.77 -37.07 -26.09
N SER G 113 17.04 -37.18 -24.97
CA SER G 113 16.75 -38.50 -24.41
C SER G 113 15.87 -39.32 -25.34
N ASN G 114 14.87 -38.68 -25.94
CA ASN G 114 13.98 -39.33 -26.89
C ASN G 114 14.55 -39.34 -28.32
N VAL G 115 15.83 -38.95 -28.47
CA VAL G 115 16.59 -39.17 -29.70
C VAL G 115 17.56 -40.32 -29.49
N LYS G 116 17.85 -40.69 -28.23
CA LYS G 116 18.69 -41.82 -27.87
C LYS G 116 17.86 -43.04 -27.51
N ASN G 117 16.66 -42.84 -26.96
CA ASN G 117 15.73 -43.91 -26.64
C ASN G 117 15.08 -44.53 -27.88
N LEU G 118 15.44 -44.10 -29.10
CA LEU G 118 14.88 -44.62 -30.34
C LEU G 118 15.88 -45.40 -31.18
N TYR G 119 17.15 -44.99 -31.29
CA TYR G 119 18.07 -45.83 -32.05
C TYR G 119 18.39 -47.09 -31.26
N ASP G 120 18.46 -46.98 -29.93
CA ASP G 120 18.58 -48.18 -29.10
C ASP G 120 17.28 -48.96 -29.04
N LYS G 121 16.14 -48.36 -29.40
CA LYS G 121 14.86 -49.07 -29.36
C LYS G 121 14.89 -50.31 -30.24
N VAL G 122 15.62 -50.24 -31.37
CA VAL G 122 15.67 -51.35 -32.31
C VAL G 122 16.53 -52.50 -31.79
N ARG G 123 17.22 -52.31 -30.65
CA ARG G 123 17.96 -53.35 -29.94
C ARG G 123 17.43 -53.53 -28.53
N LEU G 124 16.91 -52.46 -27.92
CA LEU G 124 16.30 -52.50 -26.61
C LEU G 124 14.92 -53.15 -26.63
N GLN G 125 14.26 -53.18 -27.80
CA GLN G 125 12.98 -53.84 -28.00
C GLN G 125 13.01 -54.93 -29.06
N LEU G 126 14.04 -54.98 -29.91
CA LEU G 126 14.27 -56.07 -30.87
C LEU G 126 15.72 -56.51 -30.70
N ARG G 127 15.98 -57.41 -29.77
CA ARG G 127 17.33 -57.65 -29.28
C ARG G 127 18.23 -58.32 -30.31
N ASP G 128 19.50 -57.92 -30.31
CA ASP G 128 20.56 -58.56 -31.10
C ASP G 128 20.28 -58.43 -32.59
N ASN G 129 19.64 -57.32 -33.00
CA ASN G 129 19.31 -57.15 -34.41
C ASN G 129 20.47 -56.57 -35.22
N ALA G 130 21.25 -55.64 -34.68
CA ALA G 130 22.26 -54.98 -35.51
C ALA G 130 23.20 -54.13 -34.66
N LYS G 131 24.10 -53.44 -35.36
CA LYS G 131 25.14 -52.59 -34.79
C LYS G 131 24.61 -51.19 -34.52
N GLU G 132 25.26 -50.50 -33.59
CA GLU G 132 24.81 -49.20 -33.10
C GLU G 132 25.42 -48.01 -33.84
N LEU G 133 26.57 -48.19 -34.50
CA LEU G 133 27.22 -47.23 -35.42
C LEU G 133 27.36 -45.86 -34.75
N GLY G 134 27.01 -44.76 -35.41
CA GLY G 134 27.30 -43.43 -34.89
C GLY G 134 26.23 -42.42 -35.24
N ASN G 135 26.14 -41.37 -34.41
CA ASN G 135 25.12 -40.32 -34.54
C ASN G 135 23.70 -40.88 -34.50
N GLY G 136 23.50 -42.00 -33.81
CA GLY G 136 22.20 -42.61 -33.71
C GLY G 136 21.82 -43.49 -34.88
N CYS G 137 22.67 -43.62 -35.89
CA CYS G 137 22.38 -44.51 -37.00
C CYS G 137 22.39 -45.97 -36.54
N PHE G 138 21.39 -46.73 -36.96
CA PHE G 138 21.27 -48.14 -36.61
C PHE G 138 20.93 -48.88 -37.90
N GLU G 139 21.45 -50.10 -38.07
CA GLU G 139 21.24 -50.90 -39.28
C GLU G 139 20.41 -52.14 -38.95
N PHE G 140 20.24 -53.01 -39.94
CA PHE G 140 19.67 -54.35 -39.74
C PHE G 140 20.59 -55.43 -40.29
N TYR G 141 20.83 -56.46 -39.47
CA TYR G 141 21.61 -57.61 -39.92
C TYR G 141 20.81 -58.47 -40.88
N HIS G 142 19.55 -58.75 -40.53
CA HIS G 142 18.77 -59.73 -41.28
C HIS G 142 18.39 -59.17 -42.66
N LYS G 143 18.57 -59.99 -43.68
CA LYS G 143 18.20 -59.60 -45.04
C LYS G 143 16.68 -59.68 -45.15
N CYS G 144 16.04 -58.54 -45.41
CA CYS G 144 14.58 -58.48 -45.32
C CYS G 144 14.04 -57.32 -46.14
N ASP G 145 12.77 -57.46 -46.52
CA ASP G 145 12.06 -56.51 -47.38
C ASP G 145 11.29 -55.51 -46.52
N ASN G 146 10.35 -54.79 -47.15
CA ASN G 146 9.62 -53.70 -46.50
C ASN G 146 8.93 -54.11 -45.21
N GLU G 147 8.45 -55.36 -45.11
CA GLU G 147 7.47 -55.69 -44.08
C GLU G 147 8.06 -55.63 -42.67
N CYS G 148 9.27 -56.16 -42.49
CA CYS G 148 9.91 -56.08 -41.17
C CYS G 148 10.26 -54.65 -40.83
N MET G 149 10.66 -53.86 -41.82
CA MET G 149 10.95 -52.44 -41.60
C MET G 149 9.70 -51.72 -41.11
N GLU G 150 8.56 -51.99 -41.76
CA GLU G 150 7.31 -51.33 -41.38
C GLU G 150 6.82 -51.80 -40.02
N SER G 151 7.11 -53.04 -39.63
CA SER G 151 6.71 -53.48 -38.30
C SER G 151 7.59 -52.81 -37.24
N VAL G 152 8.88 -52.67 -37.51
CA VAL G 152 9.76 -51.92 -36.60
C VAL G 152 9.29 -50.48 -36.49
N ARG G 153 8.83 -49.89 -37.60
CA ARG G 153 8.19 -48.58 -37.53
C ARG G 153 6.95 -48.63 -36.65
N ASN G 154 6.15 -49.70 -36.78
CA ASN G 154 4.92 -49.80 -36.01
C ASN G 154 5.20 -50.13 -34.55
N GLY G 155 6.27 -50.87 -34.28
CA GLY G 155 6.52 -51.40 -32.95
C GLY G 155 5.85 -52.72 -32.65
N THR G 156 5.34 -53.43 -33.66
CA THR G 156 4.64 -54.69 -33.49
C THR G 156 5.54 -55.90 -33.76
N TYR G 157 6.83 -55.79 -33.44
CA TYR G 157 7.77 -56.88 -33.66
C TYR G 157 9.06 -56.63 -32.90
N LEU H 2 13.85 -37.41 -19.20
CA LEU H 2 13.49 -38.79 -18.91
C LEU H 2 14.59 -39.72 -19.40
N PHE H 3 14.91 -40.73 -18.59
CA PHE H 3 15.96 -41.70 -18.89
C PHE H 3 15.45 -42.97 -19.51
N GLY H 4 14.16 -43.27 -19.36
CA GLY H 4 13.57 -44.43 -19.98
C GLY H 4 13.81 -45.70 -19.18
N ALA H 5 13.07 -46.75 -19.56
CA ALA H 5 12.93 -48.05 -18.92
C ALA H 5 11.92 -48.05 -17.78
N ILE H 6 11.32 -46.92 -17.42
CA ILE H 6 10.10 -46.96 -16.63
C ILE H 6 8.93 -47.39 -17.50
N ALA H 7 8.94 -46.98 -18.78
CA ALA H 7 8.03 -47.48 -19.81
C ALA H 7 8.79 -48.02 -21.01
N GLY H 8 10.07 -48.36 -20.85
CA GLY H 8 10.91 -48.80 -21.95
C GLY H 8 11.00 -50.31 -22.03
N PHE H 9 12.20 -50.87 -21.86
CA PHE H 9 12.35 -52.31 -21.99
C PHE H 9 11.64 -53.05 -20.88
N ILE H 10 11.54 -52.46 -19.69
CA ILE H 10 10.65 -52.98 -18.65
C ILE H 10 9.25 -52.48 -18.99
N GLU H 11 8.52 -53.25 -19.80
CA GLU H 11 7.23 -52.78 -20.30
C GLU H 11 6.21 -52.67 -19.17
N GLY H 12 6.11 -53.71 -18.34
CA GLY H 12 5.14 -53.79 -17.27
C GLY H 12 5.72 -53.42 -15.93
N GLY H 13 5.17 -54.03 -14.88
CA GLY H 13 5.63 -53.80 -13.52
C GLY H 13 5.21 -54.93 -12.62
N TRP H 14 6.10 -55.36 -11.72
CA TRP H 14 5.81 -56.50 -10.87
C TRP H 14 4.82 -56.10 -9.77
N GLN H 15 4.44 -57.08 -8.94
CA GLN H 15 3.44 -56.90 -7.90
C GLN H 15 3.88 -57.62 -6.63
N GLY H 16 5.18 -57.62 -6.36
CA GLY H 16 5.73 -58.45 -5.31
C GLY H 16 5.60 -57.92 -3.90
N MET H 17 6.26 -56.80 -3.60
CA MET H 17 6.50 -56.36 -2.23
C MET H 17 6.15 -54.89 -2.08
N VAL H 18 5.76 -54.52 -0.86
CA VAL H 18 5.38 -53.16 -0.49
C VAL H 18 6.52 -52.59 0.36
N ASP H 19 6.67 -51.27 0.31
CA ASP H 19 7.60 -50.42 1.07
C ASP H 19 9.03 -50.49 0.53
N GLY H 20 9.31 -51.29 -0.50
CA GLY H 20 10.57 -51.24 -1.22
C GLY H 20 10.35 -50.69 -2.61
N TRP H 21 10.98 -49.56 -2.92
CA TRP H 21 10.60 -48.81 -4.11
C TRP H 21 11.20 -49.37 -5.40
N TYR H 22 12.20 -50.24 -5.31
CA TYR H 22 12.70 -50.99 -6.47
C TYR H 22 12.68 -52.47 -6.18
N GLY H 23 13.25 -53.27 -7.09
CA GLY H 23 13.53 -54.65 -6.77
C GLY H 23 13.88 -55.54 -7.94
N TYR H 24 14.49 -56.69 -7.64
CA TYR H 24 14.61 -57.78 -8.59
C TYR H 24 13.34 -58.61 -8.60
N HIS H 25 13.30 -59.58 -9.50
CA HIS H 25 12.37 -60.70 -9.42
C HIS H 25 13.19 -61.93 -9.74
N HIS H 26 12.76 -63.08 -9.24
CA HIS H 26 13.53 -64.31 -9.28
C HIS H 26 12.82 -65.35 -10.12
N SER H 27 13.59 -66.16 -10.83
CA SER H 27 13.04 -67.26 -11.63
C SER H 27 14.15 -68.23 -11.96
N ASN H 28 13.98 -69.48 -11.53
CA ASN H 28 14.90 -70.57 -11.84
C ASN H 28 14.19 -71.87 -11.46
N GLU H 29 14.93 -72.98 -11.46
CA GLU H 29 14.36 -74.26 -11.06
C GLU H 29 13.86 -74.25 -9.62
N GLN H 30 14.47 -73.43 -8.75
CA GLN H 30 14.10 -73.45 -7.34
C GLN H 30 12.77 -72.75 -7.09
N GLY H 31 12.46 -71.69 -7.83
CA GLY H 31 11.20 -70.99 -7.64
C GLY H 31 11.21 -69.57 -8.17
N SER H 32 10.59 -68.66 -7.41
CA SER H 32 10.51 -67.26 -7.78
C SER H 32 10.37 -66.42 -6.51
N GLY H 33 10.22 -65.12 -6.68
CA GLY H 33 10.06 -64.23 -5.56
C GLY H 33 10.42 -62.81 -5.93
N TYR H 34 10.23 -61.92 -4.97
CA TYR H 34 10.54 -60.49 -5.09
C TYR H 34 11.36 -60.09 -3.86
N ALA H 35 12.67 -60.30 -3.93
CA ALA H 35 13.61 -59.80 -2.92
C ALA H 35 14.24 -58.53 -3.49
N ALA H 36 13.92 -57.40 -2.89
CA ALA H 36 14.33 -56.12 -3.44
C ALA H 36 15.84 -55.93 -3.32
N ASP H 37 16.42 -55.28 -4.33
CA ASP H 37 17.80 -54.82 -4.24
C ASP H 37 17.92 -53.84 -3.08
N LYS H 38 18.54 -54.28 -1.99
CA LYS H 38 18.60 -53.47 -0.78
C LYS H 38 19.40 -52.19 -1.01
N GLU H 39 20.49 -52.28 -1.76
CA GLU H 39 21.36 -51.11 -1.95
C GLU H 39 20.65 -50.00 -2.71
N SER H 40 20.08 -50.32 -3.87
CA SER H 40 19.46 -49.29 -4.70
C SER H 40 18.20 -48.74 -4.04
N THR H 41 17.38 -49.63 -3.46
CA THR H 41 16.17 -49.18 -2.80
C THR H 41 16.47 -48.30 -1.60
N GLN H 42 17.47 -48.68 -0.78
CA GLN H 42 17.84 -47.85 0.36
C GLN H 42 18.45 -46.52 -0.10
N LYS H 43 19.22 -46.56 -1.19
CA LYS H 43 19.76 -45.32 -1.76
C LYS H 43 18.64 -44.37 -2.16
N ALA H 44 17.62 -44.90 -2.85
CA ALA H 44 16.52 -44.05 -3.28
C ALA H 44 15.70 -43.54 -2.09
N ILE H 45 15.49 -44.39 -1.08
CA ILE H 45 14.75 -43.94 0.10
C ILE H 45 15.50 -42.83 0.80
N ASP H 46 16.82 -42.98 0.97
CA ASP H 46 17.62 -41.93 1.59
C ASP H 46 17.58 -40.65 0.75
N GLY H 47 17.70 -40.80 -0.58
CA GLY H 47 17.72 -39.63 -1.43
C GLY H 47 16.41 -38.86 -1.43
N VAL H 48 15.29 -39.57 -1.51
CA VAL H 48 13.99 -38.91 -1.51
C VAL H 48 13.67 -38.37 -0.12
N THR H 49 14.12 -39.03 0.94
CA THR H 49 13.97 -38.47 2.28
C THR H 49 14.74 -37.16 2.41
N ASN H 50 15.97 -37.13 1.89
CA ASN H 50 16.74 -35.89 1.88
C ASN H 50 16.06 -34.84 1.00
N LYS H 51 15.43 -35.27 -0.09
CA LYS H 51 14.71 -34.33 -0.95
C LYS H 51 13.55 -33.68 -0.21
N VAL H 52 12.72 -34.49 0.45
CA VAL H 52 11.59 -33.94 1.21
C VAL H 52 12.10 -33.05 2.34
N ASN H 53 13.16 -33.47 3.02
CA ASN H 53 13.73 -32.66 4.09
C ASN H 53 14.22 -31.32 3.57
N SER H 54 14.89 -31.32 2.42
CA SER H 54 15.38 -30.07 1.84
C SER H 54 14.23 -29.18 1.40
N ILE H 55 13.17 -29.77 0.85
CA ILE H 55 12.02 -29.00 0.40
C ILE H 55 11.36 -28.29 1.59
N ILE H 56 11.15 -29.01 2.69
CA ILE H 56 10.51 -28.38 3.84
C ILE H 56 11.46 -27.42 4.56
N ASP H 57 12.76 -27.72 4.60
CA ASP H 57 13.71 -26.84 5.29
C ASP H 57 13.91 -25.53 4.53
N LYS H 58 14.14 -25.61 3.23
CA LYS H 58 14.52 -24.42 2.47
C LYS H 58 13.40 -23.41 2.30
N MET H 59 12.16 -23.76 2.65
CA MET H 59 11.03 -22.85 2.63
C MET H 59 10.42 -22.75 4.03
N ASN H 60 11.28 -22.63 5.04
CA ASN H 60 10.86 -22.33 6.40
C ASN H 60 10.86 -20.84 6.71
N THR H 61 11.61 -20.05 5.94
CA THR H 61 11.61 -18.59 6.06
C THR H 61 10.61 -17.93 5.12
N GLN H 62 9.55 -18.64 4.76
CA GLN H 62 8.53 -18.11 3.87
C GLN H 62 7.82 -16.92 4.52
N PHE H 63 7.32 -16.02 3.69
CA PHE H 63 6.66 -14.81 4.16
C PHE H 63 5.43 -15.14 4.99
N GLU H 64 5.30 -14.46 6.13
CA GLU H 64 4.19 -14.61 7.06
C GLU H 64 3.39 -13.32 7.04
N ALA H 65 2.16 -13.38 6.51
CA ALA H 65 1.32 -12.20 6.43
C ALA H 65 0.92 -11.74 7.82
N VAL H 66 0.94 -10.42 8.03
CA VAL H 66 0.58 -9.79 9.30
C VAL H 66 -0.58 -8.84 9.02
N GLY H 67 -1.66 -8.98 9.77
CA GLY H 67 -2.79 -8.09 9.59
C GLY H 67 -2.46 -6.68 10.00
N ARG H 68 -2.72 -5.73 9.10
CA ARG H 68 -2.55 -4.30 9.36
C ARG H 68 -3.81 -3.57 8.91
N GLU H 69 -4.36 -2.76 9.79
CA GLU H 69 -5.55 -1.96 9.52
C GLU H 69 -5.12 -0.54 9.16
N PHE H 70 -5.94 0.12 8.34
CA PHE H 70 -5.64 1.45 7.84
C PHE H 70 -6.89 2.30 7.84
N ASN H 71 -6.68 3.62 7.93
CA ASN H 71 -7.77 4.57 8.02
C ASN H 71 -8.39 4.81 6.64
N ASN H 72 -9.59 5.41 6.65
CA ASN H 72 -10.31 5.65 5.40
C ASN H 72 -9.57 6.62 4.48
N LEU H 73 -8.77 7.53 5.06
CA LEU H 73 -8.00 8.52 4.29
C LEU H 73 -6.56 8.06 4.05
N GLU H 74 -6.32 6.75 4.07
CA GLU H 74 -5.01 6.15 3.84
C GLU H 74 -5.14 4.97 2.89
N ARG H 75 -5.94 5.15 1.84
CA ARG H 75 -6.19 4.05 0.91
C ARG H 75 -4.98 3.76 0.03
N ARG H 76 -4.08 4.73 -0.17
CA ARG H 76 -2.85 4.45 -0.90
C ARG H 76 -2.01 3.42 -0.15
N ILE H 77 -1.84 3.63 1.15
CA ILE H 77 -0.98 2.74 1.93
C ILE H 77 -1.68 1.39 2.14
N GLU H 78 -3.01 1.39 2.24
CA GLU H 78 -3.73 0.11 2.32
C GLU H 78 -3.60 -0.66 1.02
N ASN H 79 -3.68 0.02 -0.12
CA ASN H 79 -3.43 -0.62 -1.40
C ASN H 79 -2.02 -1.16 -1.47
N LEU H 80 -1.05 -0.38 -0.99
CA LEU H 80 0.34 -0.80 -0.96
C LEU H 80 0.51 -2.06 -0.12
N ASN H 81 -0.12 -2.09 1.06
CA ASN H 81 0.00 -3.25 1.95
C ASN H 81 -0.62 -4.49 1.33
N LYS H 82 -1.84 -4.38 0.80
CA LYS H 82 -2.49 -5.57 0.27
C LYS H 82 -1.79 -6.07 -0.99
N LYS H 83 -1.31 -5.16 -1.83
CA LYS H 83 -0.56 -5.60 -3.01
C LYS H 83 0.79 -6.20 -2.63
N MET H 84 1.44 -5.68 -1.58
CA MET H 84 2.67 -6.29 -1.09
C MET H 84 2.40 -7.71 -0.62
N GLU H 85 1.38 -7.89 0.21
CA GLU H 85 1.08 -9.21 0.77
C GLU H 85 0.66 -10.18 -0.33
N ASP H 86 -0.15 -9.71 -1.28
CA ASP H 86 -0.59 -10.58 -2.37
C ASP H 86 0.56 -10.93 -3.29
N GLY H 87 1.46 -10.00 -3.56
CA GLY H 87 2.61 -10.31 -4.40
C GLY H 87 3.55 -11.29 -3.73
N PHE H 88 3.77 -11.14 -2.42
CA PHE H 88 4.60 -12.11 -1.71
C PHE H 88 3.95 -13.49 -1.70
N LEU H 89 2.63 -13.52 -1.48
CA LEU H 89 1.91 -14.79 -1.54
C LEU H 89 1.99 -15.39 -2.94
N ASP H 90 1.97 -14.55 -3.98
CA ASP H 90 2.01 -15.06 -5.34
C ASP H 90 3.39 -15.62 -5.68
N VAL H 91 4.46 -14.93 -5.30
CA VAL H 91 5.79 -15.47 -5.61
C VAL H 91 6.05 -16.73 -4.81
N TRP H 92 5.60 -16.79 -3.55
CA TRP H 92 5.81 -18.02 -2.78
C TRP H 92 4.93 -19.17 -3.27
N THR H 93 3.70 -18.87 -3.71
CA THR H 93 2.87 -19.91 -4.32
C THR H 93 3.49 -20.41 -5.61
N TYR H 94 4.03 -19.50 -6.42
CA TYR H 94 4.73 -19.89 -7.63
C TYR H 94 5.94 -20.76 -7.31
N ASN H 95 6.69 -20.39 -6.27
CA ASN H 95 7.85 -21.17 -5.86
C ASN H 95 7.46 -22.58 -5.45
N ALA H 96 6.43 -22.70 -4.60
CA ALA H 96 6.02 -24.02 -4.15
C ALA H 96 5.44 -24.85 -5.31
N GLU H 97 4.65 -24.21 -6.18
CA GLU H 97 3.99 -24.94 -7.25
C GLU H 97 4.92 -25.27 -8.40
N LEU H 98 6.09 -24.63 -8.47
CA LEU H 98 7.09 -24.95 -9.48
C LEU H 98 8.17 -25.87 -8.91
N LEU H 99 8.39 -25.83 -7.60
CA LEU H 99 9.31 -26.77 -7.01
C LEU H 99 8.66 -28.13 -6.84
N VAL H 100 7.33 -28.19 -6.81
CA VAL H 100 6.62 -29.46 -6.70
C VAL H 100 6.18 -29.96 -8.07
N LEU H 101 6.46 -29.19 -9.13
CA LEU H 101 6.29 -29.58 -10.52
C LEU H 101 7.62 -29.84 -11.20
N MET H 102 8.75 -29.54 -10.53
CA MET H 102 10.08 -29.87 -11.02
C MET H 102 10.77 -30.94 -10.19
N GLU H 103 10.52 -30.98 -8.87
CA GLU H 103 11.04 -32.05 -8.02
C GLU H 103 10.05 -33.22 -7.95
N ASN H 104 9.11 -33.28 -8.90
CA ASN H 104 8.25 -34.43 -9.12
C ASN H 104 8.57 -35.10 -10.43
N GLU H 105 9.10 -34.34 -11.40
CA GLU H 105 9.59 -34.93 -12.63
C GLU H 105 11.06 -35.28 -12.49
N ARG H 106 11.77 -34.65 -11.57
CA ARG H 106 13.13 -35.05 -11.32
C ARG H 106 13.14 -36.26 -10.40
N THR H 107 12.07 -36.47 -9.64
CA THR H 107 11.92 -37.68 -8.86
C THR H 107 11.43 -38.84 -9.72
N LEU H 108 10.42 -38.59 -10.59
CA LEU H 108 9.99 -39.65 -11.49
C LEU H 108 11.11 -40.11 -12.41
N ASP H 109 11.99 -39.20 -12.81
CA ASP H 109 13.13 -39.59 -13.65
C ASP H 109 14.32 -40.05 -12.83
N PHE H 110 14.43 -39.65 -11.56
CA PHE H 110 15.41 -40.28 -10.69
C PHE H 110 15.10 -41.75 -10.50
N HIS H 111 13.83 -42.06 -10.23
CA HIS H 111 13.45 -43.47 -10.12
C HIS H 111 13.56 -44.19 -11.45
N ASP H 112 13.32 -43.49 -12.58
CA ASP H 112 13.57 -44.12 -13.87
C ASP H 112 15.04 -44.46 -14.07
N SER H 113 15.93 -43.51 -13.70
CA SER H 113 17.36 -43.74 -13.84
C SER H 113 17.81 -44.88 -12.95
N ASN H 114 17.28 -44.96 -11.74
CA ASN H 114 17.65 -46.05 -10.85
C ASN H 114 17.08 -47.38 -11.31
N VAL H 115 15.93 -47.36 -12.01
CA VAL H 115 15.38 -48.59 -12.56
C VAL H 115 16.27 -49.13 -13.67
N LYS H 116 16.67 -48.27 -14.61
CA LYS H 116 17.53 -48.73 -15.69
C LYS H 116 18.95 -49.01 -15.19
N ASN H 117 19.39 -48.31 -14.14
CA ASN H 117 20.76 -48.47 -13.66
C ASN H 117 20.98 -49.86 -13.08
N LEU H 118 19.97 -50.45 -12.46
CA LEU H 118 20.15 -51.80 -11.92
C LEU H 118 20.03 -52.87 -13.01
N TYR H 119 19.58 -52.51 -14.21
CA TYR H 119 19.59 -53.43 -15.36
C TYR H 119 20.98 -53.50 -15.99
N ASP H 120 21.55 -52.35 -16.36
CA ASP H 120 22.83 -52.39 -17.06
C ASP H 120 23.97 -52.79 -16.13
N LYS H 121 23.83 -52.67 -14.81
CA LYS H 121 24.76 -53.33 -13.91
C LYS H 121 24.74 -54.85 -14.10
N VAL H 122 23.54 -55.43 -14.21
CA VAL H 122 23.44 -56.87 -14.44
C VAL H 122 24.09 -57.24 -15.77
N ARG H 123 23.83 -56.46 -16.82
CA ARG H 123 24.48 -56.78 -18.10
C ARG H 123 25.99 -56.60 -18.01
N LEU H 124 26.43 -55.60 -17.23
CA LEU H 124 27.85 -55.31 -17.07
C LEU H 124 28.57 -56.49 -16.43
N GLN H 125 28.00 -57.03 -15.36
CA GLN H 125 28.58 -58.22 -14.73
C GLN H 125 28.42 -59.45 -15.61
N LEU H 126 27.37 -59.48 -16.45
CA LEU H 126 27.04 -60.67 -17.21
C LEU H 126 27.98 -60.86 -18.40
N ARG H 127 28.18 -59.81 -19.20
CA ARG H 127 29.12 -59.80 -20.33
C ARG H 127 28.62 -60.81 -21.36
N ASP H 128 29.40 -61.83 -21.74
CA ASP H 128 29.13 -62.66 -22.91
C ASP H 128 28.60 -64.06 -22.57
N ASN H 129 28.68 -64.49 -21.31
CA ASN H 129 28.25 -65.82 -20.93
C ASN H 129 26.73 -66.01 -20.97
N ALA H 130 25.95 -64.95 -21.19
CA ALA H 130 24.50 -65.04 -21.22
C ALA H 130 23.99 -63.93 -22.15
N LYS H 131 22.69 -63.97 -22.44
CA LYS H 131 22.05 -63.04 -23.36
C LYS H 131 20.81 -62.42 -22.71
N GLU H 132 20.73 -61.09 -22.75
CA GLU H 132 19.64 -60.36 -22.13
C GLU H 132 18.46 -60.26 -23.08
N LEU H 133 17.25 -60.28 -22.50
CA LEU H 133 16.00 -60.07 -23.22
C LEU H 133 15.41 -58.72 -22.83
N GLY H 134 14.42 -58.29 -23.59
CA GLY H 134 13.86 -56.97 -23.43
C GLY H 134 12.98 -56.86 -22.21
N ASN H 135 12.11 -57.86 -21.99
CA ASN H 135 11.09 -57.75 -20.95
C ASN H 135 11.67 -57.64 -19.53
N GLY H 136 12.95 -57.99 -19.34
CA GLY H 136 13.60 -57.91 -18.05
C GLY H 136 14.44 -59.14 -17.79
N CYS H 137 14.00 -60.28 -18.34
CA CYS H 137 14.70 -61.54 -18.16
C CYS H 137 16.11 -61.47 -18.76
N PHE H 138 17.08 -61.96 -18.00
CA PHE H 138 18.45 -62.17 -18.45
C PHE H 138 18.61 -63.68 -18.61
N GLU H 139 18.45 -64.20 -19.82
CA GLU H 139 18.48 -65.64 -20.03
C GLU H 139 19.91 -66.12 -20.21
N PHE H 140 20.20 -67.31 -19.69
CA PHE H 140 21.55 -67.82 -19.53
C PHE H 140 21.72 -69.04 -20.41
N TYR H 141 22.81 -69.09 -21.18
CA TYR H 141 23.21 -70.32 -21.83
C TYR H 141 23.54 -71.39 -20.79
N HIS H 142 24.40 -71.05 -19.84
CA HIS H 142 24.76 -71.95 -18.77
C HIS H 142 23.67 -71.96 -17.70
N LYS H 143 23.81 -72.87 -16.74
CA LYS H 143 22.83 -73.07 -15.67
C LYS H 143 23.37 -72.43 -14.39
N CYS H 144 22.76 -71.31 -13.99
CA CYS H 144 22.98 -70.73 -12.67
C CYS H 144 21.97 -71.28 -11.68
N ASP H 145 22.47 -71.79 -10.56
CA ASP H 145 21.62 -72.22 -9.46
C ASP H 145 21.18 -71.00 -8.64
N ASN H 146 20.57 -71.26 -7.48
CA ASN H 146 20.10 -70.15 -6.65
C ASN H 146 21.26 -69.29 -6.15
N GLU H 147 22.38 -69.92 -5.77
CA GLU H 147 23.52 -69.16 -5.29
C GLU H 147 24.19 -68.38 -6.42
N CYS H 148 24.30 -68.99 -7.60
CA CYS H 148 24.98 -68.31 -8.70
C CYS H 148 24.15 -67.16 -9.25
N MET H 149 22.82 -67.25 -9.20
CA MET H 149 21.98 -66.10 -9.52
C MET H 149 22.01 -65.07 -8.39
N GLU H 150 22.05 -65.53 -7.14
CA GLU H 150 22.15 -64.62 -6.00
C GLU H 150 23.45 -63.83 -6.01
N SER H 151 24.50 -64.36 -6.65
CA SER H 151 25.73 -63.60 -6.80
C SER H 151 25.50 -62.28 -7.55
N VAL H 152 24.60 -62.29 -8.54
CA VAL H 152 24.30 -61.07 -9.29
C VAL H 152 23.64 -60.05 -8.36
N ARG H 153 22.73 -60.49 -7.51
CA ARG H 153 22.07 -59.59 -6.57
C ARG H 153 23.00 -59.17 -5.44
N ASN H 154 24.02 -59.97 -5.15
CA ASN H 154 25.04 -59.57 -4.18
C ASN H 154 25.78 -58.33 -4.64
N GLY H 155 26.10 -58.26 -5.94
CA GLY H 155 27.03 -57.30 -6.48
C GLY H 155 28.45 -57.79 -6.61
N THR H 156 28.68 -59.11 -6.48
CA THR H 156 30.01 -59.71 -6.51
C THR H 156 30.06 -60.86 -7.51
N TYR H 157 29.33 -60.73 -8.62
CA TYR H 157 29.30 -61.77 -9.65
C TYR H 157 30.65 -61.90 -10.33
#